data_1XPO
#
_entry.id   1XPO
#
_cell.length_a   211.933
_cell.length_b   111.370
_cell.length_c   161.033
_cell.angle_alpha   90.00
_cell.angle_beta   108.79
_cell.angle_gamma   90.00
#
_symmetry.space_group_name_H-M   'C 1 2 1'
#
loop_
_entity.id
_entity.type
_entity.pdbx_description
1 polymer "5'-R(*CP*UP*CP*UP*CP*UP*CP*U)-3'"
2 polymer 'Rho transcription termination factor'
3 non-polymer 'MAGNESIUM ION'
4 non-polymer 'PHOSPHOTHIOPHOSPHORIC ACID-ADENYLATE ESTER'
5 non-polymer BICYCLOMYCIN
#
loop_
_entity_poly.entity_id
_entity_poly.type
_entity_poly.pdbx_seq_one_letter_code
_entity_poly.pdbx_strand_id
1 'polyribonucleotide' CUCUCUCU G,M,H,J,K,L
2 'polypeptide(L)'
;MNLTELKNTPVSELITLGENMGLENLARMRKQDIIFAILKQHAKSGEDIFGDGVLEILQDGFGFLRSADSSYLAGPDDIY
VSPSQIRRFNLRTGDTISGKIRPPKEGERYFALLKVNEVNFDKPENARNKILFENLTPLHANSRLRMERGNGSTEDLTAR
VLDLASPIGRGQRGLIVAPPKAGKTMLLQNIAQSIAYNHPDCVLMVLLIDERPEEVTEMQRLVKGEVVASTFDEPASRHV
QVAEMVIEKAKRLVEHKKDVIILLDSITRLARAYNTVVPASGKVLTGGVDANALHRPKRFFGAARNVEEGGSLTIIATAL
IDTGSKMDEVIYEEFKGTGNMELHLSRKIAEKRVFPAIDYNRSGTRKEELLTTQEELQKMWILRKIIHPMGEIDAMEFLI
NKLAMTKTNDDFFEMMKRS
;
A,B,C,D,E,F
#
loop_
_chem_comp.id
_chem_comp.type
_chem_comp.name
_chem_comp.formula
AGS non-polymer 'PHOSPHOTHIOPHOSPHORIC ACID-ADENYLATE ESTER' 'C10 H16 N5 O12 P3 S'
BCM non-polymer BICYCLOMYCIN 'C12 H18 N2 O7'
C RNA linking CYTIDINE-5'-MONOPHOSPHATE 'C9 H14 N3 O8 P'
MG non-polymer 'MAGNESIUM ION' 'Mg 2'
U RNA linking URIDINE-5'-MONOPHOSPHATE 'C9 H13 N2 O9 P'
#
# COMPACT_ATOMS: atom_id res chain seq x y z
N MET G 1 -36.08 28.74 -53.48
CA MET G 1 -36.45 27.47 -54.17
C MET G 1 -36.14 26.25 -53.30
N ASN G 2 -34.98 26.28 -52.64
CA ASN G 2 -34.55 25.20 -51.75
C ASN G 2 -33.94 25.71 -50.44
N LEU G 3 -33.98 24.87 -49.41
CA LEU G 3 -33.38 25.20 -48.12
C LEU G 3 -32.01 24.52 -47.95
N THR G 4 -31.82 23.38 -48.62
CA THR G 4 -30.55 22.65 -48.60
C THR G 4 -29.43 23.52 -49.18
N GLU G 5 -29.80 24.52 -49.96
CA GLU G 5 -28.85 25.46 -50.55
C GLU G 5 -28.43 26.53 -49.54
N LEU G 6 -29.40 27.32 -49.09
CA LEU G 6 -29.16 28.50 -48.26
C LEU G 6 -28.34 28.24 -46.99
N LYS G 7 -28.57 27.08 -46.36
CA LYS G 7 -27.88 26.71 -45.12
C LYS G 7 -26.40 26.44 -45.36
N ASN G 8 -26.06 25.94 -46.55
CA ASN G 8 -24.69 25.56 -46.87
C ASN G 8 -23.92 26.60 -47.69
N THR G 9 -24.65 27.49 -48.37
CA THR G 9 -24.04 28.54 -49.19
C THR G 9 -23.13 29.47 -48.39
N PRO G 10 -22.12 30.06 -49.04
CA PRO G 10 -21.21 31.01 -48.39
C PRO G 10 -21.93 32.04 -47.52
N VAL G 11 -21.33 32.36 -46.38
CA VAL G 11 -21.94 33.24 -45.37
C VAL G 11 -22.09 34.69 -45.82
N SER G 12 -21.34 35.08 -46.85
CA SER G 12 -21.34 36.46 -47.35
C SER G 12 -22.14 36.63 -48.63
N GLU G 13 -22.63 35.53 -49.19
CA GLU G 13 -23.47 35.57 -50.39
C GLU G 13 -24.93 35.86 -50.03
N LEU G 14 -25.16 36.21 -48.76
CA LEU G 14 -26.49 36.57 -48.26
C LEU G 14 -26.63 38.08 -48.14
N ILE G 15 -25.50 38.76 -47.88
CA ILE G 15 -25.45 40.22 -47.85
C ILE G 15 -25.09 40.77 -49.24
N THR G 16 -24.75 39.86 -50.15
CA THR G 16 -24.45 40.21 -51.54
C THR G 16 -25.57 39.75 -52.47
N LEU G 17 -26.05 38.52 -52.26
CA LEU G 17 -27.16 37.97 -53.04
C LEU G 17 -28.31 37.58 -52.10
N GLY G 18 -28.92 38.59 -51.50
CA GLY G 18 -30.01 38.41 -50.55
C GLY G 18 -30.39 39.71 -49.86
N GLU G 19 -29.40 40.59 -49.72
CA GLU G 19 -29.61 41.94 -49.20
C GLU G 19 -30.37 42.80 -50.22
N ASN G 20 -30.16 42.49 -51.50
CA ASN G 20 -30.81 43.21 -52.60
C ASN G 20 -32.34 43.00 -52.63
N MET G 21 -32.86 42.30 -51.62
CA MET G 21 -34.30 42.10 -51.48
C MET G 21 -34.95 43.25 -50.71
N GLY G 22 -34.14 44.06 -50.04
CA GLY G 22 -34.61 45.22 -49.29
C GLY G 22 -34.69 44.95 -47.80
N LEU G 23 -33.52 44.80 -47.18
CA LEU G 23 -33.42 44.52 -45.74
C LEU G 23 -32.76 45.69 -45.00
N GLU G 24 -33.13 45.88 -43.74
CA GLU G 24 -32.67 47.02 -42.94
C GLU G 24 -31.15 47.04 -42.73
N ASN G 25 -30.69 46.31 -41.72
CA ASN G 25 -29.26 46.24 -41.41
C ASN G 25 -28.86 44.86 -40.88
N LEU G 26 -28.11 44.14 -41.71
CA LEU G 26 -27.63 42.80 -41.35
C LEU G 26 -26.18 42.87 -40.86
N ALA G 27 -25.93 43.76 -39.91
CA ALA G 27 -24.59 43.99 -39.38
C ALA G 27 -24.14 42.83 -38.49
N ARG G 28 -24.86 42.59 -37.41
CA ARG G 28 -24.57 41.46 -36.51
C ARG G 28 -25.72 40.46 -36.48
N MET G 29 -25.87 39.72 -37.57
CA MET G 29 -26.89 38.69 -37.69
C MET G 29 -26.20 37.35 -37.89
N ARG G 30 -26.53 36.37 -37.03
CA ARG G 30 -25.96 35.03 -37.14
C ARG G 30 -26.35 34.35 -38.44
N LYS G 31 -25.56 33.35 -38.84
CA LYS G 31 -25.75 32.62 -40.10
C LYS G 31 -27.21 32.22 -40.32
N GLN G 32 -27.80 31.56 -39.33
CA GLN G 32 -29.17 31.05 -39.42
C GLN G 32 -30.23 32.16 -39.33
N ASP G 33 -29.86 33.28 -38.73
CA ASP G 33 -30.78 34.42 -38.56
C ASP G 33 -31.15 35.06 -39.90
N ILE G 34 -30.17 35.21 -40.78
CA ILE G 34 -30.38 35.84 -42.08
C ILE G 34 -31.17 34.93 -43.03
N ILE G 35 -30.85 33.63 -43.00
CA ILE G 35 -31.55 32.62 -43.81
C ILE G 35 -33.05 32.65 -43.51
N PHE G 36 -33.40 32.91 -42.25
CA PHE G 36 -34.78 33.07 -41.83
C PHE G 36 -35.43 34.31 -42.43
N ALA G 37 -34.68 35.42 -42.43
CA ALA G 37 -35.16 36.70 -42.96
C ALA G 37 -35.25 36.72 -44.49
N ILE G 38 -34.60 35.75 -45.13
CA ILE G 38 -34.64 35.62 -46.59
C ILE G 38 -35.80 34.71 -47.03
N LEU G 39 -36.01 33.62 -46.29
CA LEU G 39 -37.15 32.72 -46.52
C LEU G 39 -38.48 33.38 -46.17
N LYS G 40 -38.45 34.25 -45.16
CA LYS G 40 -39.62 35.02 -44.75
C LYS G 40 -39.74 36.30 -45.59
N GLN G 41 -39.33 36.22 -46.85
CA GLN G 41 -39.42 37.33 -47.80
C GLN G 41 -39.50 36.80 -49.23
N HIS G 42 -38.91 35.63 -49.45
CA HIS G 42 -38.97 34.95 -50.74
C HIS G 42 -40.31 34.24 -50.93
N ALA G 43 -40.81 33.66 -49.83
CA ALA G 43 -42.04 32.87 -49.86
C ALA G 43 -43.31 33.71 -49.76
N LYS G 44 -43.19 34.92 -49.22
CA LYS G 44 -44.35 35.79 -48.98
C LYS G 44 -45.10 36.14 -50.27
N SER G 45 -44.38 36.15 -51.39
CA SER G 45 -44.98 36.44 -52.69
C SER G 45 -44.75 35.30 -53.69
N GLY G 46 -45.73 34.40 -53.75
CA GLY G 46 -45.82 33.36 -54.79
C GLY G 46 -44.55 32.62 -55.16
N GLU G 47 -44.23 31.58 -54.40
CA GLU G 47 -43.07 30.72 -54.70
C GLU G 47 -43.29 29.27 -54.27
N ASP G 48 -42.34 28.40 -54.61
CA ASP G 48 -42.40 26.99 -54.28
C ASP G 48 -41.17 26.56 -53.48
N ILE G 49 -41.12 26.99 -52.22
CA ILE G 49 -39.96 26.72 -51.35
C ILE G 49 -39.90 25.28 -50.85
N PHE G 50 -38.83 24.59 -51.22
CA PHE G 50 -38.55 23.24 -50.70
C PHE G 50 -37.97 23.33 -49.29
N GLY G 51 -38.00 22.20 -48.57
CA GLY G 51 -37.46 22.14 -47.22
C GLY G 51 -37.06 20.73 -46.82
N ASP G 52 -35.96 20.63 -46.08
CA ASP G 52 -35.48 19.34 -45.59
C ASP G 52 -34.74 19.47 -44.25
N GLY G 53 -34.60 18.35 -43.55
CA GLY G 53 -33.90 18.31 -42.27
C GLY G 53 -34.13 16.99 -41.56
N VAL G 54 -33.51 16.86 -40.37
CA VAL G 54 -33.68 15.65 -39.56
C VAL G 54 -34.57 15.95 -38.34
N LEU G 55 -35.54 15.08 -38.11
CA LEU G 55 -36.57 15.29 -37.08
C LEU G 55 -36.05 15.05 -35.67
N GLU G 56 -36.52 15.88 -34.74
CA GLU G 56 -36.21 15.74 -33.33
C GLU G 56 -37.45 16.03 -32.48
N ILE G 57 -38.18 14.97 -32.11
CA ILE G 57 -39.37 15.10 -31.26
C ILE G 57 -38.96 15.51 -29.85
N LEU G 58 -39.57 16.58 -29.36
CA LEU G 58 -39.18 17.20 -28.08
C LEU G 58 -39.64 16.39 -26.86
N GLN G 59 -40.63 16.92 -26.15
CA GLN G 59 -41.11 16.31 -24.92
C GLN G 59 -42.62 16.46 -24.78
N ASP G 60 -43.14 17.58 -25.27
CA ASP G 60 -44.57 17.87 -25.18
C ASP G 60 -45.40 17.06 -26.18
N GLY G 61 -44.98 17.06 -27.43
CA GLY G 61 -45.69 16.33 -28.48
C GLY G 61 -45.19 16.59 -29.88
N PHE G 62 -44.62 17.77 -30.10
CA PHE G 62 -44.12 18.17 -31.42
C PHE G 62 -42.63 17.87 -31.61
N GLY G 63 -42.11 18.20 -32.79
CA GLY G 63 -40.69 18.01 -33.09
C GLY G 63 -40.23 18.81 -34.30
N PHE G 64 -39.11 19.51 -34.15
CA PHE G 64 -38.57 20.34 -35.22
C PHE G 64 -37.71 19.55 -36.20
N LEU G 65 -37.44 20.17 -37.35
CA LEU G 65 -36.49 19.63 -38.32
C LEU G 65 -35.18 20.41 -38.25
N ARG G 66 -34.10 19.71 -37.90
CA ARG G 66 -32.83 20.35 -37.60
C ARG G 66 -31.81 20.17 -38.72
N SER G 67 -30.90 21.13 -38.84
CA SER G 67 -29.89 21.14 -39.89
C SER G 67 -28.69 20.28 -39.53
N ALA G 68 -28.41 19.29 -40.38
CA ALA G 68 -27.21 18.44 -40.23
C ALA G 68 -25.94 19.24 -40.51
N ASP G 69 -26.10 20.34 -41.24
CA ASP G 69 -25.00 21.27 -41.53
C ASP G 69 -24.55 22.03 -40.27
N SER G 70 -25.51 22.35 -39.40
CA SER G 70 -25.22 23.11 -38.19
C SER G 70 -24.94 22.21 -36.97
N SER G 71 -24.58 20.96 -37.24
CA SER G 71 -24.38 19.94 -36.19
C SER G 71 -25.63 19.74 -35.33
N TYR G 72 -26.79 19.99 -35.93
CA TYR G 72 -28.10 19.87 -35.27
C TYR G 72 -28.37 20.94 -34.20
N LEU G 73 -27.71 22.09 -34.34
CA LEU G 73 -27.99 23.24 -33.48
C LEU G 73 -29.35 23.84 -33.85
N ALA G 74 -30.02 24.41 -32.86
CA ALA G 74 -31.36 24.96 -33.05
C ALA G 74 -31.36 26.49 -33.19
N GLY G 75 -32.03 26.97 -34.22
CA GLY G 75 -32.16 28.40 -34.48
C GLY G 75 -33.51 28.77 -35.10
N PRO G 76 -33.55 29.91 -35.78
CA PRO G 76 -34.77 30.35 -36.46
C PRO G 76 -35.06 29.58 -37.76
N ASP G 77 -34.03 28.94 -38.32
CA ASP G 77 -34.15 28.26 -39.61
C ASP G 77 -34.65 26.81 -39.50
N ASP G 78 -35.32 26.49 -38.39
CA ASP G 78 -35.83 25.14 -38.15
C ASP G 78 -37.28 25.01 -38.61
N ILE G 79 -37.57 23.89 -39.29
CA ILE G 79 -38.91 23.60 -39.78
C ILE G 79 -39.76 22.98 -38.68
N TYR G 80 -40.83 23.68 -38.30
CA TYR G 80 -41.77 23.18 -37.31
C TYR G 80 -42.61 22.04 -37.87
N VAL G 81 -42.81 21.00 -37.07
CA VAL G 81 -43.70 19.90 -37.43
C VAL G 81 -44.75 19.72 -36.34
N SER G 82 -46.02 19.82 -36.74
CA SER G 82 -47.16 19.69 -35.83
C SER G 82 -47.28 18.25 -35.29
N PRO G 83 -47.73 18.12 -34.03
CA PRO G 83 -48.01 16.80 -33.45
C PRO G 83 -48.90 15.92 -34.33
N SER G 84 -49.88 16.53 -35.01
CA SER G 84 -50.78 15.82 -35.90
C SER G 84 -50.06 15.22 -37.12
N GLN G 85 -48.95 15.86 -37.51
CA GLN G 85 -48.10 15.37 -38.60
C GLN G 85 -47.19 14.23 -38.14
N ILE G 86 -47.04 14.10 -36.82
CA ILE G 86 -46.32 12.98 -36.22
C ILE G 86 -47.28 11.80 -36.01
N ARG G 87 -48.57 12.04 -36.23
CA ARG G 87 -49.60 11.02 -36.05
C ARG G 87 -49.85 10.21 -37.32
N ARG G 88 -50.31 10.87 -38.38
CA ARG G 88 -50.64 10.22 -39.66
C ARG G 88 -49.46 9.41 -40.19
N PHE G 89 -48.28 10.04 -40.21
CA PHE G 89 -47.03 9.36 -40.52
C PHE G 89 -46.41 8.92 -39.20
N ASN G 90 -45.95 7.67 -39.15
CA ASN G 90 -45.28 7.16 -37.95
C ASN G 90 -43.88 7.78 -37.80
N LEU G 91 -43.83 8.94 -37.14
CA LEU G 91 -42.60 9.71 -37.04
C LEU G 91 -41.81 9.38 -35.77
N ARG G 92 -40.51 9.19 -35.95
CA ARG G 92 -39.59 8.91 -34.84
C ARG G 92 -38.32 9.73 -35.02
N THR G 93 -37.83 10.31 -33.92
CA THR G 93 -36.63 11.15 -33.94
C THR G 93 -35.49 10.50 -34.74
N GLY G 94 -35.05 11.20 -35.78
CA GLY G 94 -34.00 10.68 -36.66
C GLY G 94 -34.45 10.51 -38.10
N ASP G 95 -35.72 10.84 -38.36
CA ASP G 95 -36.28 10.76 -39.71
C ASP G 95 -35.91 11.98 -40.55
N THR G 96 -35.53 11.75 -41.80
CA THR G 96 -35.19 12.83 -42.72
C THR G 96 -36.42 13.25 -43.52
N ILE G 97 -37.09 14.29 -43.06
CA ILE G 97 -38.31 14.78 -43.70
C ILE G 97 -37.98 15.83 -44.78
N SER G 98 -38.33 15.51 -46.01
CA SER G 98 -38.17 16.43 -47.12
C SER G 98 -39.54 16.77 -47.70
N GLY G 99 -39.88 18.07 -47.70
CA GLY G 99 -41.17 18.52 -48.21
C GLY G 99 -41.32 20.03 -48.26
N LYS G 100 -42.42 20.47 -48.87
CA LYS G 100 -42.70 21.90 -49.03
C LYS G 100 -43.08 22.54 -47.71
N ILE G 101 -42.37 23.60 -47.36
CA ILE G 101 -42.58 24.32 -46.09
C ILE G 101 -43.45 25.57 -46.27
N ARG G 102 -43.78 26.23 -45.17
CA ARG G 102 -44.60 27.44 -45.22
C ARG G 102 -44.21 28.46 -44.14
N PRO G 103 -44.34 29.76 -44.46
CA PRO G 103 -44.06 30.84 -43.50
C PRO G 103 -45.00 30.79 -42.29
N PRO G 104 -44.57 31.37 -41.15
CA PRO G 104 -45.40 31.41 -39.95
C PRO G 104 -46.63 32.32 -40.12
N LYS G 105 -47.70 31.98 -39.41
CA LYS G 105 -48.94 32.75 -39.47
C LYS G 105 -48.81 34.04 -38.64
N GLU G 106 -49.25 33.99 -37.39
CA GLU G 106 -49.12 35.13 -36.48
C GLU G 106 -48.96 34.65 -35.04
N GLY G 107 -47.71 34.37 -34.67
CA GLY G 107 -47.39 33.87 -33.33
C GLY G 107 -46.69 32.52 -33.34
N GLU G 108 -46.64 31.88 -34.50
CA GLU G 108 -46.02 30.56 -34.65
C GLU G 108 -44.50 30.62 -34.43
N ARG G 109 -43.86 31.62 -35.03
CA ARG G 109 -42.43 31.90 -34.86
C ARG G 109 -41.49 30.85 -35.45
N TYR G 110 -42.07 29.77 -35.99
CA TYR G 110 -41.29 28.69 -36.59
C TYR G 110 -41.93 28.24 -37.90
N PHE G 111 -41.18 28.37 -39.00
CA PHE G 111 -41.61 27.89 -40.32
C PHE G 111 -42.19 26.49 -40.23
N ALA G 112 -43.48 26.35 -40.52
CA ALA G 112 -44.18 25.09 -40.37
C ALA G 112 -44.06 24.19 -41.60
N LEU G 113 -44.33 22.90 -41.41
CA LEU G 113 -44.28 21.91 -42.49
C LEU G 113 -45.68 21.67 -43.06
N LEU G 114 -45.78 21.63 -44.39
CA LEU G 114 -47.04 21.34 -45.07
C LEU G 114 -47.01 19.98 -45.77
N LYS G 115 -46.62 19.98 -47.03
CA LYS G 115 -46.58 18.77 -47.85
C LYS G 115 -45.34 17.94 -47.49
N VAL G 116 -45.51 16.62 -47.49
CA VAL G 116 -44.44 15.70 -47.15
C VAL G 116 -44.12 14.79 -48.35
N ASN G 117 -43.05 15.13 -49.06
CA ASN G 117 -42.64 14.39 -50.25
C ASN G 117 -42.00 13.04 -49.91
N GLU G 118 -40.77 13.07 -49.41
CA GLU G 118 -40.03 11.85 -49.08
C GLU G 118 -39.66 11.77 -47.59
N VAL G 119 -40.14 10.71 -46.94
CA VAL G 119 -39.77 10.41 -45.56
C VAL G 119 -38.65 9.36 -45.58
N ASN G 120 -37.45 9.80 -45.20
CA ASN G 120 -36.24 8.94 -45.23
C ASN G 120 -35.94 8.39 -46.62
N PHE G 121 -35.77 9.31 -47.58
CA PHE G 121 -35.47 8.97 -48.98
C PHE G 121 -36.47 7.97 -49.58
N ASP G 122 -37.75 8.18 -49.27
CA ASP G 122 -38.83 7.29 -49.69
C ASP G 122 -40.19 7.93 -49.38
N LYS G 123 -41.18 7.66 -50.24
CA LYS G 123 -42.54 8.14 -50.02
C LYS G 123 -43.15 7.53 -48.75
N PRO G 124 -44.04 8.26 -48.08
CA PRO G 124 -44.68 7.79 -46.84
C PRO G 124 -45.41 6.44 -47.00
N GLU G 125 -44.63 5.36 -47.01
CA GLU G 125 -45.17 4.01 -47.12
C GLU G 125 -44.41 3.08 -46.18
N ASN G 126 -45.07 2.69 -45.09
CA ASN G 126 -44.47 1.83 -44.08
C ASN G 126 -45.35 0.61 -43.79
N ASN G 129 -39.89 0.13 -41.80
CA ASN G 129 -40.79 -0.88 -41.24
C ASN G 129 -40.31 -1.43 -39.90
N LYS G 130 -39.64 -2.59 -39.96
CA LYS G 130 -39.14 -3.27 -38.76
C LYS G 130 -38.05 -2.45 -38.07
N ILE G 131 -38.41 -1.83 -36.95
CA ILE G 131 -37.49 -0.97 -36.19
C ILE G 131 -36.31 -1.76 -35.60
N LEU G 132 -35.21 -1.05 -35.34
CA LEU G 132 -33.95 -1.65 -34.89
C LEU G 132 -34.11 -2.54 -33.66
N PHE G 133 -35.05 -2.17 -32.77
CA PHE G 133 -35.27 -2.89 -31.52
C PHE G 133 -35.96 -4.24 -31.71
N GLU G 134 -36.27 -4.58 -32.97
CA GLU G 134 -36.93 -5.84 -33.29
C GLU G 134 -36.05 -6.76 -34.13
N ASN G 135 -35.13 -6.16 -34.89
CA ASN G 135 -34.23 -6.90 -35.77
C ASN G 135 -33.29 -7.82 -35.01
N LEU G 136 -33.12 -9.04 -35.51
CA LEU G 136 -32.25 -10.05 -34.90
C LEU G 136 -30.77 -9.62 -35.00
N THR G 137 -29.93 -10.16 -34.11
CA THR G 137 -28.53 -9.73 -34.02
C THR G 137 -27.57 -10.94 -33.92
N PRO G 138 -27.36 -11.70 -34.99
CA PRO G 138 -26.57 -12.94 -34.91
C PRO G 138 -25.04 -12.77 -34.72
N LEU G 139 -24.38 -12.06 -35.64
CA LEU G 139 -22.91 -11.92 -35.60
C LEU G 139 -22.47 -10.61 -36.24
N HIS G 140 -21.27 -10.16 -35.92
CA HIS G 140 -20.73 -8.95 -36.54
C HIS G 140 -20.12 -9.29 -37.88
N ALA G 141 -19.84 -10.56 -38.07
CA ALA G 141 -19.12 -11.03 -39.24
C ALA G 141 -20.03 -11.70 -40.27
N ASN G 142 -20.20 -10.98 -41.37
CA ASN G 142 -20.85 -11.41 -42.60
C ASN G 142 -19.92 -10.97 -43.72
N SER G 143 -19.80 -9.64 -43.87
CA SER G 143 -18.93 -9.03 -44.87
C SER G 143 -17.81 -8.22 -44.21
N ARG G 144 -16.71 -8.07 -44.95
CA ARG G 144 -15.53 -7.37 -44.48
C ARG G 144 -15.30 -6.06 -45.23
N LEU G 145 -14.75 -5.07 -44.52
CA LEU G 145 -14.37 -3.79 -45.12
C LEU G 145 -12.86 -3.60 -45.07
N ARG G 146 -12.19 -4.03 -46.13
CA ARG G 146 -10.73 -3.91 -46.23
C ARG G 146 -10.34 -2.51 -46.73
N MET G 147 -9.22 -2.01 -46.23
CA MET G 147 -8.72 -0.69 -46.60
C MET G 147 -7.57 -0.76 -47.60
N GLY G 152 1.50 0.53 -53.06
CA GLY G 152 2.48 0.93 -52.05
C GLY G 152 2.64 2.43 -51.95
N SER G 153 1.53 3.14 -51.74
CA SER G 153 1.53 4.59 -51.66
C SER G 153 1.89 5.08 -50.26
N THR G 154 1.23 6.14 -49.80
CA THR G 154 1.50 6.73 -48.49
C THR G 154 0.29 6.64 -47.56
N GLU G 155 -0.86 7.10 -48.05
CA GLU G 155 -2.10 7.12 -47.26
C GLU G 155 -2.82 5.76 -47.32
N ASP G 156 -2.03 4.69 -47.19
CA ASP G 156 -2.55 3.33 -47.20
C ASP G 156 -1.69 2.43 -46.29
N LEU G 157 -0.56 2.98 -45.84
CA LEU G 157 0.38 2.25 -44.98
C LEU G 157 -0.20 2.02 -43.58
N THR G 158 -0.97 2.98 -43.09
CA THR G 158 -1.70 2.84 -41.83
C THR G 158 -2.97 2.03 -42.03
N ALA G 159 -3.53 2.12 -43.23
CA ALA G 159 -4.69 1.33 -43.62
C ALA G 159 -4.30 -0.14 -43.83
N ARG G 160 -3.00 -0.36 -44.04
CA ARG G 160 -2.44 -1.69 -44.29
C ARG G 160 -2.38 -2.51 -42.99
N VAL G 161 -1.81 -1.91 -41.95
CA VAL G 161 -1.73 -2.54 -40.63
C VAL G 161 -3.11 -2.65 -39.97
N LEU G 162 -4.06 -1.83 -40.42
CA LEU G 162 -5.44 -1.89 -39.95
C LEU G 162 -6.12 -3.18 -40.42
N ASP G 163 -5.88 -3.55 -41.68
CA ASP G 163 -6.44 -4.77 -42.27
C ASP G 163 -5.75 -6.03 -41.75
N LEU G 164 -4.59 -5.85 -41.11
CA LEU G 164 -3.81 -6.96 -40.57
C LEU G 164 -4.00 -7.15 -39.07
N ALA G 165 -4.06 -6.05 -38.34
CA ALA G 165 -4.23 -6.10 -36.89
C ALA G 165 -5.69 -6.30 -36.49
N SER G 166 -6.53 -5.33 -36.84
CA SER G 166 -7.95 -5.37 -36.48
C SER G 166 -8.86 -5.34 -37.73
N PRO G 167 -9.17 -6.53 -38.26
CA PRO G 167 -10.04 -6.64 -39.43
C PRO G 167 -11.45 -6.11 -39.16
N ILE G 168 -11.79 -5.00 -39.81
CA ILE G 168 -13.10 -4.35 -39.66
C ILE G 168 -14.17 -5.12 -40.43
N GLY G 169 -15.38 -5.15 -39.86
CA GLY G 169 -16.50 -5.83 -40.49
C GLY G 169 -17.65 -4.91 -40.85
N ARG G 170 -18.50 -5.38 -41.77
CA ARG G 170 -19.69 -4.64 -42.21
C ARG G 170 -20.75 -4.68 -41.12
N GLY G 171 -20.59 -3.79 -40.13
CA GLY G 171 -21.43 -3.79 -38.93
C GLY G 171 -20.70 -4.47 -37.79
N GLN G 172 -20.02 -3.66 -36.97
CA GLN G 172 -19.18 -4.17 -35.89
C GLN G 172 -18.91 -3.10 -34.82
N ARG G 173 -18.93 -3.52 -33.56
CA ARG G 173 -18.53 -2.67 -32.44
C ARG G 173 -17.01 -2.55 -32.39
N GLY G 174 -16.51 -1.34 -32.59
CA GLY G 174 -15.08 -1.08 -32.61
C GLY G 174 -14.64 -0.06 -31.59
N LEU G 175 -13.50 -0.34 -30.94
CA LEU G 175 -12.96 0.55 -29.93
C LEU G 175 -11.46 0.80 -30.15
N ILE G 176 -11.10 2.07 -30.27
CA ILE G 176 -9.70 2.47 -30.41
C ILE G 176 -9.19 3.08 -29.10
N VAL G 177 -8.24 2.39 -28.47
CA VAL G 177 -7.66 2.84 -27.20
C VAL G 177 -6.35 3.57 -27.50
N ALA G 178 -6.33 4.87 -27.21
CA ALA G 178 -5.19 5.72 -27.55
C ALA G 178 -4.99 6.87 -26.57
N PRO G 179 -3.75 7.05 -26.11
CA PRO G 179 -3.36 8.24 -25.35
C PRO G 179 -3.30 9.47 -26.25
N PRO G 180 -3.35 10.67 -25.67
CA PRO G 180 -3.27 11.91 -26.45
C PRO G 180 -1.95 12.02 -27.22
N LYS G 181 -2.05 12.45 -28.48
CA LYS G 181 -0.90 12.62 -29.38
C LYS G 181 -0.28 11.30 -29.83
N ALA G 182 -1.15 10.36 -30.22
CA ALA G 182 -0.72 9.06 -30.75
C ALA G 182 -1.15 8.90 -32.22
N GLY G 183 -2.10 9.73 -32.64
CA GLY G 183 -2.61 9.71 -34.00
C GLY G 183 -4.00 9.11 -34.09
N LYS G 184 -4.94 9.69 -33.34
CA LYS G 184 -6.32 9.22 -33.33
C LYS G 184 -7.29 10.17 -34.05
N THR G 185 -7.07 11.48 -33.88
CA THR G 185 -7.87 12.49 -34.58
C THR G 185 -7.49 12.54 -36.06
N MET G 186 -6.35 11.93 -36.40
CA MET G 186 -5.90 11.84 -37.79
C MET G 186 -6.09 10.43 -38.35
N LEU G 187 -6.38 9.47 -37.48
CA LEU G 187 -6.63 8.10 -37.90
C LEU G 187 -8.04 7.94 -38.48
N LEU G 188 -8.98 8.72 -37.94
CA LEU G 188 -10.36 8.70 -38.42
C LEU G 188 -10.49 9.30 -39.82
N GLN G 189 -9.79 10.42 -40.06
CA GLN G 189 -9.74 11.02 -41.39
C GLN G 189 -8.90 10.19 -42.37
N ASN G 190 -8.26 9.15 -41.84
CA ASN G 190 -7.52 8.17 -42.64
C ASN G 190 -8.40 6.97 -43.01
N ILE G 191 -9.17 6.49 -42.03
CA ILE G 191 -10.09 5.37 -42.25
C ILE G 191 -11.29 5.80 -43.09
N ALA G 192 -11.80 7.00 -42.83
CA ALA G 192 -12.95 7.55 -43.58
C ALA G 192 -12.62 7.74 -45.06
N GLN G 193 -11.36 8.04 -45.35
CA GLN G 193 -10.90 8.21 -46.73
C GLN G 193 -11.01 6.89 -47.50
N SER G 194 -10.62 5.80 -46.86
CA SER G 194 -10.61 4.48 -47.48
C SER G 194 -11.99 3.81 -47.50
N ILE G 195 -13.00 4.51 -46.99
CA ILE G 195 -14.38 4.05 -47.08
C ILE G 195 -14.98 4.43 -48.44
N ALA G 196 -14.85 5.69 -48.82
CA ALA G 196 -15.33 6.18 -50.11
C ALA G 196 -14.41 5.78 -51.26
N TYR G 197 -13.30 5.13 -50.92
CA TYR G 197 -12.32 4.67 -51.91
C TYR G 197 -12.38 3.15 -52.08
N ASN G 198 -13.30 2.51 -51.34
CA ASN G 198 -13.49 1.06 -51.43
C ASN G 198 -14.95 0.64 -51.34
N HIS G 199 -15.72 1.32 -50.50
CA HIS G 199 -17.14 1.00 -50.30
C HIS G 199 -18.00 2.28 -50.20
N PRO G 200 -18.15 2.99 -51.33
CA PRO G 200 -18.93 4.24 -51.35
C PRO G 200 -20.43 4.02 -51.17
N ASP G 201 -20.87 2.77 -51.23
CA ASP G 201 -22.28 2.42 -51.04
C ASP G 201 -22.73 2.62 -49.59
N CYS G 202 -21.80 2.58 -48.67
CA CYS G 202 -22.08 2.78 -47.25
C CYS G 202 -22.28 4.25 -46.93
N VAL G 203 -23.25 4.53 -46.05
CA VAL G 203 -23.48 5.88 -45.54
C VAL G 203 -22.45 6.17 -44.45
N LEU G 204 -21.89 7.37 -44.47
CA LEU G 204 -20.84 7.74 -43.52
C LEU G 204 -21.23 8.95 -42.67
N MET G 205 -21.06 8.80 -41.36
CA MET G 205 -21.26 9.90 -40.41
C MET G 205 -20.13 9.94 -39.39
N VAL G 206 -19.41 11.06 -39.37
CA VAL G 206 -18.33 11.25 -38.41
C VAL G 206 -18.82 12.13 -37.25
N LEU G 207 -18.74 11.58 -36.04
CA LEU G 207 -19.19 12.28 -34.84
C LEU G 207 -18.01 12.65 -33.94
N LEU G 208 -17.89 13.94 -33.63
CA LEU G 208 -16.82 14.43 -32.76
C LEU G 208 -17.39 15.13 -31.54
N ILE G 209 -17.28 14.48 -30.38
CA ILE G 209 -17.80 15.02 -29.13
C ILE G 209 -16.70 15.72 -28.34
N ASP G 210 -16.96 16.96 -27.91
CA ASP G 210 -16.02 17.77 -27.14
C ASP G 210 -14.70 18.00 -27.90
N GLU G 211 -14.85 18.35 -29.19
CA GLU G 211 -13.72 18.48 -30.11
C GLU G 211 -13.17 19.92 -30.14
N ARG G 212 -12.01 20.09 -30.78
CA ARG G 212 -11.42 21.41 -30.99
C ARG G 212 -11.90 22.04 -32.31
N PRO G 213 -12.32 23.31 -32.23
CA PRO G 213 -12.93 24.02 -33.37
C PRO G 213 -12.15 23.93 -34.68
N GLU G 214 -10.85 24.22 -34.65
CA GLU G 214 -10.02 24.21 -35.85
C GLU G 214 -9.80 22.81 -36.41
N GLU G 215 -9.94 21.81 -35.52
CA GLU G 215 -9.80 20.41 -35.91
C GLU G 215 -11.11 19.84 -36.46
N VAL G 216 -12.21 20.54 -36.18
CA VAL G 216 -13.52 20.20 -36.78
C VAL G 216 -13.51 20.57 -38.27
N THR G 217 -13.02 21.77 -38.57
CA THR G 217 -12.96 22.29 -39.94
C THR G 217 -12.05 21.43 -40.83
N GLU G 218 -10.90 21.02 -40.28
CA GLU G 218 -9.98 20.13 -40.96
C GLU G 218 -10.64 18.80 -41.27
N MET G 219 -11.45 18.30 -40.33
CA MET G 219 -12.14 17.02 -40.47
C MET G 219 -13.24 17.05 -41.54
N GLN G 220 -14.07 18.08 -41.52
CA GLN G 220 -15.19 18.19 -42.46
C GLN G 220 -14.75 18.51 -43.89
N ARG G 221 -13.61 19.18 -44.02
CA ARG G 221 -13.04 19.49 -45.34
C ARG G 221 -11.94 18.47 -45.69
N LEU G 222 -12.27 17.20 -45.54
CA LEU G 222 -11.33 16.10 -45.80
C LEU G 222 -12.06 14.75 -45.89
N VAL G 223 -13.27 14.72 -45.34
CA VAL G 223 -14.05 13.48 -45.26
C VAL G 223 -15.19 13.47 -46.28
N LYS G 224 -15.39 12.33 -46.93
CA LYS G 224 -16.44 12.15 -47.92
C LYS G 224 -17.71 11.60 -47.27
N GLY G 225 -18.51 12.50 -46.71
CA GLY G 225 -19.77 12.13 -46.04
C GLY G 225 -20.32 13.21 -45.15
N GLU G 226 -20.91 12.79 -44.03
CA GLU G 226 -21.53 13.72 -43.09
C GLU G 226 -20.64 13.92 -41.87
N VAL G 227 -20.41 15.18 -41.52
CA VAL G 227 -19.56 15.51 -40.37
C VAL G 227 -20.30 16.42 -39.39
N VAL G 228 -20.56 15.88 -38.20
CA VAL G 228 -21.23 16.63 -37.13
C VAL G 228 -20.39 16.59 -35.87
N ALA G 229 -20.31 17.71 -35.17
CA ALA G 229 -19.41 17.84 -34.02
C ALA G 229 -19.87 18.87 -32.99
N SER G 230 -19.42 18.68 -31.75
CA SER G 230 -19.56 19.67 -30.69
C SER G 230 -18.19 20.18 -30.27
N THR G 231 -18.14 21.42 -29.78
CA THR G 231 -16.88 22.03 -29.36
C THR G 231 -16.78 22.13 -27.85
N PHE G 232 -15.54 22.18 -27.33
CA PHE G 232 -15.29 22.13 -25.89
C PHE G 232 -15.82 23.34 -25.10
N ASP G 233 -16.42 24.29 -25.80
CA ASP G 233 -17.05 25.45 -25.14
C ASP G 233 -18.56 25.29 -24.98
N GLU G 234 -19.13 24.32 -25.70
CA GLU G 234 -20.56 24.04 -25.64
C GLU G 234 -20.93 23.28 -24.35
N PRO G 235 -22.12 23.53 -23.81
CA PRO G 235 -22.56 22.91 -22.55
C PRO G 235 -22.65 21.38 -22.62
N ALA G 236 -22.69 20.74 -21.46
CA ALA G 236 -22.72 19.28 -21.36
C ALA G 236 -23.97 18.67 -22.01
N SER G 237 -25.06 19.42 -21.99
CA SER G 237 -26.32 18.98 -22.60
C SER G 237 -26.27 18.96 -24.12
N ARG G 238 -25.41 19.81 -24.69
CA ARG G 238 -25.24 19.90 -26.14
C ARG G 238 -24.61 18.64 -26.72
N HIS G 239 -23.58 18.12 -26.05
CA HIS G 239 -22.89 16.89 -26.46
C HIS G 239 -23.87 15.71 -26.52
N VAL G 240 -24.84 15.72 -25.62
CA VAL G 240 -25.88 14.69 -25.54
C VAL G 240 -26.76 14.72 -26.79
N GLN G 241 -27.16 15.92 -27.21
CA GLN G 241 -28.06 16.10 -28.35
C GLN G 241 -27.49 15.56 -29.66
N VAL G 242 -26.26 15.96 -29.98
CA VAL G 242 -25.61 15.56 -31.23
C VAL G 242 -25.49 14.03 -31.34
N ALA G 243 -25.06 13.40 -30.23
CA ALA G 243 -24.95 11.95 -30.16
C ALA G 243 -26.33 11.27 -30.18
N GLU G 244 -27.31 11.94 -29.58
CA GLU G 244 -28.68 11.44 -29.55
C GLU G 244 -29.36 11.63 -30.91
N MET G 245 -28.82 12.53 -31.72
CA MET G 245 -29.33 12.79 -33.07
C MET G 245 -28.73 11.86 -34.11
N VAL G 246 -27.41 11.65 -34.01
CA VAL G 246 -26.68 10.81 -34.97
C VAL G 246 -27.08 9.34 -34.86
N ILE G 247 -27.13 8.83 -33.63
CA ILE G 247 -27.43 7.42 -33.39
C ILE G 247 -28.89 7.07 -33.69
N GLU G 248 -29.78 8.04 -33.52
CA GLU G 248 -31.21 7.84 -33.82
C GLU G 248 -31.48 7.91 -35.32
N LYS G 249 -30.72 8.75 -36.03
CA LYS G 249 -30.84 8.86 -37.48
C LYS G 249 -30.27 7.61 -38.17
N ALA G 250 -29.09 7.18 -37.72
CA ALA G 250 -28.43 5.99 -38.25
C ALA G 250 -29.28 4.74 -38.02
N LYS G 251 -30.11 4.77 -36.98
CA LYS G 251 -31.07 3.71 -36.71
C LYS G 251 -32.19 3.66 -37.76
N ARG G 252 -32.68 4.83 -38.16
CA ARG G 252 -33.75 4.94 -39.16
C ARG G 252 -33.30 4.43 -40.54
N LEU G 253 -32.03 4.63 -40.86
CA LEU G 253 -31.47 4.17 -42.13
C LEU G 253 -31.21 2.67 -42.15
N VAL G 254 -30.83 2.12 -41.00
CA VAL G 254 -30.60 0.68 -40.87
C VAL G 254 -31.93 -0.09 -40.89
N GLU G 255 -33.01 0.57 -40.47
CA GLU G 255 -34.37 0.05 -40.65
C GLU G 255 -34.67 -0.14 -42.13
N HIS G 256 -33.98 0.62 -42.97
CA HIS G 256 -34.13 0.54 -44.42
C HIS G 256 -32.98 -0.22 -45.09
N LYS G 257 -32.52 -1.27 -44.42
CA LYS G 257 -31.52 -2.22 -44.97
C LYS G 257 -30.17 -1.58 -45.35
N LYS G 258 -29.99 -0.30 -45.01
CA LYS G 258 -28.79 0.44 -45.40
C LYS G 258 -27.64 0.27 -44.40
N ASP G 259 -26.42 0.14 -44.95
CA ASP G 259 -25.21 0.00 -44.14
C ASP G 259 -24.65 1.36 -43.75
N VAL G 260 -24.71 1.67 -42.45
CA VAL G 260 -24.25 2.95 -41.92
C VAL G 260 -23.01 2.74 -41.05
N ILE G 261 -22.07 3.68 -41.14
CA ILE G 261 -20.85 3.66 -40.32
C ILE G 261 -20.71 4.96 -39.53
N ILE G 262 -20.48 4.85 -38.23
CA ILE G 262 -20.23 6.02 -37.39
C ILE G 262 -18.81 5.99 -36.84
N LEU G 263 -18.03 7.02 -37.18
CA LEU G 263 -16.68 7.17 -36.66
C LEU G 263 -16.67 8.14 -35.50
N LEU G 264 -17.06 7.64 -34.32
CA LEU G 264 -17.15 8.45 -33.11
C LEU G 264 -15.77 8.75 -32.54
N ASP G 265 -15.56 10.00 -32.16
CA ASP G 265 -14.35 10.39 -31.45
C ASP G 265 -14.70 10.82 -30.03
N SER G 266 -14.02 10.19 -29.07
CA SER G 266 -14.18 10.49 -27.65
C SER G 266 -15.49 9.95 -27.07
N ILE G 267 -15.53 8.62 -26.87
CA ILE G 267 -16.64 7.99 -26.16
C ILE G 267 -16.54 8.31 -24.66
N THR G 268 -15.32 8.63 -24.22
CA THR G 268 -15.07 9.04 -22.85
C THR G 268 -15.62 10.45 -22.60
N ARG G 269 -15.32 11.36 -23.53
CA ARG G 269 -15.83 12.74 -23.47
C ARG G 269 -17.35 12.77 -23.73
N LEU G 270 -17.86 11.72 -24.35
CA LEU G 270 -19.30 11.53 -24.53
C LEU G 270 -19.94 11.04 -23.23
N ALA G 271 -19.29 10.06 -22.60
CA ALA G 271 -19.75 9.53 -21.31
C ALA G 271 -19.58 10.56 -20.20
N ARG G 272 -18.52 11.37 -20.30
CA ARG G 272 -18.29 12.47 -19.37
C ARG G 272 -19.39 13.52 -19.45
N ALA G 273 -20.01 13.63 -20.62
CA ALA G 273 -21.14 14.53 -20.82
C ALA G 273 -22.40 14.01 -20.15
N TYR G 274 -22.73 12.74 -20.41
CA TYR G 274 -23.90 12.08 -19.82
C TYR G 274 -23.87 12.13 -18.29
N ASN G 275 -22.68 11.90 -17.73
CA ASN G 275 -22.47 11.96 -16.29
C ASN G 275 -22.84 13.32 -15.68
N THR G 276 -22.57 14.38 -16.43
CA THR G 276 -22.83 15.75 -15.97
C THR G 276 -24.33 16.09 -15.98
N VAL G 277 -25.06 15.51 -16.93
CA VAL G 277 -26.50 15.78 -17.07
C VAL G 277 -27.35 14.84 -16.20
N VAL G 278 -27.14 13.54 -16.37
CA VAL G 278 -27.90 12.52 -15.63
C VAL G 278 -27.49 12.50 -14.15
N PRO G 279 -28.44 12.82 -13.27
CA PRO G 279 -28.18 12.86 -11.83
C PRO G 279 -28.42 11.52 -11.14
N ALA G 280 -28.29 11.50 -9.81
CA ALA G 280 -28.54 10.33 -8.98
C ALA G 280 -27.82 9.07 -9.46
N VAL G 284 -22.87 7.48 -4.48
CA VAL G 284 -22.81 6.42 -5.49
C VAL G 284 -21.99 6.84 -6.72
N LEU G 285 -20.77 7.33 -6.46
CA LEU G 285 -19.88 7.78 -7.53
C LEU G 285 -18.40 7.46 -7.24
N THR G 286 -18.03 6.20 -7.45
CA THR G 286 -16.66 5.75 -7.24
C THR G 286 -15.81 5.98 -8.49
N GLY G 287 -14.78 6.82 -8.34
CA GLY G 287 -13.87 7.13 -9.44
C GLY G 287 -14.26 8.38 -10.21
N GLY G 288 -15.11 9.21 -9.60
CA GLY G 288 -15.56 10.45 -10.23
C GLY G 288 -16.88 10.31 -10.97
N VAL G 289 -17.00 9.26 -11.76
CA VAL G 289 -18.22 8.99 -12.54
C VAL G 289 -19.35 8.43 -11.68
N ASP G 290 -20.56 8.90 -11.94
CA ASP G 290 -21.76 8.37 -11.29
C ASP G 290 -22.06 6.99 -11.85
N ALA G 291 -22.32 6.04 -10.97
CA ALA G 291 -22.55 4.64 -11.34
C ALA G 291 -23.75 4.48 -12.27
N ASN G 292 -24.89 5.05 -11.88
CA ASN G 292 -26.10 5.02 -12.69
C ASN G 292 -26.16 6.19 -13.67
N ALA G 293 -25.16 6.25 -14.56
CA ALA G 293 -25.07 7.30 -15.57
C ALA G 293 -24.43 6.77 -16.85
N LEU G 294 -23.53 5.80 -16.69
CA LEU G 294 -22.83 5.18 -17.82
C LEU G 294 -23.74 4.22 -18.60
N HIS G 295 -25.03 4.23 -18.28
CA HIS G 295 -26.03 3.43 -18.97
C HIS G 295 -26.30 3.95 -20.38
N ARG G 296 -26.48 5.27 -20.49
CA ARG G 296 -26.78 5.93 -21.76
C ARG G 296 -25.68 5.77 -22.83
N PRO G 297 -24.42 6.07 -22.48
CA PRO G 297 -23.31 5.90 -23.44
C PRO G 297 -23.02 4.43 -23.78
N LYS G 298 -23.35 3.53 -22.86
CA LYS G 298 -23.25 2.09 -23.12
C LYS G 298 -24.30 1.64 -24.15
N ARG G 299 -25.43 2.33 -24.17
CA ARG G 299 -26.50 2.05 -25.14
C ARG G 299 -26.12 2.53 -26.54
N PHE G 300 -25.51 3.72 -26.63
CA PHE G 300 -25.00 4.27 -27.88
C PHE G 300 -24.12 3.23 -28.57
N PHE G 301 -23.05 2.84 -27.89
CA PHE G 301 -22.08 1.86 -28.40
C PHE G 301 -22.72 0.48 -28.60
N GLY G 302 -23.75 0.19 -27.80
CA GLY G 302 -24.43 -1.10 -27.86
C GLY G 302 -25.32 -1.30 -29.07
N ALA G 303 -25.66 -0.21 -29.75
CA ALA G 303 -26.53 -0.27 -30.93
C ALA G 303 -25.82 -0.82 -32.16
N ALA G 304 -24.51 -0.57 -32.25
CA ALA G 304 -23.70 -1.04 -33.37
C ALA G 304 -23.73 -2.57 -33.48
N ARG G 305 -24.48 -3.06 -34.46
CA ARG G 305 -24.68 -4.50 -34.63
C ARG G 305 -24.50 -4.94 -36.09
N ASN G 306 -25.10 -6.06 -36.45
CA ASN G 306 -25.06 -6.57 -37.81
C ASN G 306 -26.36 -7.29 -38.15
N VAL G 307 -27.37 -6.49 -38.51
CA VAL G 307 -28.74 -6.97 -38.75
C VAL G 307 -28.80 -8.11 -39.75
N GLU G 308 -29.53 -9.17 -39.38
CA GLU G 308 -29.75 -10.32 -40.26
C GLU G 308 -30.80 -9.99 -41.32
N GLU G 309 -31.84 -9.26 -40.90
CA GLU G 309 -32.94 -8.87 -41.80
C GLU G 309 -32.51 -7.84 -42.86
N GLY G 310 -31.23 -7.46 -42.84
CA GLY G 310 -30.70 -6.49 -43.79
C GLY G 310 -30.34 -5.18 -43.12
N GLY G 311 -29.09 -4.77 -43.30
CA GLY G 311 -28.59 -3.53 -42.70
C GLY G 311 -27.31 -3.75 -41.92
N SER G 312 -26.65 -2.64 -41.58
CA SER G 312 -25.38 -2.69 -40.86
C SER G 312 -25.10 -1.38 -40.11
N LEU G 313 -25.01 -1.49 -38.78
CA LEU G 313 -24.59 -0.36 -37.95
C LEU G 313 -23.22 -0.70 -37.36
N THR G 314 -22.23 0.13 -37.66
CA THR G 314 -20.87 -0.07 -37.18
C THR G 314 -20.25 1.20 -36.60
N ILE G 315 -20.01 1.18 -35.30
CA ILE G 315 -19.36 2.29 -34.61
C ILE G 315 -17.93 1.90 -34.24
N ILE G 316 -16.98 2.75 -34.62
CA ILE G 316 -15.60 2.62 -34.17
C ILE G 316 -15.22 3.89 -33.40
N ALA G 317 -15.25 3.79 -32.07
CA ALA G 317 -15.05 4.94 -31.20
C ALA G 317 -13.67 4.95 -30.53
N THR G 318 -13.22 6.15 -30.14
CA THR G 318 -11.94 6.28 -29.45
C THR G 318 -12.14 6.39 -27.94
N ALA G 319 -11.55 5.43 -27.21
CA ALA G 319 -11.54 5.45 -25.76
C ALA G 319 -10.23 6.06 -25.27
N LEU G 320 -10.31 7.31 -24.81
CA LEU G 320 -9.12 8.07 -24.42
C LEU G 320 -8.56 7.58 -23.08
N ILE G 321 -7.25 7.33 -23.06
CA ILE G 321 -6.55 6.90 -21.85
C ILE G 321 -5.32 7.79 -21.63
N ASP G 322 -4.82 7.80 -20.39
CA ASP G 322 -3.65 8.60 -19.99
C ASP G 322 -3.89 10.11 -20.13
N THR G 323 -5.11 10.54 -19.80
CA THR G 323 -5.46 11.96 -19.78
C THR G 323 -5.00 12.58 -18.46
N GLY G 324 -4.78 11.73 -17.46
CA GLY G 324 -4.39 12.18 -16.12
C GLY G 324 -5.60 12.27 -15.21
N SER G 325 -6.72 12.73 -15.76
CA SER G 325 -7.97 12.82 -15.03
C SER G 325 -8.47 11.44 -14.61
N LYS G 326 -8.87 11.33 -13.35
CA LYS G 326 -9.33 10.07 -12.78
C LYS G 326 -10.59 9.55 -13.47
N MET G 327 -11.44 10.47 -13.90
CA MET G 327 -12.73 10.15 -14.50
C MET G 327 -12.57 9.37 -15.81
N ASP G 328 -11.78 9.92 -16.74
CA ASP G 328 -11.55 9.32 -18.05
C ASP G 328 -10.91 7.94 -17.99
N GLU G 329 -10.18 7.68 -16.90
CA GLU G 329 -9.57 6.37 -16.66
C GLU G 329 -10.61 5.29 -16.35
N VAL G 330 -11.60 5.64 -15.53
CA VAL G 330 -12.63 4.70 -15.09
C VAL G 330 -13.60 4.33 -16.23
N ILE G 331 -13.82 5.28 -17.15
CA ILE G 331 -14.73 5.09 -18.27
C ILE G 331 -14.28 3.94 -19.19
N TYR G 332 -12.98 3.84 -19.43
CA TYR G 332 -12.42 2.76 -20.24
C TYR G 332 -12.54 1.39 -19.57
N GLU G 333 -12.34 1.36 -18.26
CA GLU G 333 -12.46 0.13 -17.47
C GLU G 333 -13.79 -0.58 -17.72
N GLU G 334 -14.83 0.21 -17.97
CA GLU G 334 -16.18 -0.31 -18.22
C GLU G 334 -16.30 -0.94 -19.61
N PHE G 335 -15.85 -0.20 -20.62
CA PHE G 335 -15.98 -0.63 -22.02
C PHE G 335 -14.94 -1.67 -22.44
N LYS G 336 -13.92 -1.84 -21.61
CA LYS G 336 -12.76 -2.71 -21.89
C LYS G 336 -12.96 -3.77 -22.97
N GLY G 337 -13.96 -4.64 -22.79
CA GLY G 337 -14.17 -5.76 -23.71
C GLY G 337 -15.54 -5.85 -24.37
N THR G 338 -16.41 -4.88 -24.08
CA THR G 338 -17.78 -4.87 -24.62
C THR G 338 -17.82 -4.86 -26.15
N GLY G 339 -16.86 -4.17 -26.77
CA GLY G 339 -16.73 -4.16 -28.22
C GLY G 339 -15.97 -5.37 -28.72
N ASN G 340 -16.20 -5.73 -29.98
CA ASN G 340 -15.53 -6.88 -30.59
C ASN G 340 -14.45 -6.49 -31.61
N MET G 341 -13.77 -5.39 -31.33
CA MET G 341 -12.68 -4.89 -32.16
C MET G 341 -11.82 -3.93 -31.35
N GLU G 342 -10.52 -4.20 -31.28
CA GLU G 342 -9.59 -3.37 -30.54
C GLU G 342 -8.41 -2.92 -31.40
N LEU G 343 -8.12 -1.62 -31.34
CA LEU G 343 -6.99 -1.04 -32.05
C LEU G 343 -6.26 -0.06 -31.14
N HIS G 344 -5.16 -0.53 -30.55
CA HIS G 344 -4.39 0.26 -29.60
C HIS G 344 -3.34 1.14 -30.28
N LEU G 345 -3.02 2.26 -29.66
CA LEU G 345 -1.94 3.12 -30.11
C LEU G 345 -1.01 3.42 -28.92
N SER G 346 0.23 2.97 -29.02
CA SER G 346 1.21 3.19 -27.95
C SER G 346 1.82 4.59 -28.02
N ARG G 347 1.87 5.26 -26.86
CA ARG G 347 2.44 6.60 -26.78
C ARG G 347 3.96 6.54 -26.56
N LYS G 348 4.57 5.47 -27.05
CA LYS G 348 6.01 5.29 -27.01
C LYS G 348 6.56 5.04 -28.40
N ILE G 349 5.76 4.39 -29.24
CA ILE G 349 6.07 4.22 -30.66
C ILE G 349 5.92 5.55 -31.38
N ALA G 350 4.85 6.27 -31.06
CA ALA G 350 4.59 7.61 -31.61
C ALA G 350 5.56 8.65 -31.05
N GLU G 351 6.02 8.41 -29.82
CA GLU G 351 7.00 9.27 -29.15
C GLU G 351 8.27 9.43 -29.99
N LYS G 352 8.76 8.32 -30.55
CA LYS G 352 9.93 8.34 -31.42
C LYS G 352 9.56 8.55 -32.89
N ARG G 353 8.58 9.42 -33.12
CA ARG G 353 8.14 9.84 -34.46
C ARG G 353 7.79 8.71 -35.44
N VAL G 354 7.52 7.52 -34.91
CA VAL G 354 6.93 6.44 -35.69
C VAL G 354 5.42 6.50 -35.48
N PHE G 355 4.72 6.97 -36.50
CA PHE G 355 3.33 7.42 -36.32
C PHE G 355 2.19 6.42 -36.60
N PRO G 356 2.41 5.43 -37.46
CA PRO G 356 1.50 4.28 -37.54
C PRO G 356 1.58 3.45 -36.25
N ALA G 357 1.63 4.15 -35.12
CA ALA G 357 1.91 3.57 -33.81
C ALA G 357 0.80 2.63 -33.33
N ILE G 358 0.80 1.41 -33.84
CA ILE G 358 -0.17 0.40 -33.44
C ILE G 358 0.50 -0.72 -32.65
N ASP G 359 -0.10 -1.06 -31.51
CA ASP G 359 0.38 -2.16 -30.67
C ASP G 359 -0.14 -3.49 -31.22
N TYR G 360 0.22 -3.78 -32.46
CA TYR G 360 -0.23 -4.98 -33.20
C TYR G 360 -0.43 -6.22 -32.34
N ASN G 361 0.53 -6.47 -31.45
CA ASN G 361 0.53 -7.64 -30.56
C ASN G 361 -0.81 -7.91 -29.87
N ARG G 362 -1.49 -6.84 -29.46
CA ARG G 362 -2.78 -6.95 -28.77
C ARG G 362 -3.87 -6.09 -29.43
N SER G 363 -4.12 -6.35 -30.71
CA SER G 363 -5.11 -5.60 -31.48
C SER G 363 -6.04 -6.49 -32.30
N GLY G 364 -6.24 -7.73 -31.84
CA GLY G 364 -7.09 -8.68 -32.53
C GLY G 364 -8.57 -8.39 -32.43
N THR G 365 -9.36 -9.08 -33.24
CA THR G 365 -10.82 -8.95 -33.21
C THR G 365 -11.48 -10.28 -32.88
N ARG G 366 -12.59 -10.22 -32.16
CA ARG G 366 -13.37 -11.40 -31.80
C ARG G 366 -14.01 -12.01 -33.03
N LYS G 367 -13.99 -13.35 -33.10
CA LYS G 367 -14.62 -14.13 -34.18
C LYS G 367 -14.17 -13.69 -35.58
N GLU G 368 -12.86 -13.51 -35.77
CA GLU G 368 -12.33 -13.06 -37.06
C GLU G 368 -12.18 -14.20 -38.08
N GLU G 369 -12.57 -15.41 -37.67
CA GLU G 369 -12.43 -16.60 -38.52
C GLU G 369 -13.35 -16.57 -39.75
N LEU G 370 -14.52 -15.98 -39.60
CA LEU G 370 -15.50 -15.90 -40.70
C LEU G 370 -15.70 -14.47 -41.20
N LEU G 371 -14.77 -13.59 -40.82
CA LEU G 371 -14.76 -12.21 -41.29
C LEU G 371 -13.81 -12.07 -42.48
N THR G 372 -12.96 -13.08 -42.66
CA THR G 372 -11.95 -13.09 -43.72
C THR G 372 -12.16 -14.25 -44.70
N THR G 373 -11.28 -14.33 -45.71
CA THR G 373 -11.24 -15.48 -46.61
C THR G 373 -10.52 -16.63 -45.90
N GLN G 374 -10.89 -17.86 -46.25
CA GLN G 374 -10.34 -19.06 -45.60
C GLN G 374 -8.81 -19.03 -45.55
N GLU G 375 -8.17 -18.92 -46.71
CA GLU G 375 -6.72 -18.91 -46.81
C GLU G 375 -6.16 -17.53 -46.44
N GLU G 376 -6.21 -17.21 -45.15
CA GLU G 376 -5.75 -15.92 -44.64
C GLU G 376 -5.45 -15.98 -43.15
N LEU G 377 -6.10 -16.91 -42.44
CA LEU G 377 -5.95 -17.05 -40.98
C LEU G 377 -4.62 -17.65 -40.56
N GLN G 378 -4.30 -18.81 -41.13
CA GLN G 378 -3.08 -19.55 -40.78
C GLN G 378 -1.80 -18.72 -40.92
N LYS G 379 -1.79 -17.79 -41.88
CA LYS G 379 -0.66 -16.88 -42.06
C LYS G 379 -0.73 -15.69 -41.11
N MET G 380 -1.94 -15.21 -40.81
CA MET G 380 -2.12 -14.06 -39.92
C MET G 380 -1.74 -14.35 -38.47
N TRP G 381 -2.03 -15.57 -38.02
CA TRP G 381 -1.71 -15.99 -36.65
C TRP G 381 -0.21 -16.18 -36.46
N ILE G 382 0.41 -16.90 -37.40
CA ILE G 382 1.86 -17.14 -37.38
C ILE G 382 2.62 -15.83 -37.62
N LEU G 383 2.04 -14.94 -38.43
CA LEU G 383 2.57 -13.60 -38.65
C LEU G 383 2.62 -12.79 -37.35
N ARG G 384 1.76 -13.16 -36.40
CA ARG G 384 1.77 -12.57 -35.06
C ARG G 384 2.62 -13.40 -34.10
N LYS G 385 2.66 -14.72 -34.32
CA LYS G 385 3.44 -15.63 -33.49
C LYS G 385 4.95 -15.39 -33.64
N ILE G 386 5.32 -14.77 -34.77
CA ILE G 386 6.70 -14.35 -35.00
C ILE G 386 6.91 -12.89 -34.60
N ILE G 387 5.83 -12.22 -34.18
CA ILE G 387 5.88 -10.84 -33.72
C ILE G 387 5.58 -10.76 -32.22
N HIS G 388 5.21 -11.89 -31.63
CA HIS G 388 4.91 -11.99 -30.20
C HIS G 388 6.09 -11.58 -29.30
N PRO G 389 7.31 -12.08 -29.58
CA PRO G 389 8.48 -11.73 -28.77
C PRO G 389 9.19 -10.43 -29.23
N MET G 390 8.52 -9.63 -30.06
CA MET G 390 9.10 -8.36 -30.51
C MET G 390 9.17 -7.32 -29.40
N GLY G 391 8.10 -6.54 -29.21
CA GLY G 391 8.06 -5.55 -28.14
C GLY G 391 7.24 -4.30 -28.43
N GLU G 392 7.89 -3.15 -28.32
CA GLU G 392 7.21 -1.85 -28.42
C GLU G 392 7.58 -1.09 -29.71
N ILE G 393 8.59 -0.24 -29.63
CA ILE G 393 9.06 0.55 -30.78
C ILE G 393 9.61 -0.33 -31.92
N ASP G 394 10.38 -1.35 -31.54
CA ASP G 394 11.01 -2.25 -32.51
C ASP G 394 9.98 -3.15 -33.20
N ALA G 395 8.86 -3.41 -32.53
CA ALA G 395 7.77 -4.21 -33.09
C ALA G 395 7.13 -3.54 -34.30
N MET G 396 7.01 -2.21 -34.24
CA MET G 396 6.48 -1.42 -35.35
C MET G 396 7.55 -1.10 -36.40
N GLU G 397 8.70 -1.75 -36.31
CA GLU G 397 9.75 -1.63 -37.31
C GLU G 397 9.93 -2.93 -38.07
N PHE G 398 9.47 -4.04 -37.46
CA PHE G 398 9.50 -5.35 -38.08
C PHE G 398 8.37 -5.49 -39.11
N LEU G 399 7.26 -4.80 -38.85
CA LEU G 399 6.07 -4.89 -39.70
C LEU G 399 5.80 -3.59 -40.48
N ILE G 400 6.83 -2.77 -40.64
CA ILE G 400 6.73 -1.54 -41.42
C ILE G 400 7.70 -1.55 -42.60
N ASN G 401 8.80 -2.30 -42.45
CA ASN G 401 9.81 -2.40 -43.51
C ASN G 401 9.41 -3.37 -44.61
N LYS G 402 8.86 -4.52 -44.21
CA LYS G 402 8.34 -5.52 -45.16
C LYS G 402 7.02 -5.03 -45.75
N LEU G 403 6.37 -4.12 -45.01
CA LEU G 403 5.10 -3.54 -45.41
C LEU G 403 5.28 -2.44 -46.45
N ALA G 404 6.46 -1.82 -46.44
CA ALA G 404 6.79 -0.72 -47.35
C ALA G 404 6.95 -1.17 -48.80
N MET G 405 7.18 -2.48 -48.99
CA MET G 405 7.36 -3.05 -50.32
C MET G 405 6.04 -3.20 -51.08
N THR G 406 5.65 -4.45 -51.36
CA THR G 406 4.44 -4.74 -52.13
C THR G 406 3.16 -4.47 -51.34
N LYS G 407 2.01 -4.77 -51.96
CA LYS G 407 0.70 -4.45 -51.40
C LYS G 407 0.44 -5.09 -50.02
N THR G 408 -0.29 -6.19 -50.01
CA THR G 408 -0.65 -6.87 -48.76
C THR G 408 -0.39 -8.38 -48.83
N ASN G 409 -0.55 -8.95 -50.02
CA ASN G 409 -0.46 -10.39 -50.22
C ASN G 409 0.96 -10.94 -50.08
N ASP G 410 1.80 -10.70 -51.08
CA ASP G 410 3.17 -11.19 -51.09
C ASP G 410 4.10 -10.37 -50.19
N ASP G 411 3.49 -9.69 -49.22
CA ASP G 411 4.20 -8.89 -48.23
C ASP G 411 5.21 -9.72 -47.43
N PHE G 412 4.93 -11.02 -47.31
CA PHE G 412 5.78 -11.93 -46.55
C PHE G 412 6.08 -13.20 -47.36
N PHE G 413 6.12 -13.08 -48.68
CA PHE G 413 6.33 -14.22 -49.57
C PHE G 413 7.81 -14.50 -49.79
N GLU G 414 8.51 -13.52 -50.39
CA GLU G 414 9.92 -13.67 -50.75
C GLU G 414 10.83 -13.74 -49.53
N MET G 415 10.74 -12.72 -48.67
CA MET G 415 11.60 -12.61 -47.49
C MET G 415 11.08 -13.46 -46.34
N MET G 416 11.54 -14.70 -46.26
CA MET G 416 11.16 -15.63 -45.20
C MET G 416 12.28 -16.61 -44.84
N LYS G 417 13.47 -16.06 -44.57
CA LYS G 417 14.64 -16.85 -44.20
C LYS G 417 14.47 -17.51 -42.83
N MET H 1 -56.11 -17.91 -28.14
CA MET H 1 -55.27 -18.80 -29.01
C MET H 1 -53.90 -19.08 -28.39
N ASN H 2 -52.98 -19.62 -29.19
CA ASN H 2 -51.62 -19.91 -28.75
C ASN H 2 -50.83 -18.63 -28.51
N LEU H 3 -50.48 -18.39 -27.25
CA LEU H 3 -49.73 -17.20 -26.86
C LEU H 3 -48.29 -17.23 -27.36
N THR H 4 -47.68 -18.42 -27.28
CA THR H 4 -46.29 -18.62 -27.71
C THR H 4 -46.10 -18.48 -29.22
N GLU H 5 -47.21 -18.50 -29.95
CA GLU H 5 -47.18 -18.28 -31.40
C GLU H 5 -47.14 -16.78 -31.70
N LEU H 6 -46.80 -16.00 -30.69
CA LEU H 6 -46.65 -14.55 -30.80
C LEU H 6 -45.36 -14.11 -30.09
N LYS H 7 -44.71 -15.06 -29.42
CA LYS H 7 -43.53 -14.79 -28.60
C LYS H 7 -42.26 -15.34 -29.24
N ASN H 8 -42.29 -16.61 -29.61
CA ASN H 8 -41.13 -17.28 -30.22
C ASN H 8 -41.20 -17.33 -31.75
N THR H 9 -42.19 -16.62 -32.31
CA THR H 9 -42.35 -16.51 -33.76
C THR H 9 -41.81 -15.16 -34.26
N PRO H 10 -41.23 -15.16 -35.46
CA PRO H 10 -40.64 -13.94 -36.03
C PRO H 10 -41.62 -12.76 -36.15
N VAL H 11 -41.08 -11.55 -36.06
CA VAL H 11 -41.89 -10.32 -36.16
C VAL H 11 -42.45 -10.14 -37.58
N SER H 12 -41.73 -10.68 -38.57
CA SER H 12 -42.12 -10.60 -39.97
C SER H 12 -43.37 -11.43 -40.29
N GLU H 13 -43.55 -12.53 -39.54
CA GLU H 13 -44.70 -13.41 -39.72
C GLU H 13 -45.87 -13.06 -38.77
N LEU H 14 -45.75 -11.91 -38.10
CA LEU H 14 -46.78 -11.46 -37.16
C LEU H 14 -47.33 -10.09 -37.53
N ILE H 15 -46.57 -9.31 -38.30
CA ILE H 15 -47.02 -8.00 -38.78
C ILE H 15 -48.15 -8.11 -39.79
N THR H 16 -48.22 -9.25 -40.48
CA THR H 16 -49.29 -9.53 -41.44
C THR H 16 -50.60 -9.89 -40.74
N LEU H 17 -50.51 -10.76 -39.74
CA LEU H 17 -51.68 -11.24 -38.99
C LEU H 17 -52.48 -10.08 -38.37
N GLY H 18 -51.77 -9.04 -37.95
CA GLY H 18 -52.40 -7.82 -37.43
C GLY H 18 -53.12 -7.03 -38.51
N GLU H 19 -52.49 -6.94 -39.68
CA GLU H 19 -53.08 -6.25 -40.84
C GLU H 19 -54.28 -7.00 -41.39
N ASN H 20 -54.22 -8.33 -41.33
CA ASN H 20 -55.33 -9.19 -41.76
C ASN H 20 -56.47 -9.19 -40.73
N MET H 21 -56.53 -8.14 -39.92
CA MET H 21 -57.53 -8.01 -38.86
C MET H 21 -58.04 -6.56 -38.78
N GLY H 22 -57.36 -5.66 -39.50
CA GLY H 22 -57.75 -4.25 -39.55
C GLY H 22 -56.86 -3.35 -38.72
N LEU H 23 -55.55 -3.62 -38.75
CA LEU H 23 -54.57 -2.85 -37.98
C LEU H 23 -53.34 -2.54 -38.83
N GLU H 24 -53.17 -1.27 -39.21
CA GLU H 24 -52.03 -0.83 -40.00
C GLU H 24 -51.16 0.17 -39.23
N ASN H 25 -51.42 0.28 -37.93
CA ASN H 25 -50.65 1.16 -37.05
C ASN H 25 -49.55 0.42 -36.29
N LEU H 26 -49.33 -0.84 -36.67
CA LEU H 26 -48.32 -1.69 -36.04
C LEU H 26 -47.00 -1.67 -36.81
N ALA H 27 -46.87 -0.70 -37.71
CA ALA H 27 -45.69 -0.57 -38.56
C ALA H 27 -44.43 -0.23 -37.78
N ARG H 28 -44.53 0.75 -36.89
CA ARG H 28 -43.39 1.19 -36.08
C ARG H 28 -43.68 1.10 -34.58
N MET H 29 -43.54 -0.11 -34.04
CA MET H 29 -43.68 -0.35 -32.60
C MET H 29 -42.98 -1.65 -32.18
N ARG H 30 -42.88 -1.87 -30.87
CA ARG H 30 -42.22 -3.06 -30.32
C ARG H 30 -42.99 -4.34 -30.62
N LYS H 31 -42.26 -5.46 -30.66
CA LYS H 31 -42.86 -6.78 -30.88
C LYS H 31 -43.90 -7.09 -29.80
N GLN H 32 -43.56 -6.76 -28.56
CA GLN H 32 -44.45 -6.98 -27.42
C GLN H 32 -45.63 -6.01 -27.42
N ASP H 33 -45.45 -4.86 -28.07
CA ASP H 33 -46.52 -3.87 -28.21
C ASP H 33 -47.56 -4.28 -29.26
N ILE H 34 -47.10 -4.99 -30.29
CA ILE H 34 -48.00 -5.53 -31.32
C ILE H 34 -48.92 -6.60 -30.72
N ILE H 35 -48.37 -7.36 -29.76
CA ILE H 35 -49.13 -8.41 -29.05
C ILE H 35 -50.34 -7.81 -28.33
N PHE H 36 -50.20 -6.57 -27.87
CA PHE H 36 -51.29 -5.87 -27.19
C PHE H 36 -52.42 -5.47 -28.14
N ALA H 37 -52.18 -5.60 -29.44
CA ALA H 37 -53.19 -5.27 -30.45
C ALA H 37 -53.73 -6.50 -31.17
N ILE H 38 -52.85 -7.47 -31.45
CA ILE H 38 -53.25 -8.73 -32.11
C ILE H 38 -54.11 -9.60 -31.18
N LEU H 39 -54.25 -9.17 -29.93
CA LEU H 39 -55.09 -9.83 -28.95
C LEU H 39 -56.27 -8.95 -28.56
N LYS H 40 -56.09 -7.63 -28.64
CA LYS H 40 -57.14 -6.66 -28.38
C LYS H 40 -58.25 -6.72 -29.44
N GLN H 41 -58.06 -7.57 -30.43
CA GLN H 41 -59.05 -7.79 -31.48
C GLN H 41 -59.59 -9.23 -31.47
N HIS H 42 -58.86 -10.13 -30.80
CA HIS H 42 -59.32 -11.50 -30.61
C HIS H 42 -60.23 -11.60 -29.38
N ALA H 43 -60.85 -10.48 -29.02
CA ALA H 43 -61.77 -10.40 -27.89
C ALA H 43 -63.20 -10.71 -28.30
N LYS H 44 -63.45 -10.76 -29.62
CA LYS H 44 -64.77 -11.09 -30.15
C LYS H 44 -65.11 -12.58 -29.95
N SER H 45 -64.07 -13.42 -29.92
CA SER H 45 -64.24 -14.86 -29.74
C SER H 45 -64.53 -15.23 -28.27
N GLY H 46 -64.70 -16.52 -28.02
CA GLY H 46 -65.05 -17.01 -26.67
C GLY H 46 -63.85 -17.53 -25.89
N GLU H 47 -64.05 -18.68 -25.24
CA GLU H 47 -63.01 -19.29 -24.40
C GLU H 47 -61.95 -20.02 -25.22
N ASP H 48 -61.26 -19.26 -26.07
CA ASP H 48 -60.15 -19.77 -26.89
C ASP H 48 -58.83 -19.17 -26.43
N ILE H 49 -58.92 -18.17 -25.54
CA ILE H 49 -57.76 -17.47 -25.00
C ILE H 49 -56.93 -18.36 -24.05
N PHE H 50 -55.68 -18.61 -24.44
CA PHE H 50 -54.78 -19.46 -23.67
C PHE H 50 -53.41 -18.80 -23.55
N GLY H 51 -52.81 -18.87 -22.35
CA GLY H 51 -51.54 -18.21 -22.09
C GLY H 51 -50.54 -19.03 -21.30
N ASP H 52 -49.40 -18.40 -21.00
CA ASP H 52 -48.33 -19.02 -20.23
C ASP H 52 -47.54 -17.93 -19.49
N GLY H 53 -46.39 -18.30 -18.94
CA GLY H 53 -45.51 -17.32 -18.29
C GLY H 53 -45.08 -17.71 -16.88
N VAL H 54 -44.25 -16.86 -16.28
CA VAL H 54 -43.72 -17.07 -14.93
C VAL H 54 -44.15 -15.92 -14.02
N LEU H 55 -44.67 -16.27 -12.84
CA LEU H 55 -45.19 -15.30 -11.88
C LEU H 55 -44.08 -14.40 -11.31
N GLU H 56 -44.43 -13.13 -11.08
CA GLU H 56 -43.51 -12.16 -10.48
C GLU H 56 -44.28 -11.15 -9.64
N ILE H 57 -44.31 -11.37 -8.32
CA ILE H 57 -44.99 -10.47 -7.40
C ILE H 57 -44.14 -9.25 -7.11
N LEU H 58 -44.75 -8.10 -7.34
CA LEU H 58 -44.10 -6.83 -7.11
C LEU H 58 -44.41 -6.30 -5.72
N GLN H 59 -43.64 -5.31 -5.28
CA GLN H 59 -43.79 -4.71 -3.96
C GLN H 59 -45.15 -4.06 -3.80
N ASP H 60 -46.18 -4.88 -3.69
CA ASP H 60 -47.56 -4.41 -3.56
C ASP H 60 -48.51 -5.58 -3.25
N GLY H 61 -48.11 -6.78 -3.66
CA GLY H 61 -48.97 -7.95 -3.46
C GLY H 61 -49.51 -8.45 -4.78
N PHE H 62 -49.76 -7.52 -5.71
CA PHE H 62 -50.15 -7.86 -7.07
C PHE H 62 -48.90 -8.19 -7.88
N GLY H 63 -49.05 -9.10 -8.83
CA GLY H 63 -47.93 -9.51 -9.68
C GLY H 63 -48.27 -9.52 -11.16
N PHE H 64 -47.39 -10.12 -11.96
CA PHE H 64 -47.57 -10.26 -13.40
C PHE H 64 -46.92 -11.53 -13.93
N LEU H 65 -47.11 -11.81 -15.23
CA LEU H 65 -46.52 -12.98 -15.86
C LEU H 65 -45.60 -12.63 -17.02
N ARG H 66 -44.47 -13.32 -17.10
CA ARG H 66 -43.47 -13.09 -18.15
C ARG H 66 -43.03 -14.42 -18.75
N SER H 67 -42.85 -14.44 -20.07
CA SER H 67 -42.36 -15.62 -20.77
C SER H 67 -40.86 -15.52 -21.04
N ALA H 68 -40.22 -16.68 -21.21
CA ALA H 68 -38.77 -16.77 -21.41
C ALA H 68 -38.29 -16.22 -22.75
N ASP H 69 -39.23 -15.73 -23.57
CA ASP H 69 -38.92 -15.18 -24.89
C ASP H 69 -38.21 -13.84 -24.81
N SER H 70 -38.76 -12.92 -24.03
CA SER H 70 -38.26 -11.55 -23.92
C SER H 70 -37.34 -11.38 -22.72
N SER H 71 -37.00 -12.51 -22.07
CA SER H 71 -36.16 -12.54 -20.87
C SER H 71 -36.79 -11.77 -19.70
N TYR H 72 -38.05 -12.09 -19.42
CA TYR H 72 -38.81 -11.53 -18.29
C TYR H 72 -38.75 -9.99 -18.20
N LEU H 73 -38.76 -9.34 -19.36
CA LEU H 73 -38.78 -7.89 -19.43
C LEU H 73 -40.22 -7.39 -19.35
N ALA H 74 -40.46 -6.49 -18.39
CA ALA H 74 -41.79 -5.96 -18.13
C ALA H 74 -42.31 -5.13 -19.31
N GLY H 75 -43.36 -5.63 -19.95
CA GLY H 75 -43.99 -4.95 -21.08
C GLY H 75 -45.49 -5.22 -21.13
N PRO H 76 -46.21 -4.50 -21.99
CA PRO H 76 -47.67 -4.60 -22.08
C PRO H 76 -48.21 -6.03 -22.26
N ASP H 77 -47.32 -7.00 -22.47
CA ASP H 77 -47.70 -8.41 -22.59
C ASP H 77 -48.05 -9.04 -21.24
N ASP H 78 -48.03 -8.24 -20.18
CA ASP H 78 -48.28 -8.70 -18.82
C ASP H 78 -49.64 -9.37 -18.66
N ILE H 79 -49.65 -10.52 -17.99
CA ILE H 79 -50.89 -11.20 -17.63
C ILE H 79 -51.13 -10.97 -16.13
N TYR H 80 -52.03 -10.02 -15.84
CA TYR H 80 -52.29 -9.58 -14.48
C TYR H 80 -52.90 -10.68 -13.62
N VAL H 81 -52.38 -10.83 -12.40
CA VAL H 81 -52.95 -11.73 -11.40
C VAL H 81 -53.55 -10.95 -10.24
N SER H 82 -54.72 -11.40 -9.78
CA SER H 82 -55.38 -10.78 -8.65
C SER H 82 -54.82 -11.31 -7.34
N PRO H 83 -54.63 -10.43 -6.35
CA PRO H 83 -54.14 -10.82 -5.03
C PRO H 83 -54.97 -11.95 -4.39
N SER H 84 -56.23 -12.07 -4.81
CA SER H 84 -57.10 -13.15 -4.38
C SER H 84 -56.61 -14.50 -4.92
N GLN H 85 -56.39 -14.57 -6.24
CA GLN H 85 -55.89 -15.78 -6.91
C GLN H 85 -54.57 -16.26 -6.32
N ILE H 86 -53.80 -15.34 -5.73
CA ILE H 86 -52.52 -15.65 -5.11
C ILE H 86 -52.70 -16.45 -3.80
N ARG H 87 -53.56 -15.94 -2.92
CA ARG H 87 -53.77 -16.53 -1.60
C ARG H 87 -54.79 -17.69 -1.59
N ARG H 88 -54.81 -18.47 -2.68
CA ARG H 88 -55.70 -19.62 -2.78
C ARG H 88 -55.10 -20.79 -3.56
N PHE H 89 -53.79 -20.74 -3.78
CA PHE H 89 -53.07 -21.80 -4.53
C PHE H 89 -51.65 -22.09 -4.03
N ASN H 90 -51.28 -21.45 -2.91
CA ASN H 90 -49.95 -21.64 -2.30
C ASN H 90 -48.77 -21.28 -3.22
N LEU H 91 -49.01 -20.40 -4.17
CA LEU H 91 -47.99 -20.03 -5.17
C LEU H 91 -47.18 -18.80 -4.78
N ARG H 92 -45.91 -18.81 -5.18
CA ARG H 92 -45.02 -17.67 -5.02
C ARG H 92 -44.44 -17.28 -6.37
N THR H 93 -43.68 -16.19 -6.42
CA THR H 93 -43.07 -15.73 -7.66
C THR H 93 -42.08 -16.78 -8.16
N GLY H 94 -42.33 -17.33 -9.35
CA GLY H 94 -41.48 -18.37 -9.91
C GLY H 94 -42.24 -19.49 -10.59
N ASP H 95 -43.44 -19.79 -10.08
CA ASP H 95 -44.29 -20.84 -10.65
C ASP H 95 -44.77 -20.48 -12.05
N THR H 96 -44.84 -21.48 -12.93
CA THR H 96 -45.28 -21.27 -14.31
C THR H 96 -46.77 -21.54 -14.47
N ILE H 97 -47.54 -20.46 -14.57
CA ILE H 97 -48.99 -20.55 -14.75
C ILE H 97 -49.32 -20.66 -16.24
N SER H 98 -50.29 -21.50 -16.57
CA SER H 98 -50.72 -21.69 -17.95
C SER H 98 -52.23 -21.92 -18.05
N GLY H 99 -53.00 -20.83 -18.01
CA GLY H 99 -54.46 -20.90 -18.04
C GLY H 99 -55.11 -20.04 -19.11
N LYS H 100 -56.25 -19.44 -18.76
CA LYS H 100 -57.01 -18.60 -19.69
C LYS H 100 -56.95 -17.12 -19.29
N ILE H 101 -56.86 -16.25 -20.28
CA ILE H 101 -56.73 -14.81 -20.05
C ILE H 101 -57.95 -14.01 -20.54
N ARG H 102 -58.52 -13.21 -19.65
CA ARG H 102 -59.64 -12.32 -20.01
C ARG H 102 -59.13 -10.92 -20.34
N PRO H 103 -59.49 -10.42 -21.54
CA PRO H 103 -59.08 -9.09 -21.99
C PRO H 103 -59.52 -7.96 -21.07
N PRO H 104 -58.76 -6.85 -21.06
CA PRO H 104 -59.08 -5.70 -20.21
C PRO H 104 -60.37 -4.97 -20.61
N LYS H 105 -60.86 -4.11 -19.72
CA LYS H 105 -62.10 -3.37 -19.95
C LYS H 105 -61.86 -1.86 -19.77
N GLU H 106 -62.48 -1.28 -18.73
CA GLU H 106 -62.32 0.14 -18.42
C GLU H 106 -61.46 0.32 -17.18
N GLY H 107 -60.36 1.06 -17.33
CA GLY H 107 -59.38 1.23 -16.25
C GLY H 107 -58.41 0.06 -16.18
N GLU H 108 -58.63 -0.94 -17.03
CA GLU H 108 -57.79 -2.13 -17.10
C GLU H 108 -56.92 -2.08 -18.35
N ARG H 109 -55.71 -2.63 -18.26
CA ARG H 109 -54.74 -2.54 -19.34
C ARG H 109 -54.00 -3.85 -19.61
N TYR H 110 -54.43 -4.92 -18.95
CA TYR H 110 -53.76 -6.22 -19.09
C TYR H 110 -54.74 -7.38 -19.24
N PHE H 111 -54.31 -8.41 -19.96
CA PHE H 111 -55.12 -9.61 -20.15
C PHE H 111 -55.12 -10.44 -18.86
N ALA H 112 -55.88 -9.97 -17.88
CA ALA H 112 -55.92 -10.58 -16.54
C ALA H 112 -56.19 -12.07 -16.58
N LEU H 113 -55.53 -12.80 -15.69
CA LEU H 113 -55.70 -14.25 -15.59
C LEU H 113 -57.09 -14.59 -15.05
N LEU H 114 -57.86 -15.31 -15.85
CA LEU H 114 -59.24 -15.66 -15.51
C LEU H 114 -59.29 -16.88 -14.60
N LYS H 115 -58.93 -18.04 -15.14
CA LYS H 115 -58.98 -19.30 -14.39
C LYS H 115 -57.66 -20.06 -14.55
N VAL H 116 -57.05 -20.40 -13.41
CA VAL H 116 -55.77 -21.12 -13.39
C VAL H 116 -55.95 -22.57 -13.85
N ASN H 117 -55.10 -23.01 -14.77
CA ASN H 117 -55.19 -24.36 -15.33
C ASN H 117 -54.04 -25.27 -14.92
N GLU H 118 -52.82 -24.92 -15.35
CA GLU H 118 -51.64 -25.75 -15.08
C GLU H 118 -50.55 -24.98 -14.35
N VAL H 119 -50.01 -25.59 -13.30
CA VAL H 119 -48.92 -25.01 -12.51
C VAL H 119 -47.78 -26.01 -12.36
N ASN H 120 -46.60 -25.64 -12.88
CA ASN H 120 -45.38 -26.46 -12.80
C ASN H 120 -45.51 -27.85 -13.42
N PHE H 121 -46.16 -27.91 -14.58
CA PHE H 121 -46.37 -29.16 -15.34
C PHE H 121 -47.18 -30.21 -14.57
N ASP H 122 -48.16 -29.74 -13.80
CA ASP H 122 -49.07 -30.59 -13.03
C ASP H 122 -50.33 -29.81 -12.68
N LYS H 123 -51.27 -30.46 -12.00
CA LYS H 123 -52.50 -29.81 -11.56
C LYS H 123 -52.26 -28.88 -10.37
N PRO H 124 -53.09 -27.84 -10.23
CA PRO H 124 -52.92 -26.86 -9.15
C PRO H 124 -53.14 -27.44 -7.73
N GLU H 125 -53.21 -28.77 -7.64
CA GLU H 125 -53.32 -29.46 -6.35
C GLU H 125 -51.95 -29.59 -5.68
N ASN H 126 -51.17 -28.51 -5.71
CA ASN H 126 -49.84 -28.48 -5.14
C ASN H 126 -49.57 -27.18 -4.37
N ASN H 129 -46.12 -29.96 -1.41
CA ASN H 129 -44.80 -29.60 -1.91
C ASN H 129 -44.12 -28.56 -1.03
N LYS H 130 -42.87 -28.81 -0.67
CA LYS H 130 -42.12 -27.96 0.26
C LYS H 130 -41.21 -26.98 -0.47
N ILE H 131 -41.01 -25.81 0.13
CA ILE H 131 -40.14 -24.78 -0.43
C ILE H 131 -38.67 -25.16 -0.24
N LEU H 132 -37.80 -24.63 -1.11
CA LEU H 132 -36.36 -24.89 -1.07
C LEU H 132 -35.77 -24.61 0.32
N PHE H 133 -36.30 -23.59 0.98
CA PHE H 133 -35.82 -23.11 2.28
C PHE H 133 -35.53 -24.21 3.32
N GLU H 134 -36.31 -25.29 3.29
CA GLU H 134 -36.27 -26.29 4.35
C GLU H 134 -36.10 -27.74 3.87
N ASN H 135 -35.53 -27.92 2.68
CA ASN H 135 -35.20 -29.24 2.18
C ASN H 135 -33.76 -29.59 2.54
N LEU H 136 -33.57 -30.72 3.21
CA LEU H 136 -32.23 -31.16 3.62
C LEU H 136 -31.33 -31.40 2.41
N THR H 137 -30.07 -30.95 2.51
CA THR H 137 -29.19 -30.87 1.34
C THR H 137 -27.87 -31.65 1.48
N PRO H 138 -27.90 -32.98 1.36
CA PRO H 138 -26.68 -33.79 1.41
C PRO H 138 -25.71 -33.46 0.27
N LEU H 139 -24.45 -33.86 0.44
CA LEU H 139 -23.40 -33.65 -0.56
C LEU H 139 -23.74 -34.31 -1.89
N HIS H 140 -23.26 -33.71 -2.98
CA HIS H 140 -23.47 -34.22 -4.34
C HIS H 140 -23.02 -35.69 -4.46
N ALA H 141 -23.99 -36.56 -4.75
CA ALA H 141 -23.72 -37.99 -4.88
C ALA H 141 -24.67 -38.67 -5.86
N ASN H 142 -25.91 -38.89 -5.42
CA ASN H 142 -26.95 -39.58 -6.19
C ASN H 142 -26.54 -40.01 -7.60
N SER H 143 -26.57 -39.06 -8.54
CA SER H 143 -26.21 -39.33 -9.92
C SER H 143 -25.06 -38.43 -10.39
N ARG H 144 -24.26 -38.95 -11.31
CA ARG H 144 -23.11 -38.23 -11.84
C ARG H 144 -23.37 -37.76 -13.28
N LEU H 145 -23.31 -36.45 -13.48
CA LEU H 145 -23.53 -35.85 -14.81
C LEU H 145 -22.33 -36.07 -15.72
N ARG H 146 -22.28 -37.26 -16.32
CA ARG H 146 -21.25 -37.59 -17.30
C ARG H 146 -21.51 -36.82 -18.60
N MET H 147 -20.44 -36.53 -19.34
CA MET H 147 -20.56 -35.79 -20.59
C MET H 147 -20.74 -36.74 -21.79
N GLY H 152 -14.97 -38.98 -30.07
CA GLY H 152 -14.25 -39.17 -31.33
C GLY H 152 -13.91 -37.87 -32.01
N SER H 153 -14.91 -37.04 -32.22
CA SER H 153 -14.74 -35.74 -32.88
C SER H 153 -14.07 -34.71 -31.95
N THR H 154 -13.59 -33.62 -32.55
CA THR H 154 -12.96 -32.52 -31.81
C THR H 154 -13.98 -31.81 -30.91
N GLU H 155 -15.25 -31.87 -31.29
CA GLU H 155 -16.34 -31.34 -30.47
C GLU H 155 -16.41 -32.05 -29.12
N ASP H 156 -16.29 -33.38 -29.15
CA ASP H 156 -16.32 -34.20 -27.94
C ASP H 156 -14.91 -34.45 -27.41
N LEU H 157 -14.07 -33.42 -27.49
CA LEU H 157 -12.70 -33.49 -26.97
C LEU H 157 -12.63 -32.82 -25.59
N THR H 158 -13.17 -31.61 -25.51
CA THR H 158 -13.27 -30.87 -24.25
C THR H 158 -14.32 -31.50 -23.33
N ALA H 159 -15.40 -32.01 -23.93
CA ALA H 159 -16.45 -32.69 -23.20
C ALA H 159 -16.03 -34.09 -22.75
N ARG H 160 -14.73 -34.35 -22.82
CA ARG H 160 -14.15 -35.60 -22.32
C ARG H 160 -12.90 -35.32 -21.49
N VAL H 161 -12.63 -34.03 -21.27
CA VAL H 161 -11.53 -33.59 -20.40
C VAL H 161 -12.10 -33.10 -19.06
N LEU H 162 -13.36 -32.64 -19.10
CA LEU H 162 -14.05 -32.15 -17.90
C LEU H 162 -14.03 -33.17 -16.76
N ASP H 163 -14.34 -34.43 -17.09
CA ASP H 163 -14.33 -35.51 -16.10
C ASP H 163 -12.93 -35.79 -15.54
N LEU H 164 -11.91 -35.62 -16.39
CA LEU H 164 -10.52 -35.80 -15.97
C LEU H 164 -10.10 -34.74 -14.96
N ALA H 165 -10.50 -33.49 -15.24
CA ALA H 165 -10.19 -32.36 -14.36
C ALA H 165 -11.11 -32.33 -13.14
N SER H 166 -12.41 -32.23 -13.39
CA SER H 166 -13.41 -32.15 -12.32
C SER H 166 -14.80 -32.57 -12.83
N PRO H 167 -15.19 -33.82 -12.56
CA PRO H 167 -16.52 -34.32 -12.94
C PRO H 167 -17.66 -33.56 -12.28
N ILE H 168 -18.69 -33.27 -13.06
CA ILE H 168 -19.85 -32.51 -12.58
C ILE H 168 -20.86 -33.43 -11.90
N GLY H 169 -21.21 -33.10 -10.66
CA GLY H 169 -22.22 -33.83 -9.92
C GLY H 169 -23.59 -33.21 -10.05
N ARG H 170 -24.56 -33.81 -9.36
CA ARG H 170 -25.93 -33.31 -9.36
C ARG H 170 -26.16 -32.44 -8.13
N GLY H 171 -26.48 -31.17 -8.37
CA GLY H 171 -26.66 -30.20 -7.29
C GLY H 171 -25.35 -29.60 -6.83
N GLN H 172 -24.43 -29.39 -7.77
CA GLN H 172 -23.09 -28.85 -7.46
C GLN H 172 -23.03 -27.34 -7.57
N ARG H 173 -22.05 -26.75 -6.89
CA ARG H 173 -21.73 -25.33 -7.03
C ARG H 173 -20.46 -25.15 -7.84
N GLY H 174 -20.62 -25.13 -9.17
CA GLY H 174 -19.49 -24.97 -10.08
C GLY H 174 -19.03 -23.53 -10.21
N LEU H 175 -17.73 -23.34 -10.32
CA LEU H 175 -17.15 -22.01 -10.48
C LEU H 175 -16.00 -22.02 -11.49
N ILE H 176 -16.31 -21.67 -12.73
CA ILE H 176 -15.32 -21.65 -13.81
C ILE H 176 -14.49 -20.36 -13.77
N VAL H 177 -13.24 -20.50 -13.37
CA VAL H 177 -12.31 -19.38 -13.33
C VAL H 177 -11.69 -19.19 -14.71
N ALA H 178 -11.89 -18.01 -15.30
CA ALA H 178 -11.43 -17.77 -16.68
C ALA H 178 -11.16 -16.29 -16.98
N PRO H 179 -10.03 -16.02 -17.64
CA PRO H 179 -9.72 -14.69 -18.15
C PRO H 179 -10.45 -14.38 -19.46
N PRO H 180 -10.55 -13.10 -19.84
CA PRO H 180 -11.06 -12.73 -21.15
C PRO H 180 -10.27 -13.37 -22.28
N LYS H 181 -10.98 -13.89 -23.29
CA LYS H 181 -10.38 -14.56 -24.45
C LYS H 181 -9.65 -15.86 -24.06
N ALA H 182 -10.34 -16.69 -23.28
CA ALA H 182 -9.82 -18.01 -22.90
C ALA H 182 -10.75 -19.13 -23.36
N GLY H 183 -11.99 -18.76 -23.69
CA GLY H 183 -12.97 -19.71 -24.18
C GLY H 183 -14.07 -20.02 -23.19
N LYS H 184 -14.70 -18.98 -22.65
CA LYS H 184 -15.81 -19.15 -21.71
C LYS H 184 -17.09 -19.56 -22.43
N THR H 185 -17.47 -18.79 -23.45
CA THR H 185 -18.67 -19.07 -24.22
C THR H 185 -18.56 -20.38 -25.00
N MET H 186 -17.38 -20.61 -25.59
CA MET H 186 -17.14 -21.80 -26.41
C MET H 186 -16.98 -23.06 -25.56
N LEU H 187 -16.85 -22.88 -24.24
CA LEU H 187 -16.80 -23.99 -23.30
C LEU H 187 -18.19 -24.31 -22.73
N LEU H 188 -18.92 -23.26 -22.36
CA LEU H 188 -20.27 -23.40 -21.80
C LEU H 188 -21.28 -23.98 -22.79
N GLN H 189 -21.07 -23.70 -24.08
CA GLN H 189 -21.88 -24.29 -25.15
C GLN H 189 -21.64 -25.79 -25.25
N ASN H 190 -20.38 -26.20 -25.09
CA ASN H 190 -19.99 -27.61 -25.14
C ASN H 190 -20.55 -28.42 -23.97
N ILE H 191 -20.78 -27.73 -22.85
CA ILE H 191 -21.43 -28.35 -21.69
C ILE H 191 -22.95 -28.37 -21.90
N ALA H 192 -23.49 -27.27 -22.41
CA ALA H 192 -24.93 -27.14 -22.68
C ALA H 192 -25.42 -28.20 -23.66
N GLN H 193 -24.66 -28.42 -24.73
CA GLN H 193 -24.97 -29.44 -25.71
C GLN H 193 -24.82 -30.84 -25.12
N SER H 194 -23.86 -31.00 -24.22
CA SER H 194 -23.56 -32.30 -23.60
C SER H 194 -24.61 -32.72 -22.57
N ILE H 195 -25.28 -31.73 -21.96
CA ILE H 195 -26.39 -32.02 -21.05
C ILE H 195 -27.55 -32.65 -21.83
N ALA H 196 -27.86 -32.09 -23.00
CA ALA H 196 -28.84 -32.67 -23.91
C ALA H 196 -28.16 -33.58 -24.93
N TYR H 197 -27.39 -34.54 -24.42
CA TYR H 197 -26.64 -35.49 -25.25
C TYR H 197 -26.62 -36.88 -24.60
N ASN H 198 -26.43 -36.91 -23.29
CA ASN H 198 -26.49 -38.16 -22.53
C ASN H 198 -27.29 -38.02 -21.23
N HIS H 199 -27.90 -36.86 -21.02
CA HIS H 199 -28.80 -36.61 -19.88
C HIS H 199 -30.03 -35.78 -20.28
N PRO H 200 -30.82 -36.27 -21.25
CA PRO H 200 -31.97 -35.51 -21.74
C PRO H 200 -33.21 -35.66 -20.85
N ASP H 201 -33.07 -35.31 -19.57
CA ASP H 201 -34.18 -35.36 -18.63
C ASP H 201 -34.10 -34.23 -17.60
N CYS H 202 -32.91 -33.65 -17.47
CA CYS H 202 -32.67 -32.55 -16.54
C CYS H 202 -32.85 -31.21 -17.25
N VAL H 203 -33.69 -30.35 -16.68
CA VAL H 203 -33.98 -29.04 -17.27
C VAL H 203 -32.79 -28.10 -17.24
N LEU H 204 -32.33 -27.71 -18.42
CA LEU H 204 -31.17 -26.83 -18.57
C LEU H 204 -31.59 -25.38 -18.72
N MET H 205 -30.89 -24.49 -18.01
CA MET H 205 -31.10 -23.06 -18.13
C MET H 205 -29.76 -22.36 -18.31
N VAL H 206 -29.74 -21.31 -19.14
CA VAL H 206 -28.54 -20.50 -19.34
C VAL H 206 -28.84 -19.03 -19.06
N LEU H 207 -28.12 -18.47 -18.10
CA LEU H 207 -28.29 -17.07 -17.71
C LEU H 207 -27.06 -16.25 -18.06
N LEU H 208 -27.25 -15.29 -18.97
CA LEU H 208 -26.18 -14.38 -19.37
C LEU H 208 -26.50 -12.99 -18.82
N ILE H 209 -25.67 -12.53 -17.88
CA ILE H 209 -26.03 -11.37 -17.07
C ILE H 209 -25.46 -10.02 -17.55
N ASP H 210 -24.49 -10.06 -18.46
CA ASP H 210 -23.90 -8.84 -19.03
C ASP H 210 -23.32 -9.09 -20.41
N GLU H 211 -24.05 -9.88 -21.21
CA GLU H 211 -23.57 -10.35 -22.50
C GLU H 211 -23.66 -9.31 -23.62
N ARG H 212 -22.82 -9.47 -24.63
CA ARG H 212 -22.87 -8.66 -25.85
C ARG H 212 -24.12 -9.03 -26.66
N PRO H 213 -24.82 -8.03 -27.20
CA PRO H 213 -26.06 -8.26 -27.98
C PRO H 213 -25.87 -9.24 -29.13
N GLU H 214 -24.68 -9.23 -29.72
CA GLU H 214 -24.31 -10.17 -30.79
C GLU H 214 -24.27 -11.61 -30.30
N GLU H 215 -23.79 -11.81 -29.08
CA GLU H 215 -23.53 -13.13 -28.52
C GLU H 215 -24.79 -13.81 -27.97
N VAL H 216 -25.79 -12.99 -27.64
CA VAL H 216 -27.04 -13.48 -27.05
C VAL H 216 -27.79 -14.42 -28.00
N THR H 217 -28.04 -13.95 -29.22
CA THR H 217 -28.76 -14.73 -30.24
C THR H 217 -27.95 -15.95 -30.68
N GLU H 218 -26.62 -15.80 -30.68
CA GLU H 218 -25.69 -16.91 -30.93
C GLU H 218 -25.92 -18.03 -29.91
N MET H 219 -26.14 -17.64 -28.66
CA MET H 219 -26.41 -18.59 -27.57
C MET H 219 -27.83 -19.13 -27.62
N GLN H 220 -28.79 -18.26 -27.97
CA GLN H 220 -30.21 -18.64 -28.04
C GLN H 220 -30.50 -19.71 -29.09
N ARG H 221 -29.74 -19.70 -30.17
CA ARG H 221 -29.96 -20.62 -31.29
C ARG H 221 -29.20 -21.94 -31.15
N LEU H 222 -28.14 -21.93 -30.34
CA LEU H 222 -27.28 -23.10 -30.18
C LEU H 222 -27.66 -23.96 -28.98
N VAL H 223 -28.16 -23.32 -27.92
CA VAL H 223 -28.53 -24.01 -26.67
C VAL H 223 -29.83 -24.80 -26.82
N LYS H 224 -29.79 -26.06 -26.41
CA LYS H 224 -30.96 -26.95 -26.44
C LYS H 224 -31.71 -26.88 -25.11
N GLY H 225 -32.42 -25.77 -24.89
CA GLY H 225 -33.17 -25.56 -23.66
C GLY H 225 -33.74 -24.16 -23.56
N GLU H 226 -33.55 -23.52 -22.42
CA GLU H 226 -34.04 -22.17 -22.18
C GLU H 226 -32.88 -21.18 -22.01
N VAL H 227 -32.98 -20.03 -22.68
CA VAL H 227 -31.96 -18.98 -22.59
C VAL H 227 -32.58 -17.66 -22.12
N VAL H 228 -32.09 -17.18 -20.97
CA VAL H 228 -32.46 -15.86 -20.44
C VAL H 228 -31.20 -15.00 -20.46
N ALA H 229 -31.36 -13.72 -20.81
CA ALA H 229 -30.19 -12.84 -20.95
C ALA H 229 -30.50 -11.35 -20.72
N SER H 230 -29.45 -10.61 -20.37
CA SER H 230 -29.50 -9.16 -20.24
C SER H 230 -28.22 -8.54 -20.75
N THR H 231 -28.35 -7.67 -21.76
CA THR H 231 -27.20 -7.07 -22.44
C THR H 231 -26.55 -5.95 -21.62
N PHE H 232 -25.32 -5.59 -21.99
CA PHE H 232 -24.56 -4.56 -21.27
C PHE H 232 -25.11 -3.14 -21.46
N ASP H 233 -26.01 -2.98 -22.42
CA ASP H 233 -26.68 -1.71 -22.67
C ASP H 233 -27.91 -1.52 -21.77
N GLU H 234 -28.22 -2.53 -20.97
CA GLU H 234 -29.35 -2.49 -20.04
C GLU H 234 -28.89 -2.10 -18.63
N PRO H 235 -29.75 -1.37 -17.90
CA PRO H 235 -29.39 -0.86 -16.57
C PRO H 235 -29.06 -1.97 -15.57
N ALA H 236 -28.35 -1.60 -14.50
CA ALA H 236 -27.95 -2.55 -13.46
C ALA H 236 -29.13 -3.13 -12.71
N SER H 237 -30.20 -2.34 -12.58
CA SER H 237 -31.43 -2.76 -11.91
C SER H 237 -32.15 -3.87 -12.68
N ARG H 238 -31.91 -3.92 -14.00
CA ARG H 238 -32.47 -4.95 -14.86
C ARG H 238 -31.79 -6.30 -14.61
N HIS H 239 -30.46 -6.33 -14.68
CA HIS H 239 -29.67 -7.55 -14.47
C HIS H 239 -30.11 -8.30 -13.22
N VAL H 240 -30.38 -7.55 -12.16
CA VAL H 240 -30.88 -8.08 -10.88
C VAL H 240 -32.18 -8.87 -11.09
N GLN H 241 -33.13 -8.27 -11.81
CA GLN H 241 -34.43 -8.88 -12.08
C GLN H 241 -34.30 -10.14 -12.94
N VAL H 242 -33.44 -10.09 -13.95
CA VAL H 242 -33.20 -11.21 -14.85
C VAL H 242 -32.66 -12.43 -14.09
N ALA H 243 -31.91 -12.17 -13.02
CA ALA H 243 -31.38 -13.23 -12.17
C ALA H 243 -32.39 -13.65 -11.11
N GLU H 244 -33.18 -12.70 -10.62
CA GLU H 244 -34.18 -12.94 -9.58
C GLU H 244 -35.28 -13.89 -10.08
N MET H 245 -35.58 -13.82 -11.36
CA MET H 245 -36.58 -14.69 -11.99
C MET H 245 -36.09 -16.12 -12.17
N VAL H 246 -34.87 -16.25 -12.70
CA VAL H 246 -34.28 -17.56 -13.01
C VAL H 246 -34.04 -18.39 -11.73
N ILE H 247 -33.59 -17.74 -10.67
CA ILE H 247 -33.30 -18.43 -9.41
C ILE H 247 -34.57 -18.92 -8.70
N GLU H 248 -35.60 -18.09 -8.68
CA GLU H 248 -36.87 -18.43 -8.04
C GLU H 248 -37.64 -19.49 -8.83
N LYS H 249 -37.63 -19.35 -10.16
CA LYS H 249 -38.25 -20.33 -11.06
C LYS H 249 -37.59 -21.70 -10.92
N ALA H 250 -36.27 -21.71 -10.79
CA ALA H 250 -35.51 -22.94 -10.61
C ALA H 250 -35.75 -23.58 -9.24
N LYS H 251 -36.01 -22.73 -8.23
CA LYS H 251 -36.37 -23.20 -6.89
C LYS H 251 -37.71 -23.95 -6.90
N ARG H 252 -38.64 -23.46 -7.72
CA ARG H 252 -39.96 -24.08 -7.85
C ARG H 252 -39.89 -25.44 -8.54
N LEU H 253 -38.99 -25.56 -9.51
CA LEU H 253 -38.78 -26.82 -10.24
C LEU H 253 -38.07 -27.85 -9.36
N VAL H 254 -37.37 -27.36 -8.34
CA VAL H 254 -36.73 -28.22 -7.35
C VAL H 254 -37.76 -28.69 -6.31
N GLU H 255 -38.77 -27.86 -6.06
CA GLU H 255 -39.88 -28.22 -5.17
C GLU H 255 -40.63 -29.46 -5.68
N HIS H 256 -40.65 -29.62 -7.01
CA HIS H 256 -41.33 -30.75 -7.64
C HIS H 256 -40.35 -31.88 -7.96
N LYS H 257 -39.21 -31.87 -7.26
CA LYS H 257 -38.20 -32.93 -7.32
C LYS H 257 -37.65 -33.20 -8.71
N LYS H 258 -37.19 -32.13 -9.37
CA LYS H 258 -36.55 -32.24 -10.68
C LYS H 258 -35.14 -31.66 -10.65
N ASP H 259 -34.23 -32.28 -11.39
CA ASP H 259 -32.85 -31.83 -11.46
C ASP H 259 -32.70 -30.68 -12.46
N VAL H 260 -32.20 -29.54 -11.97
CA VAL H 260 -32.07 -28.31 -12.77
C VAL H 260 -30.63 -27.86 -12.87
N ILE H 261 -30.24 -27.35 -14.05
CA ILE H 261 -28.90 -26.81 -14.26
C ILE H 261 -28.97 -25.35 -14.71
N ILE H 262 -28.33 -24.45 -13.96
CA ILE H 262 -28.23 -23.05 -14.35
C ILE H 262 -26.79 -22.72 -14.77
N LEU H 263 -26.58 -22.62 -16.07
CA LEU H 263 -25.27 -22.25 -16.61
C LEU H 263 -25.16 -20.73 -16.69
N LEU H 264 -24.70 -20.12 -15.61
CA LEU H 264 -24.60 -18.67 -15.52
C LEU H 264 -23.23 -18.19 -16.01
N ASP H 265 -23.24 -17.36 -17.05
CA ASP H 265 -22.05 -16.66 -17.47
C ASP H 265 -21.92 -15.38 -16.64
N SER H 266 -20.75 -15.21 -16.04
CA SER H 266 -20.45 -14.11 -15.10
C SER H 266 -21.31 -14.06 -13.84
N ILE H 267 -20.69 -14.42 -12.71
CA ILE H 267 -21.25 -14.17 -11.38
C ILE H 267 -20.65 -12.87 -10.85
N THR H 268 -19.47 -12.54 -11.38
CA THR H 268 -18.75 -11.31 -11.03
C THR H 268 -19.45 -10.05 -11.56
N ARG H 269 -19.90 -10.10 -12.81
CA ARG H 269 -20.67 -9.00 -13.41
C ARG H 269 -22.07 -8.93 -12.82
N LEU H 270 -22.58 -10.07 -12.38
CA LEU H 270 -23.85 -10.13 -11.64
C LEU H 270 -23.70 -9.45 -10.28
N ALA H 271 -22.55 -9.67 -9.64
CA ALA H 271 -22.23 -9.03 -8.36
C ALA H 271 -22.05 -7.52 -8.50
N ARG H 272 -21.55 -7.10 -9.67
CA ARG H 272 -21.39 -5.68 -9.99
C ARG H 272 -22.75 -4.97 -10.06
N ALA H 273 -23.74 -5.66 -10.61
CA ALA H 273 -25.09 -5.13 -10.73
C ALA H 273 -25.77 -4.98 -9.37
N TYR H 274 -25.57 -5.97 -8.50
CA TYR H 274 -26.08 -5.93 -7.13
C TYR H 274 -25.41 -4.84 -6.29
N ASN H 275 -24.19 -4.48 -6.69
CA ASN H 275 -23.39 -3.49 -5.97
C ASN H 275 -23.86 -2.05 -6.18
N THR H 276 -24.40 -1.77 -7.36
CA THR H 276 -24.81 -0.41 -7.73
C THR H 276 -26.30 -0.15 -7.53
N VAL H 277 -27.06 -1.22 -7.26
CA VAL H 277 -28.50 -1.10 -7.03
C VAL H 277 -28.84 -1.06 -5.53
N VAL H 278 -28.08 -1.80 -4.72
CA VAL H 278 -28.31 -1.87 -3.28
C VAL H 278 -27.39 -0.90 -2.54
N PRO H 279 -27.98 0.04 -1.79
CA PRO H 279 -27.22 1.03 -1.04
C PRO H 279 -26.72 0.50 0.31
N ALA H 280 -25.99 1.34 1.05
CA ALA H 280 -25.47 1.03 2.39
C ALA H 280 -24.66 -0.27 2.45
N VAL H 284 -19.10 1.60 5.22
CA VAL H 284 -19.02 0.14 5.08
C VAL H 284 -18.28 -0.29 3.80
N LEU H 285 -18.03 0.68 2.91
CA LEU H 285 -17.35 0.41 1.64
C LEU H 285 -15.86 0.19 1.85
N THR H 286 -15.33 -0.84 1.19
CA THR H 286 -13.90 -1.18 1.28
C THR H 286 -13.36 -1.82 -0.01
N GLY H 287 -12.46 -1.11 -0.67
CA GLY H 287 -11.80 -1.60 -1.88
C GLY H 287 -12.61 -1.43 -3.17
N GLY H 288 -13.73 -0.72 -3.06
CA GLY H 288 -14.62 -0.51 -4.21
C GLY H 288 -15.97 -1.16 -4.02
N VAL H 289 -15.96 -2.44 -3.62
CA VAL H 289 -17.18 -3.19 -3.36
C VAL H 289 -17.84 -2.76 -2.05
N ASP H 290 -19.12 -3.09 -1.90
CA ASP H 290 -19.84 -2.85 -0.66
C ASP H 290 -19.85 -4.11 0.20
N ALA H 291 -19.73 -3.92 1.52
CA ALA H 291 -19.77 -5.02 2.48
C ALA H 291 -21.09 -5.79 2.40
N ASN H 292 -22.18 -5.06 2.18
CA ASN H 292 -23.50 -5.64 2.01
C ASN H 292 -23.61 -6.36 0.66
N ALA H 293 -23.69 -5.57 -0.43
CA ALA H 293 -23.85 -6.05 -1.81
C ALA H 293 -23.61 -7.55 -2.03
N LEU H 294 -22.39 -8.01 -1.74
CA LEU H 294 -21.96 -9.40 -1.99
C LEU H 294 -22.90 -10.49 -1.47
N HIS H 295 -23.73 -10.14 -0.49
CA HIS H 295 -24.68 -11.07 0.12
C HIS H 295 -25.64 -11.69 -0.90
N ARG H 296 -26.21 -10.85 -1.77
CA ARG H 296 -27.20 -11.29 -2.75
C ARG H 296 -26.64 -12.26 -3.82
N PRO H 297 -25.50 -11.93 -4.44
CA PRO H 297 -24.82 -12.87 -5.34
C PRO H 297 -24.40 -14.16 -4.64
N LYS H 298 -24.05 -14.05 -3.35
CA LYS H 298 -23.68 -15.21 -2.55
C LYS H 298 -24.91 -16.09 -2.28
N ARG H 299 -26.05 -15.44 -2.10
CA ARG H 299 -27.32 -16.14 -1.85
C ARG H 299 -27.83 -16.82 -3.13
N PHE H 300 -27.57 -16.18 -4.27
CA PHE H 300 -27.92 -16.73 -5.58
C PHE H 300 -27.10 -17.99 -5.86
N PHE H 301 -25.78 -17.87 -5.74
CA PHE H 301 -24.86 -18.96 -6.03
C PHE H 301 -24.97 -20.08 -5.00
N GLY H 302 -25.15 -19.69 -3.73
CA GLY H 302 -25.25 -20.65 -2.63
C GLY H 302 -26.55 -21.43 -2.59
N ALA H 303 -27.47 -21.10 -3.49
CA ALA H 303 -28.75 -21.79 -3.59
C ALA H 303 -28.60 -23.21 -4.15
N ALA H 304 -27.61 -23.38 -5.03
CA ALA H 304 -27.34 -24.69 -5.65
C ALA H 304 -27.06 -25.76 -4.61
N ARG H 305 -27.86 -26.82 -4.64
CA ARG H 305 -27.79 -27.90 -3.64
C ARG H 305 -28.36 -29.22 -4.16
N ASN H 306 -28.03 -30.30 -3.48
CA ASN H 306 -28.60 -31.61 -3.76
C ASN H 306 -29.62 -32.00 -2.70
N VAL H 307 -30.89 -32.07 -3.10
CA VAL H 307 -31.99 -32.36 -2.17
C VAL H 307 -32.10 -33.87 -1.91
N GLU H 308 -32.58 -34.23 -0.72
CA GLU H 308 -32.68 -35.62 -0.31
C GLU H 308 -33.95 -36.30 -0.84
N GLU H 309 -35.09 -35.62 -0.71
CA GLU H 309 -36.39 -36.17 -1.13
C GLU H 309 -36.51 -36.37 -2.64
N GLY H 310 -35.68 -35.67 -3.41
CA GLY H 310 -35.68 -35.78 -4.86
C GLY H 310 -35.32 -34.48 -5.54
N GLY H 311 -34.62 -34.58 -6.68
CA GLY H 311 -34.22 -33.41 -7.45
C GLY H 311 -32.98 -32.73 -6.90
N SER H 312 -32.35 -31.91 -7.74
CA SER H 312 -31.16 -31.15 -7.33
C SER H 312 -30.98 -29.91 -8.21
N LEU H 313 -30.48 -28.84 -7.60
CA LEU H 313 -30.18 -27.60 -8.33
C LEU H 313 -28.67 -27.43 -8.48
N THR H 314 -28.20 -27.45 -9.73
CA THR H 314 -26.78 -27.25 -10.01
C THR H 314 -26.55 -25.89 -10.69
N ILE H 315 -25.50 -25.20 -10.27
CA ILE H 315 -25.13 -23.91 -10.87
C ILE H 315 -23.64 -23.91 -11.22
N ILE H 316 -23.32 -23.61 -12.48
CA ILE H 316 -21.94 -23.52 -12.94
C ILE H 316 -21.65 -22.08 -13.40
N ALA H 317 -21.33 -21.22 -12.44
CA ALA H 317 -21.07 -19.81 -12.70
C ALA H 317 -19.62 -19.57 -13.12
N THR H 318 -19.38 -18.47 -13.85
CA THR H 318 -18.02 -18.12 -14.27
C THR H 318 -17.54 -16.85 -13.59
N ALA H 319 -16.31 -16.89 -13.07
CA ALA H 319 -15.70 -15.73 -12.42
C ALA H 319 -14.56 -15.17 -13.28
N LEU H 320 -14.54 -13.85 -13.45
CA LEU H 320 -13.54 -13.19 -14.28
C LEU H 320 -12.20 -13.05 -13.57
N ILE H 321 -11.13 -13.21 -14.34
CA ILE H 321 -9.75 -13.05 -13.86
C ILE H 321 -8.93 -12.33 -14.92
N ASP H 322 -7.99 -11.49 -14.48
CA ASP H 322 -7.13 -10.72 -15.38
C ASP H 322 -7.93 -9.77 -16.28
N THR H 323 -8.43 -8.70 -15.67
CA THR H 323 -9.25 -7.71 -16.40
C THR H 323 -8.68 -6.30 -16.25
N GLY H 324 -8.06 -6.04 -15.09
CA GLY H 324 -7.54 -4.71 -14.78
C GLY H 324 -8.56 -3.90 -13.99
N SER H 325 -9.19 -4.55 -13.02
CA SER H 325 -10.18 -3.92 -12.17
C SER H 325 -10.12 -4.49 -10.75
N LYS H 326 -9.94 -3.60 -9.78
CA LYS H 326 -9.85 -3.98 -8.36
C LYS H 326 -11.14 -4.66 -7.91
N MET H 327 -12.27 -4.06 -8.26
CA MET H 327 -13.59 -4.60 -7.94
C MET H 327 -13.80 -5.99 -8.54
N ASP H 328 -13.49 -6.12 -9.82
CA ASP H 328 -13.64 -7.39 -10.56
C ASP H 328 -12.77 -8.51 -9.97
N GLU H 329 -11.71 -8.12 -9.25
CA GLU H 329 -10.79 -9.07 -8.65
C GLU H 329 -11.04 -9.29 -7.16
N VAL H 330 -11.74 -8.36 -6.52
CA VAL H 330 -12.13 -8.51 -5.11
C VAL H 330 -13.28 -9.52 -4.98
N ILE H 331 -14.12 -9.60 -6.01
CA ILE H 331 -15.22 -10.57 -6.05
C ILE H 331 -14.75 -12.02 -6.00
N TYR H 332 -13.73 -12.34 -6.81
CA TYR H 332 -13.16 -13.70 -6.83
C TYR H 332 -12.45 -14.03 -5.53
N GLU H 333 -11.88 -13.01 -4.89
CA GLU H 333 -11.26 -13.14 -3.58
C GLU H 333 -12.31 -13.47 -2.50
N GLU H 334 -13.58 -13.36 -2.86
CA GLU H 334 -14.69 -13.57 -1.93
C GLU H 334 -15.53 -14.80 -2.26
N PHE H 335 -15.41 -15.31 -3.48
CA PHE H 335 -16.18 -16.47 -3.93
C PHE H 335 -15.38 -17.78 -3.94
N LYS H 336 -14.12 -17.70 -3.54
CA LYS H 336 -13.25 -18.88 -3.49
C LYS H 336 -13.60 -19.82 -2.36
N GLY H 337 -13.79 -21.09 -2.69
CA GLY H 337 -14.07 -22.13 -1.70
C GLY H 337 -15.55 -22.38 -1.46
N THR H 338 -16.36 -21.33 -1.60
CA THR H 338 -17.81 -21.42 -1.40
C THR H 338 -18.46 -22.42 -2.36
N GLY H 339 -17.83 -22.60 -3.53
CA GLY H 339 -18.27 -23.60 -4.49
C GLY H 339 -17.57 -24.93 -4.28
N ASN H 340 -18.33 -26.02 -4.36
CA ASN H 340 -17.79 -27.37 -4.21
C ASN H 340 -17.14 -27.89 -5.50
N MET H 341 -16.91 -26.99 -6.45
CA MET H 341 -16.34 -27.34 -7.75
C MET H 341 -15.68 -26.12 -8.38
N GLU H 342 -14.51 -26.33 -8.98
CA GLU H 342 -13.84 -25.28 -9.76
C GLU H 342 -13.00 -25.85 -10.90
N LEU H 343 -12.98 -25.14 -12.02
CA LEU H 343 -12.19 -25.51 -13.19
C LEU H 343 -11.61 -24.26 -13.84
N HIS H 344 -10.28 -24.17 -13.84
CA HIS H 344 -9.59 -22.95 -14.27
C HIS H 344 -9.27 -22.94 -15.77
N LEU H 345 -9.28 -21.74 -16.34
CA LEU H 345 -8.77 -21.52 -17.69
C LEU H 345 -7.54 -20.62 -17.63
N SER H 346 -6.58 -20.89 -18.51
CA SER H 346 -5.32 -20.14 -18.52
C SER H 346 -5.14 -19.36 -19.82
N ARG H 347 -4.69 -18.12 -19.68
CA ARG H 347 -4.36 -17.27 -20.83
C ARG H 347 -3.18 -17.86 -21.60
N LYS H 348 -2.17 -18.31 -20.85
CA LYS H 348 -0.93 -18.87 -21.43
C LYS H 348 -1.21 -20.06 -22.34
N ILE H 349 -2.11 -20.94 -21.92
CA ILE H 349 -2.49 -22.12 -22.71
C ILE H 349 -3.29 -21.71 -23.95
N ALA H 350 -4.00 -20.58 -23.85
CA ALA H 350 -4.81 -20.07 -24.97
C ALA H 350 -3.95 -19.38 -26.06
N GLU H 351 -2.69 -19.11 -25.75
CA GLU H 351 -1.79 -18.42 -26.68
C GLU H 351 -1.36 -19.31 -27.84
N LYS H 352 -0.99 -20.56 -27.54
CA LYS H 352 -0.50 -21.50 -28.55
C LYS H 352 -1.65 -22.25 -29.23
N ARG H 353 -2.80 -21.58 -29.35
CA ARG H 353 -4.03 -22.16 -29.91
C ARG H 353 -4.49 -23.44 -29.22
N VAL H 354 -3.94 -23.72 -28.05
CA VAL H 354 -4.38 -24.86 -27.24
C VAL H 354 -5.73 -24.48 -26.61
N PHE H 355 -6.80 -24.92 -27.25
CA PHE H 355 -8.14 -24.38 -27.05
C PHE H 355 -8.87 -24.73 -25.74
N PRO H 356 -8.74 -25.98 -25.24
CA PRO H 356 -9.38 -26.34 -23.98
C PRO H 356 -8.97 -25.41 -22.83
N ALA H 357 -7.67 -25.10 -22.77
CA ALA H 357 -7.11 -24.17 -21.78
C ALA H 357 -7.41 -24.53 -20.33
N ILE H 358 -7.93 -25.74 -20.11
CA ILE H 358 -8.21 -26.24 -18.77
C ILE H 358 -6.91 -26.39 -17.98
N ASP H 359 -6.74 -25.55 -16.97
CA ASP H 359 -5.58 -25.60 -16.10
C ASP H 359 -5.71 -26.79 -15.16
N TYR H 360 -5.33 -27.96 -15.67
CA TYR H 360 -5.55 -29.24 -15.00
C TYR H 360 -5.03 -29.28 -13.55
N ASN H 361 -3.90 -28.62 -13.31
CA ASN H 361 -3.25 -28.63 -12.00
C ASN H 361 -4.02 -27.89 -10.90
N ARG H 362 -4.78 -26.87 -11.29
CA ARG H 362 -5.55 -26.07 -10.33
C ARG H 362 -7.01 -26.52 -10.22
N SER H 363 -7.42 -27.43 -11.11
CA SER H 363 -8.79 -27.93 -11.15
C SER H 363 -9.07 -28.95 -10.06
N GLY H 364 -10.18 -29.69 -10.21
CA GLY H 364 -10.59 -30.68 -9.23
C GLY H 364 -11.92 -30.36 -8.60
N THR H 365 -12.76 -31.38 -8.42
CA THR H 365 -14.05 -31.22 -7.76
C THR H 365 -14.02 -31.77 -6.34
N ARG H 366 -14.32 -30.89 -5.38
CA ARG H 366 -14.37 -31.24 -3.97
C ARG H 366 -15.32 -32.40 -3.72
N LYS H 367 -14.86 -33.38 -2.95
CA LYS H 367 -15.61 -34.60 -2.64
C LYS H 367 -15.94 -35.41 -3.90
N GLU H 368 -14.91 -35.67 -4.71
CA GLU H 368 -15.04 -36.46 -5.94
C GLU H 368 -15.20 -37.95 -5.67
N GLU H 369 -15.09 -38.34 -4.40
CA GLU H 369 -15.17 -39.74 -3.97
C GLU H 369 -16.59 -40.34 -4.11
N LEU H 370 -17.52 -39.54 -4.62
CA LEU H 370 -18.90 -39.99 -4.80
C LEU H 370 -19.38 -39.87 -6.25
N LEU H 371 -18.50 -39.40 -7.13
CA LEU H 371 -18.82 -39.20 -8.54
C LEU H 371 -18.04 -40.15 -9.45
N THR H 372 -17.27 -41.05 -8.85
CA THR H 372 -16.50 -42.04 -9.58
C THR H 372 -16.69 -43.42 -8.96
N THR H 373 -16.48 -44.46 -9.76
CA THR H 373 -16.45 -45.83 -9.25
C THR H 373 -15.15 -46.05 -8.48
N GLN H 374 -15.14 -47.04 -7.60
CA GLN H 374 -14.00 -47.32 -6.71
C GLN H 374 -12.67 -47.46 -7.45
N GLU H 375 -12.72 -47.87 -8.72
CA GLU H 375 -11.53 -48.02 -9.55
C GLU H 375 -11.28 -46.85 -10.50
N GLU H 376 -12.28 -45.98 -10.67
CA GLU H 376 -12.15 -44.82 -11.55
C GLU H 376 -11.32 -43.70 -10.91
N LEU H 377 -11.53 -43.51 -9.60
CA LEU H 377 -10.78 -42.51 -8.83
C LEU H 377 -9.29 -42.84 -8.79
N GLN H 378 -8.97 -44.12 -8.99
CA GLN H 378 -7.59 -44.59 -9.07
C GLN H 378 -6.90 -44.12 -10.34
N LYS H 379 -7.48 -44.49 -11.50
CA LYS H 379 -6.94 -44.11 -12.81
C LYS H 379 -6.76 -42.60 -12.94
N MET H 380 -7.71 -41.84 -12.41
CA MET H 380 -7.64 -40.39 -12.37
C MET H 380 -6.42 -39.91 -11.58
N TRP H 381 -6.20 -40.53 -10.42
CA TRP H 381 -5.06 -40.21 -9.56
C TRP H 381 -3.71 -40.60 -10.15
N ILE H 382 -3.72 -41.53 -11.11
CA ILE H 382 -2.51 -41.89 -11.86
C ILE H 382 -2.20 -40.80 -12.89
N LEU H 383 -3.25 -40.19 -13.44
CA LEU H 383 -3.11 -39.10 -14.41
C LEU H 383 -2.60 -37.82 -13.75
N ARG H 384 -3.25 -37.43 -12.65
CA ARG H 384 -2.87 -36.21 -11.91
C ARG H 384 -1.45 -36.30 -11.34
N LYS H 385 -0.97 -37.52 -11.16
CA LYS H 385 0.37 -37.77 -10.63
C LYS H 385 1.47 -37.43 -11.62
N ILE H 386 1.22 -37.70 -12.91
CA ILE H 386 2.19 -37.41 -13.96
C ILE H 386 2.05 -35.98 -14.50
N ILE H 387 0.95 -35.31 -14.14
CA ILE H 387 0.68 -33.94 -14.56
C ILE H 387 1.12 -32.93 -13.50
N HIS H 388 1.08 -33.34 -12.23
CA HIS H 388 1.42 -32.46 -11.10
C HIS H 388 2.80 -31.79 -11.23
N PRO H 389 3.87 -32.57 -11.50
CA PRO H 389 5.19 -31.98 -11.73
C PRO H 389 5.37 -31.46 -13.16
N MET H 390 4.51 -31.89 -14.08
CA MET H 390 4.60 -31.50 -15.49
C MET H 390 4.31 -30.01 -15.69
N GLY H 391 4.81 -29.45 -16.79
CA GLY H 391 4.62 -28.05 -17.13
C GLY H 391 3.16 -27.62 -17.20
N GLU H 392 2.93 -26.32 -17.02
CA GLU H 392 1.57 -25.79 -16.89
C GLU H 392 0.90 -25.47 -18.23
N ILE H 393 1.64 -25.66 -19.33
CA ILE H 393 1.11 -25.43 -20.67
C ILE H 393 1.27 -26.69 -21.54
N ASP H 394 2.39 -27.38 -21.37
CA ASP H 394 2.70 -28.60 -22.12
C ASP H 394 1.80 -29.78 -21.74
N ALA H 395 1.24 -29.72 -20.53
CA ALA H 395 0.36 -30.78 -20.02
C ALA H 395 -0.97 -30.84 -20.77
N MET H 396 -1.45 -29.68 -21.22
CA MET H 396 -2.69 -29.61 -22.00
C MET H 396 -2.47 -30.11 -23.44
N GLU H 397 -1.21 -30.11 -23.86
CA GLU H 397 -0.83 -30.63 -25.18
C GLU H 397 -0.70 -32.16 -25.15
N PHE H 398 -0.61 -32.70 -23.94
CA PHE H 398 -0.55 -34.15 -23.72
C PHE H 398 -1.94 -34.79 -23.85
N LEU H 399 -2.97 -33.95 -24.00
CA LEU H 399 -4.35 -34.41 -24.18
C LEU H 399 -4.93 -34.07 -25.55
N ILE H 400 -4.33 -33.07 -26.22
CA ILE H 400 -4.73 -32.70 -27.57
C ILE H 400 -4.02 -33.57 -28.62
N ASN H 401 -2.89 -34.15 -28.24
CA ASN H 401 -2.13 -35.02 -29.14
C ASN H 401 -2.25 -36.50 -28.81
N LYS H 402 -2.22 -36.83 -27.52
CA LYS H 402 -2.24 -38.22 -27.07
C LYS H 402 -3.64 -38.75 -26.77
N LEU H 403 -4.46 -37.93 -26.12
CA LEU H 403 -5.84 -38.30 -25.80
C LEU H 403 -6.77 -38.18 -27.01
N ALA H 404 -6.46 -37.24 -27.89
CA ALA H 404 -7.23 -37.03 -29.12
C ALA H 404 -7.13 -38.21 -30.08
N MET H 405 -6.20 -39.12 -29.80
CA MET H 405 -6.08 -40.37 -30.55
C MET H 405 -7.27 -41.28 -30.26
N THR H 406 -7.94 -41.02 -29.14
CA THR H 406 -9.11 -41.80 -28.71
C THR H 406 -10.27 -40.89 -28.27
N LYS H 407 -10.96 -41.30 -27.19
CA LYS H 407 -12.09 -40.56 -26.61
C LYS H 407 -11.75 -40.02 -25.20
N THR H 408 -11.76 -40.90 -24.19
CA THR H 408 -11.17 -40.65 -22.84
C THR H 408 -11.49 -41.77 -21.88
N ASN H 409 -12.48 -42.58 -22.21
CA ASN H 409 -12.75 -43.76 -21.42
C ASN H 409 -11.84 -44.89 -21.89
N ASP H 410 -11.34 -45.67 -20.96
CA ASP H 410 -10.42 -46.76 -21.27
C ASP H 410 -9.21 -46.26 -22.06
N ASP H 411 -8.19 -45.84 -21.33
CA ASP H 411 -7.02 -45.21 -21.94
C ASP H 411 -5.72 -45.74 -21.36
N PHE H 412 -5.84 -46.52 -20.29
CA PHE H 412 -4.70 -47.01 -19.52
C PHE H 412 -3.61 -47.70 -20.33
N PHE H 413 -4.01 -48.62 -21.21
CA PHE H 413 -3.08 -49.43 -21.98
C PHE H 413 -2.24 -48.57 -22.92
N GLU H 414 -2.86 -47.54 -23.49
CA GLU H 414 -2.18 -46.61 -24.40
C GLU H 414 -1.22 -45.69 -23.67
N MET H 415 -1.61 -45.29 -22.45
CA MET H 415 -0.75 -44.48 -21.60
C MET H 415 0.51 -45.29 -21.25
N MET H 416 0.34 -46.61 -21.15
CA MET H 416 1.46 -47.51 -20.83
C MET H 416 2.56 -47.57 -21.94
N LYS H 417 2.17 -47.75 -23.22
CA LYS H 417 3.12 -47.80 -24.37
C LYS H 417 4.12 -46.63 -24.36
N MET I 1 -48.42 -29.67 21.06
CA MET I 1 -47.78 -30.39 22.21
C MET I 1 -46.49 -29.69 22.67
N ASN I 2 -45.50 -30.48 23.05
CA ASN I 2 -44.17 -29.96 23.40
C ASN I 2 -43.56 -29.20 22.23
N LEU I 3 -43.27 -27.91 22.47
CA LEU I 3 -42.77 -27.00 21.44
C LEU I 3 -41.46 -27.48 20.81
N THR I 4 -40.51 -27.86 21.66
CA THR I 4 -39.19 -28.30 21.21
C THR I 4 -39.20 -29.70 20.57
N GLU I 5 -40.33 -30.40 20.72
CA GLU I 5 -40.53 -31.69 20.07
C GLU I 5 -41.05 -31.50 18.64
N LEU I 6 -42.00 -30.58 18.48
CA LEU I 6 -42.55 -30.24 17.17
C LEU I 6 -41.49 -29.62 16.26
N LYS I 7 -40.49 -28.99 16.88
CA LYS I 7 -39.39 -28.35 16.15
C LYS I 7 -38.34 -29.36 15.69
N ASN I 8 -38.32 -30.53 16.34
CA ASN I 8 -37.36 -31.59 15.99
C ASN I 8 -37.96 -32.69 15.11
N THR I 9 -39.24 -32.55 14.76
CA THR I 9 -39.89 -33.44 13.79
C THR I 9 -39.81 -32.81 12.40
N PRO I 10 -39.40 -33.60 11.40
CA PRO I 10 -39.20 -33.12 10.03
C PRO I 10 -40.39 -32.37 9.42
N VAL I 11 -40.11 -31.57 8.40
CA VAL I 11 -41.11 -30.73 7.72
C VAL I 11 -42.23 -31.57 7.12
N SER I 12 -41.86 -32.70 6.52
CA SER I 12 -42.82 -33.61 5.89
C SER I 12 -43.68 -34.35 6.92
N GLU I 13 -43.32 -34.23 8.19
CA GLU I 13 -44.09 -34.80 9.30
C GLU I 13 -45.08 -33.79 9.86
N LEU I 14 -44.79 -32.50 9.66
CA LEU I 14 -45.62 -31.42 10.20
C LEU I 14 -46.74 -31.00 9.26
N ILE I 15 -46.53 -31.18 7.96
CA ILE I 15 -47.58 -30.92 6.96
C ILE I 15 -48.56 -32.10 6.92
N THR I 16 -48.06 -33.28 7.28
CA THR I 16 -48.89 -34.48 7.36
C THR I 16 -49.70 -34.51 8.65
N LEU I 17 -49.00 -34.44 9.78
CA LEU I 17 -49.64 -34.50 11.10
C LEU I 17 -49.91 -33.10 11.68
N GLY I 18 -50.19 -32.15 10.80
CA GLY I 18 -50.51 -30.78 11.20
C GLY I 18 -51.83 -30.30 10.62
N GLU I 19 -52.19 -30.85 9.45
CA GLU I 19 -53.48 -30.57 8.82
C GLU I 19 -54.61 -31.35 9.49
N ASN I 20 -54.23 -32.37 10.26
CA ASN I 20 -55.19 -33.23 10.95
C ASN I 20 -55.85 -32.57 12.16
N MET I 21 -55.85 -31.23 12.16
CA MET I 21 -56.51 -30.44 13.19
C MET I 21 -57.48 -29.43 12.58
N GLY I 22 -57.36 -29.22 11.27
CA GLY I 22 -58.21 -28.28 10.55
C GLY I 22 -57.41 -27.15 9.93
N LEU I 23 -56.18 -27.45 9.51
CA LEU I 23 -55.29 -26.47 8.91
C LEU I 23 -55.07 -26.73 7.44
N GLU I 24 -54.93 -25.66 6.66
CA GLU I 24 -54.75 -25.74 5.22
C GLU I 24 -53.84 -24.62 4.70
N ASN I 25 -53.53 -24.68 3.41
CA ASN I 25 -52.66 -23.69 2.73
C ASN I 25 -51.24 -23.57 3.33
N LEU I 26 -50.94 -24.41 4.32
CA LEU I 26 -49.62 -24.47 4.91
C LEU I 26 -48.72 -25.51 4.24
N ALA I 27 -49.19 -26.03 3.10
CA ALA I 27 -48.41 -26.96 2.28
C ALA I 27 -47.07 -26.34 1.87
N ARG I 28 -47.07 -25.03 1.69
CA ARG I 28 -45.85 -24.27 1.41
C ARG I 28 -45.63 -23.14 2.42
N MET I 29 -45.34 -23.52 3.66
CA MET I 29 -44.95 -22.57 4.71
C MET I 29 -43.64 -22.98 5.36
N ARG I 30 -42.83 -22.00 5.73
CA ARG I 30 -41.55 -22.24 6.38
C ARG I 30 -41.71 -23.07 7.66
N LYS I 31 -40.71 -23.90 7.94
CA LYS I 31 -40.73 -24.78 9.12
C LYS I 31 -40.95 -24.00 10.42
N GLN I 32 -40.65 -22.70 10.38
CA GLN I 32 -40.82 -21.81 11.53
C GLN I 32 -42.23 -21.22 11.58
N ASP I 33 -43.02 -21.44 10.53
CA ASP I 33 -44.38 -20.94 10.43
C ASP I 33 -45.45 -22.01 10.62
N ILE I 34 -45.13 -23.24 10.23
CA ILE I 34 -46.04 -24.37 10.47
C ILE I 34 -46.16 -24.63 11.96
N ILE I 35 -45.06 -24.38 12.68
CA ILE I 35 -45.04 -24.48 14.15
C ILE I 35 -46.03 -23.51 14.78
N PHE I 36 -46.03 -22.27 14.32
CA PHE I 36 -46.93 -21.23 14.83
C PHE I 36 -48.40 -21.53 14.53
N ALA I 37 -48.65 -22.15 13.37
CA ALA I 37 -50.01 -22.52 12.96
C ALA I 37 -50.53 -23.74 13.72
N ILE I 38 -49.67 -24.74 13.92
CA ILE I 38 -50.02 -25.97 14.64
C ILE I 38 -50.18 -25.72 16.14
N LEU I 39 -49.31 -24.89 16.71
CA LEU I 39 -49.38 -24.54 18.12
C LEU I 39 -50.63 -23.73 18.48
N LYS I 40 -51.09 -22.91 17.53
CA LYS I 40 -52.32 -22.15 17.70
C LYS I 40 -53.57 -23.05 17.67
N GLN I 41 -53.54 -24.05 16.79
CA GLN I 41 -54.62 -25.03 16.69
C GLN I 41 -54.47 -26.14 17.74
N HIS I 42 -54.19 -25.74 18.97
CA HIS I 42 -54.06 -26.66 20.10
C HIS I 42 -54.49 -25.98 21.40
N ALA I 43 -55.14 -24.82 21.27
CA ALA I 43 -55.63 -24.05 22.41
C ALA I 43 -56.98 -24.62 22.90
N LYS I 44 -56.94 -25.86 23.37
CA LYS I 44 -58.13 -26.54 23.89
C LYS I 44 -57.84 -27.09 25.29
N SER I 45 -56.57 -27.03 25.69
CA SER I 45 -56.14 -27.53 26.99
C SER I 45 -55.34 -26.48 27.77
N GLY I 46 -55.25 -26.68 29.08
CA GLY I 46 -54.52 -25.78 29.96
C GLY I 46 -53.03 -26.08 30.02
N GLU I 47 -52.68 -27.35 29.80
CA GLU I 47 -51.29 -27.80 29.81
C GLU I 47 -50.88 -28.41 28.46
N ASP I 48 -49.83 -29.23 28.48
CA ASP I 48 -49.25 -29.85 27.28
C ASP I 48 -48.62 -28.83 26.33
N ILE I 49 -48.69 -27.55 26.70
CA ILE I 49 -48.03 -26.47 25.97
C ILE I 49 -46.74 -26.05 26.69
N PHE I 50 -45.71 -26.88 26.56
CA PHE I 50 -44.42 -26.63 27.19
C PHE I 50 -43.35 -26.34 26.14
N GLY I 51 -42.44 -25.44 26.47
CA GLY I 51 -41.37 -25.06 25.55
C GLY I 51 -40.10 -24.59 26.22
N ASP I 52 -39.04 -24.45 25.42
CA ASP I 52 -37.75 -23.95 25.92
C ASP I 52 -36.98 -23.19 24.84
N GLY I 53 -35.89 -22.54 25.25
CA GLY I 53 -35.04 -21.79 24.33
C GLY I 53 -34.07 -20.90 25.07
N VAL I 54 -33.02 -20.48 24.36
CA VAL I 54 -32.02 -19.57 24.93
C VAL I 54 -32.52 -18.13 24.81
N LEU I 55 -32.53 -17.43 25.94
CA LEU I 55 -33.04 -16.06 26.01
C LEU I 55 -32.11 -15.05 25.31
N GLU I 56 -32.71 -14.13 24.59
CA GLU I 56 -31.98 -13.06 23.93
C GLU I 56 -32.62 -11.71 24.23
N ILE I 57 -32.11 -11.05 25.28
CA ILE I 57 -32.60 -9.72 25.67
C ILE I 57 -32.20 -8.69 24.61
N LEU I 58 -33.20 -8.15 23.94
CA LEU I 58 -32.97 -7.20 22.85
C LEU I 58 -32.64 -5.80 23.36
N GLN I 59 -32.15 -4.95 22.47
CA GLN I 59 -31.71 -3.60 22.81
C GLN I 59 -32.87 -2.72 23.30
N ASP I 60 -34.09 -3.19 23.11
CA ASP I 60 -35.30 -2.47 23.54
C ASP I 60 -35.58 -2.66 25.03
N GLY I 61 -35.25 -3.84 25.55
CA GLY I 61 -35.44 -4.14 26.97
C GLY I 61 -36.04 -5.51 27.22
N PHE I 62 -36.92 -5.95 26.32
CA PHE I 62 -37.57 -7.25 26.42
C PHE I 62 -36.70 -8.36 25.80
N GLY I 63 -37.19 -9.60 25.86
CA GLY I 63 -36.46 -10.75 25.33
C GLY I 63 -37.31 -11.81 24.68
N PHE I 64 -36.65 -12.73 23.99
CA PHE I 64 -37.32 -13.86 23.34
C PHE I 64 -36.55 -15.17 23.57
N LEU I 65 -37.22 -16.29 23.38
CA LEU I 65 -36.58 -17.60 23.46
C LEU I 65 -36.35 -18.17 22.06
N ARG I 66 -35.10 -18.13 21.62
CA ARG I 66 -34.71 -18.64 20.31
C ARG I 66 -34.36 -20.12 20.38
N SER I 67 -34.69 -20.86 19.33
CA SER I 67 -34.42 -22.29 19.27
C SER I 67 -33.08 -22.59 18.60
N ALA I 68 -32.34 -23.53 19.16
CA ALA I 68 -31.04 -23.93 18.63
C ALA I 68 -31.16 -24.73 17.33
N ASP I 69 -32.35 -25.28 17.09
CA ASP I 69 -32.64 -26.05 15.88
C ASP I 69 -32.57 -25.19 14.62
N SER I 70 -32.97 -23.92 14.75
CA SER I 70 -32.90 -22.97 13.64
C SER I 70 -31.63 -22.11 13.72
N SER I 71 -30.70 -22.51 14.60
CA SER I 71 -29.47 -21.74 14.89
C SER I 71 -29.79 -20.33 15.40
N TYR I 72 -30.80 -20.24 16.25
CA TYR I 72 -31.24 -18.99 16.90
C TYR I 72 -31.65 -17.90 15.89
N LEU I 73 -32.34 -18.33 14.84
CA LEU I 73 -32.85 -17.41 13.83
C LEU I 73 -34.21 -16.85 14.24
N ALA I 74 -34.31 -15.52 14.25
CA ALA I 74 -35.55 -14.84 14.63
C ALA I 74 -36.71 -15.31 13.76
N GLY I 75 -37.68 -15.98 14.39
CA GLY I 75 -38.82 -16.55 13.68
C GLY I 75 -40.14 -16.40 14.40
N PRO I 76 -41.22 -16.85 13.76
CA PRO I 76 -42.57 -16.75 14.31
C PRO I 76 -42.88 -17.77 15.42
N ASP I 77 -41.90 -18.55 15.84
CA ASP I 77 -42.11 -19.59 16.87
C ASP I 77 -41.46 -19.28 18.22
N ASP I 78 -40.78 -18.14 18.30
CA ASP I 78 -40.08 -17.74 19.52
C ASP I 78 -41.05 -17.42 20.66
N ILE I 79 -40.63 -17.75 21.89
CA ILE I 79 -41.46 -17.52 23.07
C ILE I 79 -41.12 -16.17 23.71
N TYR I 80 -42.14 -15.33 23.88
CA TYR I 80 -41.98 -13.98 24.44
C TYR I 80 -41.72 -14.00 25.95
N VAL I 81 -40.72 -13.24 26.36
CA VAL I 81 -40.42 -13.02 27.77
C VAL I 81 -40.55 -11.53 28.07
N SER I 82 -41.45 -11.18 28.98
CA SER I 82 -41.68 -9.79 29.36
C SER I 82 -40.45 -9.20 30.07
N PRO I 83 -40.20 -7.91 29.88
CA PRO I 83 -39.08 -7.22 30.55
C PRO I 83 -39.23 -7.19 32.07
N SER I 84 -40.38 -7.66 32.57
CA SER I 84 -40.64 -7.76 34.00
C SER I 84 -40.22 -9.14 34.54
N GLN I 85 -40.32 -10.15 33.68
CA GLN I 85 -39.88 -11.51 34.02
C GLN I 85 -38.36 -11.60 34.15
N ILE I 86 -37.67 -10.83 33.30
CA ILE I 86 -36.21 -10.74 33.33
C ILE I 86 -35.73 -10.12 34.65
N ARG I 87 -36.48 -9.14 35.13
CA ARG I 87 -36.15 -8.43 36.36
C ARG I 87 -36.30 -9.29 37.61
N ARG I 88 -37.30 -10.18 37.61
CA ARG I 88 -37.59 -11.04 38.77
C ARG I 88 -36.53 -12.12 38.98
N PHE I 89 -36.29 -12.94 37.96
CA PHE I 89 -35.36 -14.05 38.06
C PHE I 89 -33.93 -13.66 37.71
N ASN I 90 -33.69 -12.35 37.58
CA ASN I 90 -32.39 -11.80 37.16
C ASN I 90 -31.79 -12.54 35.96
N LEU I 91 -32.41 -12.34 34.80
CA LEU I 91 -32.05 -13.10 33.59
C LEU I 91 -31.07 -12.34 32.69
N ARG I 92 -30.24 -13.09 31.98
CA ARG I 92 -29.27 -12.53 31.04
C ARG I 92 -29.45 -13.19 29.67
N THR I 93 -28.96 -12.53 28.62
CA THR I 93 -29.07 -13.05 27.26
C THR I 93 -28.16 -14.26 27.01
N GLY I 94 -28.58 -15.42 27.53
CA GLY I 94 -27.80 -16.65 27.42
C GLY I 94 -28.40 -17.78 28.24
N ASP I 95 -29.41 -17.44 29.05
CA ASP I 95 -30.10 -18.40 29.92
C ASP I 95 -30.99 -19.34 29.12
N THR I 96 -31.00 -20.61 29.53
CA THR I 96 -31.87 -21.62 28.92
C THR I 96 -33.11 -21.82 29.78
N ILE I 97 -34.18 -21.10 29.43
CA ILE I 97 -35.45 -21.19 30.17
C ILE I 97 -36.32 -22.33 29.65
N SER I 98 -36.81 -23.16 30.57
CA SER I 98 -37.75 -24.22 30.26
C SER I 98 -38.99 -24.09 31.12
N GLY I 99 -40.18 -24.17 30.51
CA GLY I 99 -41.43 -24.08 31.26
C GLY I 99 -42.70 -23.89 30.45
N LYS I 100 -43.81 -23.73 31.16
CA LYS I 100 -45.13 -23.54 30.56
C LYS I 100 -45.22 -22.26 29.74
N ILE I 101 -45.95 -22.32 28.63
CA ILE I 101 -46.15 -21.15 27.76
C ILE I 101 -47.62 -20.96 27.39
N ARG I 102 -48.04 -19.70 27.29
CA ARG I 102 -49.43 -19.37 26.94
C ARG I 102 -49.56 -18.81 25.52
N PRO I 103 -50.64 -19.20 24.83
CA PRO I 103 -50.93 -18.71 23.47
C PRO I 103 -51.26 -17.20 23.45
N PRO I 104 -51.16 -16.57 22.27
CA PRO I 104 -51.44 -15.14 22.12
C PRO I 104 -52.86 -14.71 22.48
N LYS I 105 -53.08 -13.41 22.63
CA LYS I 105 -54.36 -12.87 23.08
C LYS I 105 -54.78 -11.62 22.29
N GLU I 106 -55.09 -11.81 21.00
CA GLU I 106 -55.59 -10.75 20.11
C GLU I 106 -54.63 -9.57 19.93
N GLY I 107 -54.11 -9.40 18.72
CA GLY I 107 -53.10 -8.38 18.44
C GLY I 107 -51.76 -8.76 19.06
N GLU I 108 -51.65 -10.01 19.49
CA GLU I 108 -50.44 -10.55 20.09
C GLU I 108 -49.80 -11.51 19.09
N ARG I 109 -48.52 -11.32 18.83
CA ARG I 109 -47.84 -12.04 17.75
C ARG I 109 -47.16 -13.33 18.21
N TYR I 110 -46.67 -13.34 19.45
CA TYR I 110 -45.87 -14.46 19.94
C TYR I 110 -46.42 -15.08 21.23
N PHE I 111 -46.13 -16.36 21.43
CA PHE I 111 -46.46 -17.08 22.65
C PHE I 111 -45.67 -16.53 23.82
N ALA I 112 -46.36 -16.26 24.93
CA ALA I 112 -45.72 -15.72 26.13
C ALA I 112 -45.39 -16.82 27.12
N LEU I 113 -44.37 -16.57 27.95
CA LEU I 113 -43.96 -17.52 28.99
C LEU I 113 -44.92 -17.47 30.17
N LEU I 114 -45.48 -18.63 30.52
CA LEU I 114 -46.46 -18.74 31.59
C LEU I 114 -45.80 -19.04 32.94
N LYS I 115 -45.09 -20.17 33.01
CA LYS I 115 -44.41 -20.57 34.24
C LYS I 115 -42.94 -20.88 34.02
N VAL I 116 -42.10 -20.40 34.93
CA VAL I 116 -40.67 -20.63 34.87
C VAL I 116 -40.30 -21.86 35.71
N ASN I 117 -40.12 -22.99 35.02
CA ASN I 117 -39.79 -24.25 35.67
C ASN I 117 -38.30 -24.42 35.93
N GLU I 118 -37.54 -24.72 34.88
CA GLU I 118 -36.10 -24.96 35.00
C GLU I 118 -35.30 -23.92 34.22
N VAL I 119 -34.38 -23.25 34.92
CA VAL I 119 -33.49 -22.25 34.31
C VAL I 119 -32.05 -22.74 34.38
N ASN I 120 -31.39 -22.79 33.23
CA ASN I 120 -30.04 -23.37 33.10
C ASN I 120 -29.96 -24.79 33.66
N PHE I 121 -31.08 -25.52 33.54
CA PHE I 121 -31.25 -26.85 34.13
C PHE I 121 -31.08 -26.83 35.66
N ASP I 122 -31.76 -25.88 36.31
CA ASP I 122 -31.65 -25.69 37.76
C ASP I 122 -32.91 -25.01 38.31
N LYS I 123 -32.82 -24.52 39.55
CA LYS I 123 -33.92 -23.79 40.18
C LYS I 123 -33.78 -22.28 39.96
N PRO I 124 -34.88 -21.64 39.55
CA PRO I 124 -34.87 -20.24 39.09
C PRO I 124 -34.39 -19.18 40.11
N GLU I 125 -34.10 -19.59 41.34
CA GLU I 125 -33.60 -18.66 42.36
C GLU I 125 -32.10 -18.78 42.60
N ASN I 126 -31.37 -19.22 41.57
CA ASN I 126 -29.93 -19.34 41.63
C ASN I 126 -29.26 -18.81 40.37
N ASN I 129 -25.35 -17.07 41.44
CA ASN I 129 -24.07 -17.34 40.77
C ASN I 129 -23.40 -16.06 40.29
N LYS I 130 -22.11 -16.15 39.99
CA LYS I 130 -21.34 -15.00 39.50
C LYS I 130 -21.09 -15.12 38.01
N ILE I 131 -21.27 -14.01 37.28
CA ILE I 131 -21.02 -13.96 35.84
C ILE I 131 -19.57 -14.36 35.51
N LEU I 132 -19.40 -15.05 34.39
CA LEU I 132 -18.10 -15.57 33.95
C LEU I 132 -16.98 -14.54 33.99
N PHE I 133 -17.34 -13.26 33.84
CA PHE I 133 -16.38 -12.17 33.77
C PHE I 133 -15.60 -11.91 35.06
N GLU I 134 -16.22 -12.20 36.20
CA GLU I 134 -15.58 -11.99 37.51
C GLU I 134 -15.03 -13.30 38.11
N ASN I 135 -15.15 -14.39 37.36
CA ASN I 135 -14.54 -15.66 37.73
C ASN I 135 -13.02 -15.59 37.63
N LEU I 136 -12.33 -16.19 38.61
CA LEU I 136 -10.88 -16.15 38.67
C LEU I 136 -10.22 -17.08 37.65
N THR I 137 -9.04 -16.70 37.18
CA THR I 137 -8.41 -17.38 36.04
C THR I 137 -6.94 -17.80 36.24
N PRO I 138 -6.68 -18.83 37.07
CA PRO I 138 -5.34 -19.41 37.22
C PRO I 138 -4.80 -19.99 35.89
N LEU I 139 -3.60 -20.58 35.93
CA LEU I 139 -2.92 -21.04 34.71
C LEU I 139 -3.67 -22.16 33.98
N HIS I 140 -4.96 -22.28 34.29
CA HIS I 140 -5.88 -23.19 33.61
C HIS I 140 -5.26 -24.40 32.89
N ALA I 141 -5.53 -25.58 33.48
CA ALA I 141 -5.07 -26.91 33.09
C ALA I 141 -5.67 -27.86 34.13
N ASN I 142 -4.87 -28.78 34.68
CA ASN I 142 -5.30 -29.65 35.79
C ASN I 142 -6.17 -30.84 35.39
N SER I 143 -7.01 -30.65 34.39
CA SER I 143 -7.94 -31.69 33.96
C SER I 143 -7.85 -31.95 32.45
N ARG I 144 -7.30 -33.11 32.11
CA ARG I 144 -7.08 -33.50 30.72
C ARG I 144 -8.30 -34.15 30.09
N LEU I 145 -8.60 -33.73 28.86
CA LEU I 145 -9.64 -34.33 28.04
C LEU I 145 -9.00 -35.23 26.99
N ARG I 146 -8.86 -36.51 27.34
CA ARG I 146 -8.23 -37.48 26.44
C ARG I 146 -9.11 -37.85 25.25
N MET I 147 -8.49 -37.91 24.08
CA MET I 147 -9.20 -38.21 22.83
C MET I 147 -9.01 -39.67 22.42
N GLY I 152 -10.08 -49.43 19.05
CA GLY I 152 -8.80 -49.17 18.40
C GLY I 152 -8.87 -49.33 16.89
N SER I 153 -9.74 -48.55 16.26
CA SER I 153 -9.92 -48.57 14.81
C SER I 153 -9.01 -47.56 14.10
N THR I 154 -9.16 -47.47 12.78
CA THR I 154 -8.36 -46.55 11.96
C THR I 154 -8.71 -45.07 12.22
N GLU I 155 -9.95 -44.81 12.62
CA GLU I 155 -10.39 -43.46 12.96
C GLU I 155 -9.69 -42.95 14.22
N ASP I 156 -9.37 -43.87 15.12
CA ASP I 156 -8.72 -43.54 16.39
C ASP I 156 -7.27 -43.10 16.22
N LEU I 157 -6.74 -43.25 15.01
CA LEU I 157 -5.36 -42.83 14.69
C LEU I 157 -5.19 -41.31 14.80
N THR I 158 -6.23 -40.56 14.43
CA THR I 158 -6.23 -39.10 14.52
C THR I 158 -6.20 -38.64 15.98
N ALA I 159 -7.10 -39.21 16.79
CA ALA I 159 -7.23 -38.86 18.21
C ALA I 159 -5.99 -39.19 19.02
N ARG I 160 -5.32 -40.28 18.67
CA ARG I 160 -4.11 -40.73 19.35
C ARG I 160 -2.92 -39.83 19.07
N VAL I 161 -2.70 -39.50 17.79
CA VAL I 161 -1.66 -38.56 17.37
C VAL I 161 -1.89 -37.19 18.01
N LEU I 162 -3.15 -36.75 17.97
CA LEU I 162 -3.56 -35.47 18.55
C LEU I 162 -3.14 -35.36 20.02
N ASP I 163 -3.33 -36.45 20.76
CA ASP I 163 -2.93 -36.51 22.17
C ASP I 163 -1.41 -36.40 22.36
N LEU I 164 -0.66 -37.05 21.47
CA LEU I 164 0.81 -37.02 21.52
C LEU I 164 1.37 -35.67 21.09
N ALA I 165 0.76 -35.10 20.04
CA ALA I 165 1.21 -33.82 19.48
C ALA I 165 0.80 -32.64 20.37
N SER I 166 -0.50 -32.53 20.66
CA SER I 166 -1.02 -31.43 21.44
C SER I 166 -2.19 -31.85 22.34
N PRO I 167 -1.88 -32.22 23.59
CA PRO I 167 -2.90 -32.62 24.56
C PRO I 167 -3.85 -31.47 24.92
N ILE I 168 -5.15 -31.72 24.80
CA ILE I 168 -6.17 -30.73 25.14
C ILE I 168 -6.58 -30.87 26.60
N GLY I 169 -6.69 -29.74 27.29
CA GLY I 169 -7.05 -29.73 28.70
C GLY I 169 -8.23 -28.84 29.03
N ARG I 170 -9.24 -29.44 29.66
CA ARG I 170 -10.46 -28.75 30.10
C ARG I 170 -10.24 -27.27 30.39
N GLY I 171 -10.75 -26.41 29.51
CA GLY I 171 -10.57 -24.97 29.60
C GLY I 171 -9.44 -24.47 28.71
N GLN I 172 -9.29 -25.10 27.56
CA GLN I 172 -8.20 -24.81 26.63
C GLN I 172 -8.59 -23.82 25.54
N ARG I 173 -7.64 -22.97 25.16
CA ARG I 173 -7.82 -22.04 24.06
C ARG I 173 -7.11 -22.60 22.82
N GLY I 174 -7.75 -23.59 22.20
CA GLY I 174 -7.16 -24.30 21.07
C GLY I 174 -7.21 -23.55 19.77
N LEU I 175 -6.21 -23.79 18.92
CA LEU I 175 -6.12 -23.17 17.60
C LEU I 175 -5.62 -24.17 16.56
N ILE I 176 -6.39 -24.33 15.48
CA ILE I 176 -6.02 -25.27 14.41
C ILE I 176 -5.60 -24.50 13.15
N VAL I 177 -4.30 -24.24 13.02
CA VAL I 177 -3.75 -23.57 11.85
C VAL I 177 -3.71 -24.55 10.69
N ALA I 178 -4.46 -24.26 9.63
CA ALA I 178 -4.62 -25.19 8.52
C ALA I 178 -4.97 -24.51 7.19
N PRO I 179 -4.41 -25.02 6.09
CA PRO I 179 -4.81 -24.60 4.76
C PRO I 179 -6.09 -25.31 4.31
N PRO I 180 -6.74 -24.82 3.25
CA PRO I 180 -7.90 -25.49 2.68
C PRO I 180 -7.57 -26.88 2.15
N LYS I 181 -8.52 -27.81 2.27
CA LYS I 181 -8.37 -29.20 1.81
C LYS I 181 -7.28 -29.97 2.57
N ALA I 182 -7.08 -29.63 3.84
CA ALA I 182 -6.09 -30.33 4.67
C ALA I 182 -6.75 -31.35 5.60
N GLY I 183 -7.72 -30.89 6.39
CA GLY I 183 -8.45 -31.76 7.30
C GLY I 183 -9.28 -31.03 8.34
N LYS I 184 -9.52 -29.74 8.11
CA LYS I 184 -10.23 -28.87 9.06
C LYS I 184 -11.63 -29.33 9.46
N THR I 185 -12.22 -30.23 8.68
CA THR I 185 -13.59 -30.67 8.92
C THR I 185 -13.72 -32.19 9.07
N MET I 186 -12.60 -32.91 8.97
CA MET I 186 -12.58 -34.31 9.38
C MET I 186 -11.89 -34.48 10.72
N LEU I 187 -10.94 -33.58 11.01
CA LEU I 187 -10.34 -33.48 12.33
C LEU I 187 -11.37 -32.98 13.34
N LEU I 188 -12.17 -32.00 12.92
CA LEU I 188 -13.26 -31.47 13.74
C LEU I 188 -14.32 -32.52 14.07
N GLN I 189 -14.61 -33.38 13.09
CA GLN I 189 -15.57 -34.47 13.28
C GLN I 189 -14.98 -35.57 14.18
N ASN I 190 -13.66 -35.67 14.19
CA ASN I 190 -12.95 -36.63 15.03
C ASN I 190 -12.98 -36.21 16.50
N ILE I 191 -12.62 -34.96 16.76
CA ILE I 191 -12.63 -34.40 18.11
C ILE I 191 -14.05 -34.35 18.68
N ALA I 192 -15.03 -34.16 17.81
CA ALA I 192 -16.44 -34.11 18.21
C ALA I 192 -16.92 -35.44 18.80
N GLN I 193 -16.68 -36.54 18.08
CA GLN I 193 -17.09 -37.86 18.54
C GLN I 193 -16.26 -38.36 19.71
N SER I 194 -14.99 -37.98 19.74
CA SER I 194 -14.08 -38.37 20.81
C SER I 194 -14.47 -37.73 22.14
N ILE I 195 -14.95 -36.49 22.09
CA ILE I 195 -15.48 -35.81 23.27
C ILE I 195 -16.77 -36.47 23.75
N ALA I 196 -17.62 -36.88 22.80
CA ALA I 196 -18.88 -37.54 23.13
C ALA I 196 -18.68 -38.95 23.71
N TYR I 197 -17.72 -39.68 23.16
CA TYR I 197 -17.38 -41.03 23.62
C TYR I 197 -16.79 -41.00 25.02
N ASN I 198 -15.81 -40.11 25.23
CA ASN I 198 -15.03 -40.09 26.47
C ASN I 198 -15.54 -39.12 27.55
N HIS I 199 -16.21 -38.06 27.14
CA HIS I 199 -16.64 -37.01 28.07
C HIS I 199 -18.12 -36.61 27.90
N PRO I 200 -19.03 -37.43 28.44
CA PRO I 200 -20.47 -37.13 28.37
C PRO I 200 -20.90 -36.04 29.35
N ASP I 201 -20.05 -35.74 30.34
CA ASP I 201 -20.33 -34.70 31.32
C ASP I 201 -20.19 -33.30 30.72
N CYS I 202 -19.40 -33.21 29.65
CA CYS I 202 -19.11 -31.94 28.99
C CYS I 202 -20.19 -31.57 27.98
N VAL I 203 -20.56 -30.29 27.97
CA VAL I 203 -21.51 -29.75 27.00
C VAL I 203 -20.77 -29.42 25.70
N LEU I 204 -21.05 -30.19 24.65
CA LEU I 204 -20.39 -30.00 23.37
C LEU I 204 -21.19 -29.11 22.43
N MET I 205 -20.63 -27.96 22.10
CA MET I 205 -21.23 -27.04 21.14
C MET I 205 -20.33 -26.87 19.92
N VAL I 206 -20.90 -27.08 18.75
CA VAL I 206 -20.16 -26.98 17.49
C VAL I 206 -20.65 -25.78 16.67
N LEU I 207 -19.78 -24.80 16.50
CA LEU I 207 -20.12 -23.57 15.78
C LEU I 207 -19.47 -23.52 14.40
N LEU I 208 -20.28 -23.25 13.38
CA LEU I 208 -19.80 -23.14 12.00
C LEU I 208 -20.18 -21.77 11.43
N ILE I 209 -19.18 -21.06 10.91
CA ILE I 209 -19.38 -19.73 10.34
C ILE I 209 -18.89 -19.67 8.89
N ASP I 210 -19.75 -19.13 8.01
CA ASP I 210 -19.47 -19.06 6.56
C ASP I 210 -19.42 -20.43 5.88
N GLU I 211 -20.03 -21.43 6.53
CA GLU I 211 -20.00 -22.81 6.05
C GLU I 211 -20.87 -23.02 4.81
N ARG I 212 -20.58 -24.09 4.07
CA ARG I 212 -21.39 -24.48 2.92
C ARG I 212 -22.58 -25.34 3.37
N PRO I 213 -23.75 -25.11 2.75
CA PRO I 213 -25.00 -25.80 3.13
C PRO I 213 -24.88 -27.32 3.23
N GLU I 214 -24.17 -27.94 2.29
CA GLU I 214 -24.02 -29.40 2.28
C GLU I 214 -23.10 -29.90 3.40
N GLU I 215 -22.19 -29.05 3.84
CA GLU I 215 -21.27 -29.38 4.92
C GLU I 215 -21.95 -29.23 6.29
N VAL I 216 -23.00 -28.42 6.34
CA VAL I 216 -23.79 -28.23 7.55
C VAL I 216 -24.59 -29.49 7.88
N THR I 217 -25.37 -29.97 6.92
CA THR I 217 -26.21 -31.16 7.10
C THR I 217 -25.39 -32.42 7.33
N GLU I 218 -24.17 -32.45 6.81
CA GLU I 218 -23.23 -33.54 7.04
C GLU I 218 -22.73 -33.53 8.49
N MET I 219 -22.54 -32.33 9.02
CA MET I 219 -22.13 -32.13 10.41
C MET I 219 -23.32 -32.27 11.35
N GLN I 220 -24.50 -31.88 10.87
CA GLN I 220 -25.73 -31.89 11.65
C GLN I 220 -26.08 -33.30 12.13
N ARG I 221 -25.86 -34.29 11.26
CA ARG I 221 -26.20 -35.69 11.56
C ARG I 221 -25.20 -36.34 12.52
N LEU I 222 -23.93 -36.38 12.10
CA LEU I 222 -22.89 -37.13 12.82
C LEU I 222 -22.71 -36.69 14.27
N VAL I 223 -22.39 -35.41 14.47
CA VAL I 223 -22.07 -34.86 15.79
C VAL I 223 -23.20 -35.10 16.79
N LYS I 224 -22.85 -35.66 17.94
CA LYS I 224 -23.81 -35.92 19.01
C LYS I 224 -23.85 -34.74 19.98
N GLY I 225 -24.70 -33.76 19.67
CA GLY I 225 -24.84 -32.55 20.49
C GLY I 225 -25.32 -31.35 19.70
N GLU I 226 -25.10 -30.16 20.27
CA GLU I 226 -25.52 -28.91 19.66
C GLU I 226 -24.65 -28.51 18.47
N VAL I 227 -25.30 -28.31 17.32
CA VAL I 227 -24.62 -27.84 16.12
C VAL I 227 -25.29 -26.54 15.65
N VAL I 228 -24.64 -25.42 15.93
CA VAL I 228 -25.13 -24.11 15.51
C VAL I 228 -24.41 -23.68 14.23
N ALA I 229 -25.19 -23.37 13.20
CA ALA I 229 -24.65 -23.12 11.87
C ALA I 229 -24.86 -21.67 11.40
N SER I 230 -24.13 -21.30 10.35
CA SER I 230 -24.26 -20.00 9.70
C SER I 230 -23.64 -20.06 8.30
N THR I 231 -24.48 -20.32 7.30
CA THR I 231 -24.02 -20.50 5.92
C THR I 231 -23.51 -19.21 5.27
N PHE I 232 -22.72 -19.35 4.20
CA PHE I 232 -22.10 -18.22 3.52
C PHE I 232 -23.10 -17.36 2.73
N ASP I 233 -24.34 -17.84 2.63
CA ASP I 233 -25.42 -17.10 1.96
C ASP I 233 -26.16 -16.17 2.92
N GLU I 234 -25.73 -16.17 4.19
CA GLU I 234 -26.28 -15.28 5.20
C GLU I 234 -25.39 -14.07 5.38
N PRO I 235 -25.98 -12.91 5.69
CA PRO I 235 -25.21 -11.67 5.91
C PRO I 235 -24.24 -11.76 7.09
N ALA I 236 -23.28 -10.85 7.14
CA ALA I 236 -22.28 -10.82 8.21
C ALA I 236 -22.91 -10.50 9.56
N SER I 237 -23.94 -9.65 9.55
CA SER I 237 -24.71 -9.31 10.76
C SER I 237 -25.31 -10.56 11.38
N ARG I 238 -25.71 -11.50 10.53
CA ARG I 238 -26.24 -12.80 10.95
C ARG I 238 -25.17 -13.67 11.61
N HIS I 239 -23.97 -13.70 10.99
CA HIS I 239 -22.83 -14.46 11.51
C HIS I 239 -22.49 -14.05 12.95
N VAL I 240 -22.43 -12.73 13.17
CA VAL I 240 -22.12 -12.16 14.48
C VAL I 240 -23.15 -12.56 15.53
N GLN I 241 -24.43 -12.52 15.16
CA GLN I 241 -25.53 -12.87 16.05
C GLN I 241 -25.44 -14.32 16.52
N VAL I 242 -25.14 -15.22 15.59
CA VAL I 242 -25.04 -16.65 15.86
C VAL I 242 -23.93 -16.98 16.87
N ALA I 243 -22.76 -16.37 16.68
CA ALA I 243 -21.60 -16.61 17.55
C ALA I 243 -21.77 -15.99 18.93
N GLU I 244 -22.42 -14.82 18.99
CA GLU I 244 -22.66 -14.14 20.26
C GLU I 244 -23.69 -14.86 21.12
N MET I 245 -24.60 -15.57 20.46
CA MET I 245 -25.63 -16.35 21.15
C MET I 245 -25.03 -17.60 21.79
N VAL I 246 -24.05 -18.19 21.12
CA VAL I 246 -23.37 -19.40 21.61
C VAL I 246 -22.46 -19.09 22.80
N ILE I 247 -21.63 -18.06 22.67
CA ILE I 247 -20.65 -17.70 23.69
C ILE I 247 -21.29 -17.22 25.00
N GLU I 248 -22.41 -16.51 24.89
CA GLU I 248 -23.14 -16.03 26.06
C GLU I 248 -23.93 -17.14 26.72
N LYS I 249 -24.32 -18.14 25.93
CA LYS I 249 -24.93 -19.37 26.44
C LYS I 249 -23.85 -20.22 27.11
N ALA I 250 -22.64 -20.20 26.55
CA ALA I 250 -21.50 -20.93 27.09
C ALA I 250 -21.09 -20.38 28.45
N LYS I 251 -21.11 -19.06 28.59
CA LYS I 251 -20.77 -18.40 29.84
C LYS I 251 -21.79 -18.69 30.93
N ARG I 252 -23.07 -18.60 30.56
CA ARG I 252 -24.19 -18.78 31.49
C ARG I 252 -24.23 -20.20 32.06
N LEU I 253 -23.85 -21.18 31.24
CA LEU I 253 -23.76 -22.57 31.68
C LEU I 253 -22.55 -22.81 32.59
N VAL I 254 -21.41 -22.22 32.23
CA VAL I 254 -20.19 -22.30 33.04
C VAL I 254 -20.39 -21.64 34.41
N GLU I 255 -21.28 -20.65 34.46
CA GLU I 255 -21.67 -19.99 35.71
C GLU I 255 -22.36 -20.95 36.68
N HIS I 256 -22.88 -22.06 36.14
CA HIS I 256 -23.43 -23.15 36.92
C HIS I 256 -22.39 -24.25 37.16
N LYS I 257 -21.13 -23.87 37.08
CA LYS I 257 -19.98 -24.78 37.30
C LYS I 257 -20.05 -26.02 36.40
N LYS I 258 -20.09 -25.78 35.09
CA LYS I 258 -20.16 -26.85 34.09
C LYS I 258 -19.00 -26.78 33.10
N ASP I 259 -18.74 -27.89 32.42
CA ASP I 259 -17.70 -27.94 31.41
C ASP I 259 -18.30 -27.87 30.01
N VAL I 260 -18.03 -26.76 29.31
CA VAL I 260 -18.54 -26.55 27.96
C VAL I 260 -17.38 -26.45 26.97
N ILE I 261 -17.42 -27.29 25.94
CA ILE I 261 -16.42 -27.25 24.88
C ILE I 261 -17.02 -26.69 23.60
N ILE I 262 -16.41 -25.63 23.08
CA ILE I 262 -16.81 -25.05 21.81
C ILE I 262 -15.86 -25.47 20.70
N LEU I 263 -16.41 -26.06 19.65
CA LEU I 263 -15.66 -26.36 18.44
C LEU I 263 -16.04 -25.37 17.34
N LEU I 264 -15.14 -24.40 17.11
CA LEU I 264 -15.41 -23.29 16.21
C LEU I 264 -14.66 -23.46 14.90
N ASP I 265 -15.38 -23.44 13.79
CA ASP I 265 -14.75 -23.44 12.47
C ASP I 265 -14.52 -22.01 12.00
N SER I 266 -13.25 -21.67 11.81
CA SER I 266 -12.79 -20.33 11.38
C SER I 266 -13.13 -19.19 12.33
N ILE I 267 -12.12 -18.75 13.10
CA ILE I 267 -12.16 -17.48 13.80
C ILE I 267 -11.86 -16.37 12.80
N THR I 268 -11.19 -16.74 11.71
CA THR I 268 -10.93 -15.86 10.58
C THR I 268 -12.21 -15.33 9.96
N ARG I 269 -13.12 -16.22 9.63
CA ARG I 269 -14.40 -15.86 9.00
C ARG I 269 -15.31 -15.07 9.92
N LEU I 270 -15.24 -15.37 11.22
CA LEU I 270 -15.97 -14.62 12.24
C LEU I 270 -15.42 -13.20 12.34
N ALA I 271 -14.11 -13.06 12.21
CA ALA I 271 -13.45 -11.75 12.22
C ALA I 271 -13.84 -10.91 11.01
N ARG I 272 -14.00 -11.56 9.86
CA ARG I 272 -14.49 -10.91 8.64
C ARG I 272 -15.88 -10.33 8.88
N ALA I 273 -16.74 -11.13 9.50
CA ALA I 273 -18.11 -10.72 9.83
C ALA I 273 -18.13 -9.49 10.73
N TYR I 274 -17.30 -9.50 11.77
CA TYR I 274 -17.18 -8.36 12.68
C TYR I 274 -16.61 -7.12 12.00
N ASN I 275 -15.72 -7.33 11.04
CA ASN I 275 -15.06 -6.24 10.31
C ASN I 275 -16.03 -5.44 9.43
N THR I 276 -16.99 -6.13 8.83
CA THR I 276 -17.98 -5.49 7.96
C THR I 276 -19.18 -4.95 8.74
N VAL I 277 -19.24 -5.28 10.04
CA VAL I 277 -20.33 -4.85 10.91
C VAL I 277 -19.95 -3.62 11.76
N VAL I 278 -18.77 -3.68 12.37
CA VAL I 278 -18.28 -2.62 13.26
C VAL I 278 -18.06 -1.30 12.49
N PRO I 279 -18.44 -0.17 13.10
CA PRO I 279 -18.31 1.16 12.47
C PRO I 279 -16.90 1.51 11.95
N ALA I 280 -16.06 2.06 12.81
CA ALA I 280 -14.72 2.51 12.41
C ALA I 280 -13.72 2.41 13.56
N VAL I 284 -7.89 4.66 9.56
CA VAL I 284 -7.72 3.83 10.76
C VAL I 284 -7.85 2.35 10.41
N LEU I 285 -7.01 1.89 9.49
CA LEU I 285 -7.05 0.52 8.98
C LEU I 285 -5.68 -0.15 9.05
N THR I 286 -5.63 -1.45 8.75
CA THR I 286 -4.38 -2.21 8.71
C THR I 286 -4.43 -3.37 7.70
N GLY I 287 -3.84 -3.16 6.53
CA GLY I 287 -3.72 -4.20 5.51
C GLY I 287 -5.03 -4.86 5.07
N GLY I 288 -6.12 -4.10 5.13
CA GLY I 288 -7.44 -4.62 4.75
C GLY I 288 -8.49 -4.47 5.83
N VAL I 289 -8.15 -4.85 7.05
CA VAL I 289 -9.11 -4.85 8.17
C VAL I 289 -9.04 -3.57 9.02
N ASP I 290 -10.12 -3.32 9.76
CA ASP I 290 -10.18 -2.21 10.71
C ASP I 290 -9.44 -2.57 11.99
N ALA I 291 -9.01 -1.56 12.73
CA ALA I 291 -8.27 -1.76 13.99
C ALA I 291 -9.21 -2.14 15.14
N ASN I 292 -10.28 -1.36 15.31
CA ASN I 292 -11.28 -1.60 16.37
C ASN I 292 -12.11 -2.88 16.13
N ALA I 293 -11.98 -3.44 14.93
CA ALA I 293 -12.72 -4.64 14.55
C ALA I 293 -12.26 -5.89 15.31
N LEU I 294 -10.94 -6.07 15.39
CA LEU I 294 -10.32 -7.26 15.99
C LEU I 294 -10.62 -7.44 17.48
N HIS I 295 -10.97 -6.33 18.13
CA HIS I 295 -11.27 -6.31 19.57
C HIS I 295 -12.40 -7.26 19.98
N ARG I 296 -13.33 -7.50 19.06
CA ARG I 296 -14.51 -8.32 19.35
C ARG I 296 -14.30 -9.84 19.20
N PRO I 297 -13.76 -10.31 18.06
CA PRO I 297 -13.43 -11.73 17.89
C PRO I 297 -12.39 -12.22 18.90
N LYS I 298 -11.50 -11.33 19.32
CA LYS I 298 -10.52 -11.63 20.35
C LYS I 298 -11.16 -11.91 21.71
N ARG I 299 -12.25 -11.18 22.01
CA ARG I 299 -13.02 -11.40 23.23
C ARG I 299 -13.72 -12.76 23.21
N PHE I 300 -14.23 -13.16 22.04
CA PHE I 300 -14.86 -14.46 21.86
C PHE I 300 -13.87 -15.57 22.16
N PHE I 301 -12.67 -15.47 21.59
CA PHE I 301 -11.61 -16.44 21.79
C PHE I 301 -11.11 -16.40 23.23
N GLY I 302 -10.91 -15.19 23.75
CA GLY I 302 -10.42 -14.99 25.11
C GLY I 302 -11.37 -15.43 26.21
N ALA I 303 -12.58 -15.82 25.82
CA ALA I 303 -13.58 -16.30 26.78
C ALA I 303 -13.21 -17.67 27.37
N ALA I 304 -12.40 -18.42 26.63
CA ALA I 304 -11.96 -19.76 27.06
C ALA I 304 -11.09 -19.70 28.32
N ARG I 305 -11.52 -20.45 29.34
CA ARG I 305 -10.82 -20.52 30.63
C ARG I 305 -11.29 -21.74 31.43
N ASN I 306 -10.47 -22.14 32.40
CA ASN I 306 -10.76 -23.28 33.27
C ASN I 306 -11.05 -22.82 34.71
N VAL I 307 -12.13 -22.06 34.85
CA VAL I 307 -12.54 -21.40 36.11
C VAL I 307 -12.05 -22.07 37.40
N GLU I 308 -11.41 -21.29 38.26
CA GLU I 308 -10.90 -21.75 39.56
C GLU I 308 -11.99 -22.35 40.45
N GLU I 309 -13.16 -21.70 40.47
CA GLU I 309 -14.27 -22.14 41.31
C GLU I 309 -15.22 -23.09 40.56
N GLY I 310 -14.66 -24.14 39.95
CA GLY I 310 -15.44 -25.15 39.24
C GLY I 310 -15.94 -24.67 37.88
N GLY I 311 -16.12 -25.62 36.97
CA GLY I 311 -16.56 -25.31 35.62
C GLY I 311 -15.43 -24.79 34.73
N SER I 312 -15.63 -24.90 33.42
CA SER I 312 -14.60 -24.50 32.45
C SER I 312 -15.20 -24.23 31.07
N LEU I 313 -14.63 -23.27 30.36
CA LEU I 313 -14.95 -23.06 28.95
C LEU I 313 -13.72 -23.31 28.09
N THR I 314 -13.85 -24.23 27.13
CA THR I 314 -12.78 -24.56 26.21
C THR I 314 -13.20 -24.33 24.76
N ILE I 315 -12.40 -23.54 24.05
CA ILE I 315 -12.68 -23.23 22.64
C ILE I 315 -11.51 -23.63 21.75
N ILE I 316 -11.78 -24.54 20.82
CA ILE I 316 -10.81 -24.92 19.80
C ILE I 316 -11.30 -24.39 18.44
N ALA I 317 -10.59 -23.40 17.91
CA ALA I 317 -10.99 -22.73 16.68
C ALA I 317 -9.95 -22.89 15.58
N THR I 318 -10.41 -23.24 14.38
CA THR I 318 -9.53 -23.36 13.21
C THR I 318 -9.12 -21.99 12.71
N ALA I 319 -7.83 -21.85 12.38
CA ALA I 319 -7.31 -20.60 11.81
C ALA I 319 -6.99 -20.81 10.34
N LEU I 320 -7.66 -20.05 9.47
CA LEU I 320 -7.51 -20.18 8.02
C LEU I 320 -6.19 -19.60 7.54
N ILE I 321 -5.46 -20.38 6.75
CA ILE I 321 -4.19 -19.96 6.17
C ILE I 321 -4.10 -20.43 4.72
N ASP I 322 -3.26 -19.77 3.93
CA ASP I 322 -3.02 -20.12 2.52
C ASP I 322 -4.29 -20.18 1.65
N THR I 323 -5.31 -19.43 2.05
CA THR I 323 -6.56 -19.35 1.31
C THR I 323 -6.39 -18.49 0.05
N GLY I 324 -5.69 -17.37 0.21
CA GLY I 324 -5.43 -16.45 -0.90
C GLY I 324 -5.60 -15.00 -0.51
N SER I 325 -6.55 -14.74 0.39
CA SER I 325 -6.84 -13.39 0.85
C SER I 325 -5.79 -12.89 1.84
N LYS I 326 -5.47 -11.60 1.74
CA LYS I 326 -4.57 -10.95 2.69
C LYS I 326 -5.31 -10.72 4.02
N MET I 327 -6.63 -10.72 3.95
CA MET I 327 -7.49 -10.64 5.13
C MET I 327 -7.34 -11.92 5.95
N ASP I 328 -7.44 -13.07 5.29
CA ASP I 328 -7.24 -14.37 5.93
C ASP I 328 -5.76 -14.61 6.26
N GLU I 329 -5.04 -13.52 6.50
CA GLU I 329 -3.61 -13.59 6.79
C GLU I 329 -3.23 -12.57 7.86
N VAL I 330 -3.83 -11.38 7.78
CA VAL I 330 -3.63 -10.33 8.76
C VAL I 330 -4.46 -10.60 10.02
N ILE I 331 -5.50 -11.42 9.88
CA ILE I 331 -6.33 -11.86 11.01
C ILE I 331 -5.56 -12.89 11.85
N TYR I 332 -5.03 -13.91 11.18
CA TYR I 332 -4.27 -14.97 11.84
C TYR I 332 -3.02 -14.42 12.54
N GLU I 333 -2.36 -13.45 11.90
CA GLU I 333 -1.21 -12.77 12.47
C GLU I 333 -1.55 -12.14 13.83
N GLU I 334 -2.72 -11.53 13.90
CA GLU I 334 -3.19 -10.88 15.14
C GLU I 334 -3.63 -11.90 16.20
N PHE I 335 -4.05 -13.08 15.75
CA PHE I 335 -4.49 -14.14 16.66
C PHE I 335 -3.38 -15.11 17.05
N LYS I 336 -2.17 -14.84 16.59
CA LYS I 336 -1.00 -15.66 16.95
C LYS I 336 -0.62 -15.50 18.40
N GLY I 337 -0.38 -16.62 19.07
CA GLY I 337 0.07 -16.62 20.46
C GLY I 337 -0.97 -16.25 21.51
N THR I 338 -2.21 -16.04 21.06
CA THR I 338 -3.30 -15.72 21.99
C THR I 338 -3.79 -16.96 22.71
N GLY I 339 -3.82 -18.08 22.00
CA GLY I 339 -4.21 -19.37 22.57
C GLY I 339 -3.03 -20.13 23.12
N ASN I 340 -3.28 -20.92 24.16
CA ASN I 340 -2.25 -21.75 24.79
C ASN I 340 -2.11 -23.13 24.16
N MET I 341 -2.85 -23.34 23.06
CA MET I 341 -2.82 -24.60 22.33
C MET I 341 -2.77 -24.31 20.82
N GLU I 342 -1.87 -25.00 20.13
CA GLU I 342 -1.75 -24.88 18.68
C GLU I 342 -1.50 -26.24 18.02
N LEU I 343 -2.38 -26.59 17.07
CA LEU I 343 -2.18 -27.78 16.25
C LEU I 343 -2.16 -27.37 14.78
N HIS I 344 -1.11 -27.77 14.09
CA HIS I 344 -0.92 -27.37 12.69
C HIS I 344 -1.20 -28.50 11.72
N LEU I 345 -2.04 -28.21 10.72
CA LEU I 345 -2.23 -29.09 9.59
C LEU I 345 -1.41 -28.58 8.41
N SER I 346 -0.91 -29.50 7.59
CA SER I 346 -0.01 -29.15 6.49
C SER I 346 -0.56 -29.57 5.13
N ARG I 347 -0.39 -28.69 4.15
CA ARG I 347 -0.76 -28.95 2.77
C ARG I 347 0.13 -30.03 2.16
N LYS I 348 1.44 -29.88 2.36
CA LYS I 348 2.45 -30.78 1.77
C LYS I 348 2.26 -32.23 2.19
N ILE I 349 1.90 -32.44 3.47
CA ILE I 349 1.66 -33.78 4.00
C ILE I 349 0.33 -34.35 3.47
N ALA I 350 -0.67 -33.47 3.35
CA ALA I 350 -1.99 -33.88 2.87
C ALA I 350 -2.02 -34.14 1.35
N GLU I 351 -1.13 -33.48 0.63
CA GLU I 351 -1.03 -33.63 -0.83
C GLU I 351 -0.52 -35.01 -1.24
N LYS I 352 0.23 -35.66 -0.34
CA LYS I 352 0.71 -37.02 -0.57
C LYS I 352 -0.31 -38.04 -0.03
N ARG I 353 -1.50 -37.55 0.32
CA ARG I 353 -2.59 -38.36 0.90
C ARG I 353 -2.19 -39.12 2.17
N VAL I 354 -1.25 -38.54 2.92
CA VAL I 354 -0.88 -39.06 4.22
C VAL I 354 -1.75 -38.38 5.27
N PHE I 355 -2.82 -39.05 5.67
CA PHE I 355 -3.81 -38.52 6.61
C PHE I 355 -3.20 -38.02 7.94
N PRO I 356 -3.99 -37.96 9.01
CA PRO I 356 -3.77 -36.97 10.06
C PRO I 356 -2.55 -36.09 9.76
N ALA I 357 -2.71 -35.18 8.81
CA ALA I 357 -1.61 -34.35 8.32
C ALA I 357 -1.17 -33.32 9.35
N ILE I 358 -0.75 -33.81 10.50
CA ILE I 358 -0.31 -32.97 11.62
C ILE I 358 1.14 -32.55 11.42
N ASP I 359 1.45 -31.31 11.80
CA ASP I 359 2.82 -30.82 11.81
C ASP I 359 3.37 -30.95 13.23
N TYR I 360 3.76 -32.17 13.60
CA TYR I 360 4.18 -32.51 14.96
C TYR I 360 5.17 -31.52 15.57
N ASN I 361 6.09 -31.02 14.76
CA ASN I 361 7.12 -30.08 15.21
C ASN I 361 6.57 -28.69 15.49
N ARG I 362 5.58 -28.26 14.71
CA ARG I 362 4.95 -26.95 14.87
C ARG I 362 3.85 -26.95 15.93
N SER I 363 3.38 -28.14 16.29
CA SER I 363 2.30 -28.29 17.27
C SER I 363 2.80 -28.17 18.71
N GLY I 364 2.04 -28.73 19.65
CA GLY I 364 2.39 -28.65 21.07
C GLY I 364 1.46 -27.73 21.84
N THR I 365 1.52 -27.82 23.17
CA THR I 365 0.71 -26.98 24.04
C THR I 365 1.55 -26.31 25.11
N ARG I 366 1.28 -25.04 25.36
CA ARG I 366 1.91 -24.30 26.44
C ARG I 366 1.51 -24.91 27.77
N LYS I 367 2.47 -24.99 28.69
CA LYS I 367 2.25 -25.58 30.02
C LYS I 367 1.70 -27.01 29.88
N GLU I 368 2.55 -27.90 29.37
CA GLU I 368 2.17 -29.27 29.08
C GLU I 368 2.23 -30.16 30.32
N GLU I 369 2.98 -29.72 31.33
CA GLU I 369 3.22 -30.51 32.54
C GLU I 369 1.97 -30.80 33.37
N LEU I 370 1.05 -29.85 33.40
CA LEU I 370 -0.15 -29.96 34.25
C LEU I 370 -1.22 -30.86 33.63
N LEU I 371 -1.08 -31.15 32.34
CA LEU I 371 -2.07 -31.95 31.61
C LEU I 371 -1.63 -33.42 31.46
N THR I 372 -0.40 -33.71 31.89
CA THR I 372 0.16 -35.06 31.77
C THR I 372 0.76 -35.53 33.08
N THR I 373 0.76 -36.85 33.30
CA THR I 373 1.46 -37.46 34.42
C THR I 373 2.96 -37.49 34.12
N GLN I 374 3.78 -37.48 35.18
CA GLN I 374 5.24 -37.44 35.03
C GLN I 374 5.82 -38.56 34.16
N GLU I 375 5.20 -39.73 34.21
CA GLU I 375 5.61 -40.86 33.37
C GLU I 375 5.25 -40.62 31.91
N GLU I 376 4.07 -40.06 31.68
CA GLU I 376 3.56 -39.80 30.33
C GLU I 376 4.31 -38.68 29.62
N LEU I 377 4.56 -37.58 30.34
CA LEU I 377 5.23 -36.40 29.78
C LEU I 377 6.66 -36.71 29.33
N GLN I 378 7.39 -37.46 30.15
CA GLN I 378 8.78 -37.83 29.84
C GLN I 378 8.85 -38.68 28.56
N LYS I 379 7.87 -39.57 28.39
CA LYS I 379 7.74 -40.38 27.18
C LYS I 379 7.50 -39.52 25.95
N MET I 380 6.67 -38.49 26.10
CA MET I 380 6.32 -37.60 24.99
C MET I 380 7.51 -36.80 24.48
N TRP I 381 8.43 -36.47 25.38
CA TRP I 381 9.65 -35.75 25.02
C TRP I 381 10.68 -36.67 24.37
N ILE I 382 10.69 -37.94 24.79
CA ILE I 382 11.51 -38.98 24.14
C ILE I 382 11.08 -39.17 22.68
N LEU I 383 9.77 -39.07 22.44
CA LEU I 383 9.22 -39.15 21.09
C LEU I 383 9.50 -37.86 20.31
N ARG I 384 9.51 -36.75 21.03
CA ARG I 384 9.72 -35.42 20.44
C ARG I 384 11.18 -35.22 20.02
N LYS I 385 12.06 -36.11 20.49
CA LYS I 385 13.46 -36.12 20.10
C LYS I 385 13.68 -36.86 18.79
N ILE I 386 12.98 -37.99 18.63
CA ILE I 386 13.07 -38.82 17.42
C ILE I 386 12.48 -38.11 16.20
N ILE I 387 11.40 -37.37 16.42
CA ILE I 387 10.64 -36.73 15.34
C ILE I 387 11.23 -35.39 14.90
N HIS I 388 11.74 -34.62 15.87
CA HIS I 388 12.21 -33.25 15.62
C HIS I 388 12.97 -33.04 14.30
N PRO I 389 14.14 -33.67 14.12
CA PRO I 389 14.96 -33.41 12.93
C PRO I 389 14.39 -33.99 11.63
N MET I 390 13.40 -34.87 11.75
CA MET I 390 12.74 -35.48 10.57
C MET I 390 11.89 -34.46 9.82
N GLY I 391 11.68 -34.74 8.53
CA GLY I 391 10.85 -33.88 7.67
C GLY I 391 9.38 -33.98 7.99
N GLU I 392 8.59 -33.03 7.46
CA GLU I 392 7.15 -32.94 7.71
C GLU I 392 6.40 -34.23 7.37
N ILE I 393 6.47 -34.63 6.10
CA ILE I 393 5.81 -35.84 5.61
C ILE I 393 6.51 -37.07 6.18
N ASP I 394 7.79 -36.94 6.47
CA ASP I 394 8.61 -38.02 6.99
C ASP I 394 8.23 -38.38 8.44
N ALA I 395 8.11 -37.36 9.28
CA ALA I 395 7.78 -37.53 10.69
C ALA I 395 6.35 -38.04 10.91
N MET I 396 5.46 -37.66 9.99
CA MET I 396 4.06 -38.07 10.07
C MET I 396 3.87 -39.51 9.57
N GLU I 397 4.57 -39.85 8.48
CA GLU I 397 4.54 -41.22 7.93
C GLU I 397 5.10 -42.25 8.92
N PHE I 398 6.04 -41.82 9.75
CA PHE I 398 6.64 -42.68 10.77
C PHE I 398 5.70 -42.92 11.95
N LEU I 399 4.91 -41.90 12.30
CA LEU I 399 4.05 -41.95 13.49
C LEU I 399 2.85 -42.88 13.30
N ILE I 400 2.33 -42.94 12.07
CA ILE I 400 1.16 -43.77 11.75
C ILE I 400 1.48 -45.27 11.85
N ASN I 401 2.66 -45.65 11.36
CA ASN I 401 3.09 -47.05 11.38
C ASN I 401 3.34 -47.58 12.79
N LYS I 402 3.91 -46.73 13.64
CA LYS I 402 4.24 -47.09 15.02
C LYS I 402 2.99 -47.23 15.89
N LEU I 403 1.97 -46.42 15.59
CA LEU I 403 0.72 -46.43 16.36
C LEU I 403 -0.24 -47.54 15.94
N ALA I 404 -0.26 -47.85 14.65
CA ALA I 404 -1.20 -48.84 14.10
C ALA I 404 -0.97 -50.26 14.64
N MET I 405 0.21 -50.53 15.19
CA MET I 405 0.60 -51.88 15.62
C MET I 405 0.26 -52.18 17.06
N THR I 406 0.39 -51.18 17.91
CA THR I 406 -0.05 -51.36 19.26
C THR I 406 -0.97 -50.23 19.62
N LYS I 407 -1.84 -50.48 20.57
CA LYS I 407 -2.68 -49.42 21.05
C LYS I 407 -1.88 -48.51 21.99
N THR I 408 -2.47 -47.36 22.30
CA THR I 408 -1.84 -46.37 23.18
C THR I 408 -1.54 -46.97 24.54
N ASN I 409 -0.44 -46.56 25.15
CA ASN I 409 0.02 -47.12 26.42
C ASN I 409 0.60 -48.52 26.15
N ASP I 410 0.63 -48.85 24.87
CA ASP I 410 1.34 -50.00 24.31
C ASP I 410 2.48 -49.41 23.45
N ASP I 411 2.16 -48.38 22.66
CA ASP I 411 3.16 -47.67 21.85
C ASP I 411 4.33 -47.21 22.72
N PHE I 412 4.00 -46.75 23.93
CA PHE I 412 4.97 -46.39 24.94
C PHE I 412 6.02 -47.49 25.09
N PHE I 413 5.55 -48.71 25.38
CA PHE I 413 6.43 -49.83 25.70
C PHE I 413 7.00 -50.53 24.47
N GLU I 414 6.26 -50.53 23.36
CA GLU I 414 6.72 -51.15 22.12
C GLU I 414 7.96 -50.44 21.56
N MET I 415 8.21 -49.24 22.06
CA MET I 415 9.39 -48.47 21.68
C MET I 415 10.46 -48.45 22.78
N MET I 416 10.04 -48.79 23.99
CA MET I 416 10.96 -48.88 25.16
C MET I 416 12.07 -49.89 24.91
N LYS I 417 11.71 -51.05 24.36
CA LYS I 417 12.68 -52.10 24.03
C LYS I 417 12.35 -52.75 22.70
N MET J 1 -16.77 1.58 55.45
CA MET J 1 -15.30 1.48 55.69
C MET J 1 -14.49 1.99 54.50
N ASN J 2 -13.17 1.82 54.57
CA ASN J 2 -12.27 2.19 53.48
C ASN J 2 -12.51 1.37 52.21
N LEU J 3 -12.32 2.02 51.06
CA LEU J 3 -12.69 1.46 49.76
C LEU J 3 -11.90 0.22 49.35
N THR J 4 -10.59 0.24 49.54
CA THR J 4 -9.71 -0.86 49.13
C THR J 4 -10.01 -2.18 49.84
N GLU J 5 -10.38 -2.10 51.11
CA GLU J 5 -10.74 -3.28 51.90
C GLU J 5 -11.99 -3.95 51.35
N LEU J 6 -12.75 -3.19 50.56
CA LEU J 6 -13.98 -3.69 49.94
C LEU J 6 -13.73 -4.21 48.52
N LYS J 7 -12.48 -4.09 48.07
CA LYS J 7 -12.09 -4.54 46.72
C LYS J 7 -11.32 -5.86 46.73
N ASN J 8 -10.40 -6.00 47.68
CA ASN J 8 -9.56 -7.19 47.79
C ASN J 8 -10.33 -8.43 48.26
N THR J 9 -11.47 -8.20 48.88
CA THR J 9 -12.38 -9.28 49.26
C THR J 9 -13.12 -9.82 48.02
N PRO J 10 -13.09 -11.15 47.85
CA PRO J 10 -13.75 -11.80 46.70
C PRO J 10 -15.23 -11.44 46.57
N VAL J 11 -15.76 -11.54 45.34
CA VAL J 11 -17.14 -11.20 45.02
C VAL J 11 -18.14 -11.88 45.96
N SER J 12 -17.86 -13.13 46.31
CA SER J 12 -18.69 -13.92 47.21
C SER J 12 -18.83 -13.28 48.59
N GLU J 13 -17.73 -12.75 49.11
CA GLU J 13 -17.73 -12.08 50.41
C GLU J 13 -18.45 -10.72 50.35
N LEU J 14 -18.36 -10.06 49.21
CA LEU J 14 -19.07 -8.79 48.98
C LEU J 14 -20.57 -9.01 48.85
N ILE J 15 -20.93 -10.13 48.20
CA ILE J 15 -22.33 -10.55 48.10
C ILE J 15 -22.87 -11.00 49.47
N THR J 16 -22.02 -11.63 50.26
CA THR J 16 -22.35 -12.00 51.64
C THR J 16 -22.59 -10.73 52.48
N LEU J 17 -21.71 -9.75 52.30
CA LEU J 17 -21.84 -8.45 52.96
C LEU J 17 -23.07 -7.69 52.43
N GLY J 18 -23.51 -8.07 51.23
CA GLY J 18 -24.68 -7.45 50.59
C GLY J 18 -25.95 -7.54 51.40
N GLU J 19 -26.34 -8.75 51.79
CA GLU J 19 -27.55 -8.97 52.60
C GLU J 19 -27.44 -8.36 54.00
N ASN J 20 -26.22 -8.28 54.52
CA ASN J 20 -25.96 -7.70 55.84
C ASN J 20 -26.24 -6.20 55.90
N MET J 21 -26.74 -5.64 54.80
CA MET J 21 -27.06 -4.22 54.70
C MET J 21 -28.48 -3.98 54.17
N GLY J 22 -29.05 -4.99 53.54
CA GLY J 22 -30.41 -4.91 52.99
C GLY J 22 -30.43 -4.87 51.47
N LEU J 23 -29.36 -5.34 50.84
CA LEU J 23 -29.26 -5.40 49.39
C LEU J 23 -29.73 -6.75 48.86
N GLU J 24 -30.70 -6.71 47.94
CA GLU J 24 -31.31 -7.93 47.42
C GLU J 24 -30.65 -8.44 46.15
N ASN J 25 -30.61 -7.60 45.12
CA ASN J 25 -30.20 -8.01 43.79
C ASN J 25 -28.76 -7.63 43.43
N LEU J 26 -27.83 -8.52 43.79
CA LEU J 26 -26.42 -8.35 43.47
C LEU J 26 -25.85 -9.62 42.85
N ALA J 27 -26.74 -10.57 42.57
CA ALA J 27 -26.35 -11.91 42.12
C ALA J 27 -25.49 -11.88 40.85
N ARG J 28 -26.07 -11.42 39.74
CA ARG J 28 -25.40 -11.45 38.44
C ARG J 28 -24.80 -10.10 38.04
N MET J 29 -24.50 -9.26 39.03
CA MET J 29 -23.88 -7.96 38.78
C MET J 29 -22.36 -8.08 38.77
N ARG J 30 -21.70 -7.13 38.11
CA ARG J 30 -20.24 -7.06 38.09
C ARG J 30 -19.69 -6.62 39.44
N LYS J 31 -18.47 -7.07 39.76
CA LYS J 31 -17.83 -6.77 41.04
C LYS J 31 -17.81 -5.28 41.36
N GLN J 32 -17.54 -4.46 40.33
CA GLN J 32 -17.54 -3.00 40.48
C GLN J 32 -18.95 -2.45 40.70
N ASP J 33 -19.94 -3.04 40.02
CA ASP J 33 -21.34 -2.66 40.17
C ASP J 33 -21.86 -2.98 41.57
N ILE J 34 -21.41 -4.11 42.12
CA ILE J 34 -21.77 -4.53 43.48
C ILE J 34 -21.18 -3.59 44.53
N ILE J 35 -19.92 -3.21 44.33
CA ILE J 35 -19.23 -2.27 45.23
C ILE J 35 -19.95 -0.91 45.28
N PHE J 36 -20.36 -0.41 44.12
CA PHE J 36 -21.11 0.84 44.03
C PHE J 36 -22.45 0.76 44.75
N ALA J 37 -23.12 -0.38 44.61
CA ALA J 37 -24.41 -0.62 45.27
C ALA J 37 -24.27 -0.79 46.78
N ILE J 38 -23.10 -1.28 47.21
CA ILE J 38 -22.79 -1.40 48.64
C ILE J 38 -22.49 -0.02 49.24
N LEU J 39 -21.67 0.76 48.55
CA LEU J 39 -21.29 2.11 49.00
C LEU J 39 -22.50 3.04 49.11
N LYS J 40 -23.55 2.77 48.32
CA LYS J 40 -24.77 3.55 48.33
C LYS J 40 -25.61 3.34 49.59
N GLN J 41 -25.62 2.12 50.11
CA GLN J 41 -26.40 1.78 51.29
C GLN J 41 -25.71 2.19 52.59
N HIS J 42 -24.40 1.98 52.66
CA HIS J 42 -23.59 2.44 53.79
C HIS J 42 -23.56 3.98 53.81
N ALA J 43 -23.86 4.58 52.66
CA ALA J 43 -23.94 6.03 52.54
C ALA J 43 -25.18 6.60 53.23
N LYS J 44 -25.00 6.92 54.51
CA LYS J 44 -26.06 7.50 55.34
C LYS J 44 -25.46 8.06 56.62
N SER J 45 -24.30 7.51 57.01
CA SER J 45 -23.59 7.92 58.22
C SER J 45 -22.82 9.22 58.02
N GLY J 46 -22.30 9.77 59.11
CA GLY J 46 -21.50 10.97 59.07
C GLY J 46 -20.02 10.67 59.18
N GLU J 47 -19.35 10.60 58.03
CA GLU J 47 -17.91 10.33 57.93
C GLU J 47 -17.56 8.91 58.39
N ASP J 48 -17.75 7.94 57.50
CA ASP J 48 -17.40 6.54 57.78
C ASP J 48 -16.84 5.86 56.52
N ILE J 49 -16.50 6.68 55.52
CA ILE J 49 -15.98 6.19 54.26
C ILE J 49 -14.59 6.75 53.97
N PHE J 50 -13.65 5.86 53.65
CA PHE J 50 -12.28 6.27 53.35
C PHE J 50 -11.85 5.79 51.96
N GLY J 51 -12.28 6.52 50.93
CA GLY J 51 -11.93 6.19 49.56
C GLY J 51 -10.49 6.54 49.20
N ASP J 52 -9.96 5.87 48.18
CA ASP J 52 -8.59 6.10 47.73
C ASP J 52 -8.37 5.64 46.28
N GLY J 53 -7.23 6.04 45.72
CA GLY J 53 -6.87 5.66 44.36
C GLY J 53 -5.78 6.54 43.77
N VAL J 54 -5.31 6.17 42.58
CA VAL J 54 -4.30 6.93 41.87
C VAL J 54 -4.97 7.94 40.94
N LEU J 55 -4.48 9.18 40.97
CA LEU J 55 -5.10 10.28 40.22
C LEU J 55 -4.89 10.17 38.72
N GLU J 56 -5.94 10.51 37.97
CA GLU J 56 -5.91 10.54 36.52
C GLU J 56 -6.69 11.76 36.04
N ILE J 57 -5.99 12.89 35.90
CA ILE J 57 -6.61 14.12 35.40
C ILE J 57 -6.98 13.92 33.93
N LEU J 58 -8.28 13.97 33.65
CA LEU J 58 -8.82 13.60 32.34
C LEU J 58 -8.57 14.69 31.29
N GLN J 59 -8.86 14.34 30.03
CA GLN J 59 -8.65 15.20 28.86
C GLN J 59 -9.10 16.65 29.05
N ASP J 60 -10.32 16.83 29.55
CA ASP J 60 -10.94 18.16 29.69
C ASP J 60 -10.22 19.01 30.74
N GLY J 61 -10.33 18.61 32.00
CA GLY J 61 -9.76 19.37 33.11
C GLY J 61 -10.02 18.71 34.45
N PHE J 62 -11.20 18.12 34.61
CA PHE J 62 -11.56 17.41 35.84
C PHE J 62 -10.81 16.08 35.96
N GLY J 63 -10.58 15.65 37.20
CA GLY J 63 -9.80 14.44 37.46
C GLY J 63 -10.60 13.27 37.96
N PHE J 64 -9.93 12.14 38.17
CA PHE J 64 -10.53 10.91 38.65
C PHE J 64 -9.55 10.10 39.49
N LEU J 65 -10.08 9.27 40.39
CA LEU J 65 -9.26 8.36 41.18
C LEU J 65 -9.59 6.90 40.85
N ARG J 66 -8.63 6.22 40.25
CA ARG J 66 -8.77 4.81 39.88
C ARG J 66 -7.89 3.90 40.73
N SER J 67 -8.43 2.73 41.07
CA SER J 67 -7.71 1.75 41.89
C SER J 67 -6.74 0.92 41.06
N ALA J 68 -5.87 0.18 41.74
CA ALA J 68 -4.87 -0.67 41.07
C ALA J 68 -5.30 -2.14 41.04
N ASP J 69 -6.24 -2.51 41.90
CA ASP J 69 -6.72 -3.90 41.98
C ASP J 69 -7.49 -4.30 40.71
N SER J 70 -8.03 -3.29 40.02
CA SER J 70 -8.75 -3.48 38.77
C SER J 70 -7.90 -3.01 37.58
N SER J 71 -6.62 -2.77 37.84
CA SER J 71 -5.66 -2.27 36.83
C SER J 71 -6.12 -0.96 36.19
N TYR J 72 -6.56 -0.02 37.02
CA TYR J 72 -6.97 1.33 36.59
C TYR J 72 -8.08 1.33 35.53
N LEU J 73 -8.88 0.25 35.51
CA LEU J 73 -10.05 0.19 34.65
C LEU J 73 -11.16 1.05 35.25
N ALA J 74 -11.74 1.91 34.42
CA ALA J 74 -12.79 2.82 34.86
C ALA J 74 -14.11 2.08 35.13
N GLY J 75 -14.79 2.48 36.20
CA GLY J 75 -16.07 1.88 36.57
C GLY J 75 -16.94 2.81 37.40
N PRO J 76 -17.98 2.27 38.02
CA PRO J 76 -18.88 3.05 38.86
C PRO J 76 -18.26 3.44 40.21
N ASP J 77 -17.22 2.72 40.62
CA ASP J 77 -16.58 2.93 41.93
C ASP J 77 -15.43 3.95 41.88
N ASP J 78 -15.33 4.69 40.77
CA ASP J 78 -14.31 5.71 40.61
C ASP J 78 -14.64 6.97 41.41
N ILE J 79 -13.61 7.63 41.93
CA ILE J 79 -13.78 8.85 42.72
C ILE J 79 -13.47 10.09 41.88
N TYR J 80 -14.48 10.93 41.71
CA TYR J 80 -14.34 12.19 40.95
C TYR J 80 -13.52 13.22 41.71
N VAL J 81 -12.62 13.89 40.99
CA VAL J 81 -11.83 14.97 41.56
C VAL J 81 -12.02 16.24 40.72
N SER J 82 -12.59 17.28 41.34
CA SER J 82 -12.85 18.54 40.65
C SER J 82 -11.56 19.35 40.44
N PRO J 83 -11.56 20.23 39.43
CA PRO J 83 -10.43 21.14 39.21
C PRO J 83 -10.15 22.04 40.40
N SER J 84 -11.17 22.27 41.23
CA SER J 84 -11.04 23.05 42.46
C SER J 84 -10.02 22.45 43.41
N GLN J 85 -10.03 21.12 43.52
CA GLN J 85 -9.10 20.39 44.38
C GLN J 85 -7.70 20.31 43.80
N ILE J 86 -7.59 20.42 42.47
CA ILE J 86 -6.31 20.39 41.77
C ILE J 86 -5.54 21.68 41.98
N ARG J 87 -6.24 22.82 41.88
CA ARG J 87 -5.65 24.14 42.08
C ARG J 87 -5.09 24.34 43.49
N ARG J 88 -5.62 23.57 44.44
CA ARG J 88 -5.25 23.68 45.84
C ARG J 88 -3.87 23.07 46.14
N PHE J 89 -3.84 21.76 46.33
CA PHE J 89 -2.61 21.05 46.75
C PHE J 89 -1.69 20.72 45.58
N ASN J 90 -1.95 21.35 44.43
CA ASN J 90 -1.21 21.15 43.18
C ASN J 90 -0.99 19.68 42.82
N LEU J 91 -2.02 19.07 42.25
CA LEU J 91 -2.01 17.65 41.94
C LEU J 91 -1.83 17.38 40.44
N ARG J 92 -1.13 16.30 40.13
CA ARG J 92 -0.90 15.89 38.74
C ARG J 92 -1.36 14.43 38.57
N THR J 93 -1.28 13.92 37.34
CA THR J 93 -1.67 12.53 37.05
C THR J 93 -0.65 11.53 37.61
N GLY J 94 -1.15 10.43 38.17
CA GLY J 94 -0.32 9.40 38.75
C GLY J 94 0.05 9.66 40.21
N ASP J 95 -0.94 10.10 40.99
CA ASP J 95 -0.73 10.42 42.40
C ASP J 95 -1.64 9.61 43.31
N THR J 96 -1.05 8.98 44.33
CA THR J 96 -1.81 8.22 45.32
C THR J 96 -2.54 9.15 46.28
N ILE J 97 -3.86 9.08 46.27
CA ILE J 97 -4.70 9.94 47.10
C ILE J 97 -5.57 9.10 48.03
N SER J 98 -5.80 9.61 49.24
CA SER J 98 -6.68 8.99 50.22
C SER J 98 -7.49 10.04 50.97
N GLY J 99 -8.76 9.75 51.23
CA GLY J 99 -9.64 10.67 51.93
C GLY J 99 -11.09 10.23 52.04
N LYS J 100 -11.94 11.15 52.50
CA LYS J 100 -13.35 10.87 52.71
C LYS J 100 -14.18 11.09 51.45
N ILE J 101 -15.05 10.13 51.15
CA ILE J 101 -15.87 10.16 49.94
C ILE J 101 -17.38 10.22 50.23
N ARG J 102 -17.97 11.37 49.93
CA ARG J 102 -19.41 11.57 50.15
C ARG J 102 -20.23 11.19 48.92
N PRO J 103 -21.47 10.74 49.12
CA PRO J 103 -22.37 10.37 48.02
C PRO J 103 -22.73 11.56 47.12
N PRO J 104 -23.07 11.28 45.86
CA PRO J 104 -23.45 12.34 44.92
C PRO J 104 -24.71 13.10 45.35
N LYS J 105 -24.62 14.43 45.37
CA LYS J 105 -25.74 15.29 45.74
C LYS J 105 -26.71 15.45 44.57
N GLU J 106 -27.94 15.00 44.77
CA GLU J 106 -28.99 15.06 43.74
C GLU J 106 -28.64 14.28 42.48
N GLY J 107 -28.91 14.88 41.32
CA GLY J 107 -28.64 14.25 40.03
C GLY J 107 -27.19 14.27 39.63
N GLU J 108 -26.49 13.16 39.88
CA GLU J 108 -25.10 13.00 39.47
C GLU J 108 -24.88 11.60 38.88
N ARG J 109 -23.72 11.00 39.17
CA ARG J 109 -23.39 9.67 38.67
C ARG J 109 -22.34 8.98 39.53
N TYR J 110 -21.20 9.65 39.74
CA TYR J 110 -20.07 9.06 40.47
C TYR J 110 -19.98 9.55 41.92
N PHE J 111 -19.01 8.99 42.65
CA PHE J 111 -18.66 9.47 43.99
C PHE J 111 -17.67 10.63 43.86
N ALA J 112 -17.45 11.34 44.98
CA ALA J 112 -16.58 12.51 44.97
C ALA J 112 -15.72 12.63 46.23
N LEU J 113 -14.51 13.16 46.06
CA LEU J 113 -13.60 13.42 47.16
C LEU J 113 -14.02 14.66 47.94
N LEU J 114 -13.91 14.60 49.26
CA LEU J 114 -14.24 15.73 50.12
C LEU J 114 -12.98 16.38 50.69
N LYS J 115 -12.15 15.58 51.36
CA LYS J 115 -10.91 16.07 51.96
C LYS J 115 -9.77 15.07 51.79
N VAL J 116 -8.59 15.59 51.47
CA VAL J 116 -7.39 14.76 51.30
C VAL J 116 -6.82 14.30 52.64
N ASN J 117 -5.70 13.58 52.60
CA ASN J 117 -5.03 13.12 53.81
C ASN J 117 -3.52 12.95 53.58
N GLU J 118 -3.17 12.14 52.58
CA GLU J 118 -1.78 11.88 52.24
C GLU J 118 -1.54 11.97 50.73
N VAL J 119 -1.03 13.12 50.29
CA VAL J 119 -0.63 13.31 48.89
C VAL J 119 0.68 12.57 48.64
N ASN J 120 0.61 11.52 47.84
CA ASN J 120 1.74 10.62 47.57
C ASN J 120 2.38 10.07 48.83
N PHE J 121 1.55 9.48 49.69
CA PHE J 121 1.96 8.84 50.96
C PHE J 121 2.54 9.80 52.01
N ASP J 122 2.85 11.03 51.59
CA ASP J 122 3.34 12.07 52.50
C ASP J 122 2.26 13.10 52.80
N LYS J 123 2.55 14.00 53.73
CA LYS J 123 1.66 15.11 54.08
C LYS J 123 1.28 15.94 52.83
N PRO J 124 0.11 16.58 52.85
CA PRO J 124 -0.34 17.42 51.74
C PRO J 124 0.59 18.61 51.45
N GLU J 125 1.89 18.38 51.54
CA GLU J 125 2.90 19.39 51.25
C GLU J 125 3.75 18.96 50.06
N ASN J 126 3.76 19.79 49.02
CA ASN J 126 4.53 19.52 47.81
C ASN J 126 5.37 20.71 47.35
N ASN J 129 7.38 18.52 45.35
CA ASN J 129 8.53 17.80 44.82
C ASN J 129 8.81 18.20 43.37
N LYS J 130 10.09 18.32 43.03
CA LYS J 130 10.53 18.65 41.68
C LYS J 130 9.97 17.69 40.63
N ILE J 131 9.57 18.26 39.50
CA ILE J 131 9.06 17.46 38.37
C ILE J 131 10.17 16.58 37.80
N LEU J 132 9.92 15.26 37.75
CA LEU J 132 10.90 14.28 37.28
C LEU J 132 11.51 14.67 35.93
N PHE J 133 10.69 15.34 35.11
CA PHE J 133 11.08 15.73 33.76
C PHE J 133 12.21 16.77 33.74
N GLU J 134 12.69 17.15 34.92
CA GLU J 134 13.76 18.15 35.04
C GLU J 134 15.00 17.65 35.80
N ASN J 135 14.88 16.49 36.45
CA ASN J 135 15.98 15.91 37.22
C ASN J 135 17.15 15.47 36.35
N LEU J 136 18.36 15.66 36.87
CA LEU J 136 19.59 15.32 36.15
C LEU J 136 19.71 13.80 35.94
N THR J 137 20.45 13.41 34.91
CA THR J 137 20.48 12.02 34.48
C THR J 137 21.91 11.44 34.38
N PRO J 138 22.59 11.27 35.51
CA PRO J 138 23.88 10.56 35.51
C PRO J 138 23.70 9.08 35.24
N LEU J 139 24.79 8.42 34.83
CA LEU J 139 24.77 6.99 34.49
C LEU J 139 24.38 6.10 35.65
N HIS J 140 24.02 4.85 35.34
CA HIS J 140 23.67 3.84 36.32
C HIS J 140 24.89 3.41 37.13
N ALA J 141 25.34 4.29 38.03
CA ALA J 141 26.54 4.05 38.81
C ALA J 141 26.23 3.82 40.28
N ASN J 142 25.77 4.88 40.95
CA ASN J 142 25.41 4.88 42.38
C ASN J 142 25.40 3.51 43.08
N SER J 143 24.37 2.70 42.79
CA SER J 143 24.20 1.41 43.45
C SER J 143 24.07 0.27 42.43
N ARG J 144 23.95 -0.95 42.95
CA ARG J 144 23.83 -2.15 42.12
C ARG J 144 22.84 -3.13 42.75
N LEU J 145 21.95 -3.67 41.92
CA LEU J 145 20.99 -4.68 42.36
C LEU J 145 21.49 -6.10 42.10
N ARG J 146 21.95 -6.76 43.16
CA ARG J 146 22.40 -8.14 43.07
C ARG J 146 21.19 -9.06 42.96
N MET J 147 21.16 -9.88 41.91
CA MET J 147 20.06 -10.81 41.67
C MET J 147 20.17 -12.02 42.60
N GLY J 152 20.40 -21.59 48.00
CA GLY J 152 20.97 -21.69 46.66
C GLY J 152 20.47 -22.91 45.91
N SER J 153 19.21 -22.85 45.49
CA SER J 153 18.59 -23.94 44.74
C SER J 153 18.05 -23.46 43.40
N THR J 154 17.87 -24.40 42.47
CA THR J 154 17.42 -24.15 41.08
C THR J 154 16.85 -22.76 40.74
N GLU J 155 15.87 -22.30 41.52
CA GLU J 155 15.23 -21.00 41.29
C GLU J 155 16.18 -19.82 41.56
N ASP J 156 17.46 -20.13 41.71
CA ASP J 156 18.49 -19.13 41.91
C ASP J 156 19.57 -19.24 40.83
N LEU J 157 19.57 -20.37 40.13
CA LEU J 157 20.52 -20.63 39.04
C LEU J 157 20.35 -19.60 37.92
N THR J 158 19.10 -19.38 37.50
CA THR J 158 18.76 -18.37 36.49
C THR J 158 19.16 -16.97 36.95
N ALA J 159 18.86 -16.65 38.22
CA ALA J 159 19.19 -15.36 38.80
C ALA J 159 20.70 -15.10 38.84
N ARG J 160 21.45 -16.17 39.07
CA ARG J 160 22.91 -16.08 39.18
C ARG J 160 23.62 -16.04 37.83
N VAL J 161 23.06 -16.75 36.85
CA VAL J 161 23.55 -16.68 35.46
C VAL J 161 23.31 -15.26 34.91
N LEU J 162 22.21 -14.65 35.35
CA LEU J 162 21.88 -13.27 34.98
C LEU J 162 22.90 -12.28 35.52
N ASP J 163 23.40 -12.54 36.74
CA ASP J 163 24.45 -11.71 37.35
C ASP J 163 25.80 -11.87 36.64
N LEU J 164 25.98 -12.99 35.95
CA LEU J 164 27.21 -13.25 35.20
C LEU J 164 27.14 -12.70 33.78
N ALA J 165 25.96 -12.83 33.16
CA ALA J 165 25.75 -12.36 31.80
C ALA J 165 25.59 -10.84 31.74
N SER J 166 24.62 -10.32 32.48
CA SER J 166 24.33 -8.88 32.50
C SER J 166 23.80 -8.39 33.85
N PRO J 167 24.70 -7.93 34.71
CA PRO J 167 24.31 -7.33 36.00
C PRO J 167 23.40 -6.11 35.85
N ILE J 168 22.21 -6.19 36.46
CA ILE J 168 21.26 -5.09 36.44
C ILE J 168 21.67 -4.01 37.44
N GLY J 169 21.76 -2.77 36.95
CA GLY J 169 22.12 -1.64 37.79
C GLY J 169 20.94 -1.07 38.56
N ARG J 170 21.08 0.19 39.00
CA ARG J 170 20.01 0.90 39.67
C ARG J 170 19.60 2.11 38.84
N GLY J 171 18.34 2.16 38.45
CA GLY J 171 17.85 3.17 37.52
C GLY J 171 18.38 2.92 36.12
N GLN J 172 18.31 1.66 35.69
CA GLN J 172 18.88 1.25 34.42
C GLN J 172 17.81 1.06 33.34
N ARG J 173 18.23 0.56 32.18
CA ARG J 173 17.34 0.40 31.04
C ARG J 173 17.60 -0.94 30.35
N GLY J 174 16.97 -1.99 30.86
CA GLY J 174 17.16 -3.35 30.35
C GLY J 174 16.19 -3.72 29.26
N LEU J 175 16.68 -4.48 28.27
CA LEU J 175 15.87 -4.93 27.15
C LEU J 175 16.06 -6.42 26.90
N ILE J 176 15.18 -7.23 27.46
CA ILE J 176 15.24 -8.68 27.30
C ILE J 176 14.81 -9.10 25.90
N VAL J 177 15.78 -9.27 25.01
CA VAL J 177 15.53 -9.72 23.64
C VAL J 177 15.23 -11.23 23.65
N ALA J 178 13.98 -11.58 23.30
CA ALA J 178 13.52 -12.96 23.42
C ALA J 178 12.43 -13.33 22.41
N PRO J 179 12.54 -14.53 21.84
CA PRO J 179 11.46 -15.11 21.03
C PRO J 179 10.44 -15.85 21.91
N PRO J 180 9.29 -16.23 21.34
CA PRO J 180 8.27 -17.00 22.07
C PRO J 180 8.80 -18.34 22.59
N LYS J 181 8.34 -18.72 23.78
CA LYS J 181 8.73 -19.96 24.46
C LYS J 181 10.25 -20.11 24.64
N ALA J 182 10.81 -19.29 25.54
CA ALA J 182 12.25 -19.29 25.79
C ALA J 182 12.58 -19.02 27.25
N GLY J 183 11.73 -18.24 27.92
CA GLY J 183 11.93 -17.88 29.31
C GLY J 183 11.05 -16.73 29.75
N LYS J 184 11.00 -15.69 28.93
CA LYS J 184 10.21 -14.47 29.17
C LYS J 184 9.42 -14.43 30.49
N THR J 185 8.27 -15.11 30.52
CA THR J 185 7.38 -15.10 31.68
C THR J 185 8.06 -15.62 32.93
N MET J 186 8.70 -16.79 32.82
CA MET J 186 9.38 -17.41 33.95
C MET J 186 10.64 -16.65 34.36
N LEU J 187 11.32 -16.06 33.37
CA LEU J 187 12.49 -15.22 33.64
C LEU J 187 12.09 -14.01 34.47
N LEU J 188 11.00 -13.34 34.08
CA LEU J 188 10.49 -12.16 34.78
C LEU J 188 9.95 -12.50 36.17
N GLN J 189 9.42 -13.71 36.32
CA GLN J 189 8.98 -14.22 37.62
C GLN J 189 10.19 -14.41 38.55
N ASN J 190 11.27 -14.95 37.99
CA ASN J 190 12.53 -15.14 38.72
C ASN J 190 13.12 -13.82 39.22
N ILE J 191 13.18 -12.83 38.33
CA ILE J 191 13.69 -11.49 38.67
C ILE J 191 12.81 -10.81 39.72
N ALA J 192 11.51 -11.05 39.64
CA ALA J 192 10.54 -10.51 40.60
C ALA J 192 10.78 -11.01 42.02
N GLN J 193 11.18 -12.28 42.14
CA GLN J 193 11.54 -12.86 43.44
C GLN J 193 12.75 -12.15 44.05
N SER J 194 13.83 -12.06 43.27
CA SER J 194 15.09 -11.48 43.72
C SER J 194 14.94 -10.06 44.27
N ILE J 195 14.28 -9.20 43.50
CA ILE J 195 14.04 -7.81 43.88
C ILE J 195 13.24 -7.71 45.19
N ALA J 196 12.18 -8.51 45.28
CA ALA J 196 11.33 -8.53 46.46
C ALA J 196 11.89 -9.46 47.56
N TYR J 197 13.22 -9.52 47.63
CA TYR J 197 13.91 -10.35 48.60
C TYR J 197 15.23 -9.70 49.03
N ASN J 198 16.05 -9.33 48.06
CA ASN J 198 17.33 -8.68 48.31
C ASN J 198 17.19 -7.18 48.60
N HIS J 199 16.24 -6.54 47.92
CA HIS J 199 15.99 -5.10 48.10
C HIS J 199 14.50 -4.78 48.20
N PRO J 200 13.86 -5.14 49.32
CA PRO J 200 12.44 -4.85 49.54
C PRO J 200 12.17 -3.35 49.74
N ASP J 201 13.23 -2.55 49.80
CA ASP J 201 13.11 -1.10 49.94
C ASP J 201 12.91 -0.41 48.58
N CYS J 202 12.79 -1.22 47.53
CA CYS J 202 12.55 -0.71 46.18
C CYS J 202 11.12 -0.99 45.74
N VAL J 203 10.51 0.00 45.07
CA VAL J 203 9.14 -0.10 44.58
C VAL J 203 9.08 -1.00 43.36
N LEU J 204 8.47 -2.18 43.51
CA LEU J 204 8.37 -3.15 42.43
C LEU J 204 6.99 -3.12 41.78
N MET J 205 6.99 -2.91 40.47
CA MET J 205 5.75 -2.90 39.67
C MET J 205 5.94 -3.73 38.42
N VAL J 206 5.00 -4.65 38.17
CA VAL J 206 5.02 -5.47 36.97
C VAL J 206 3.87 -5.07 36.05
N LEU J 207 4.21 -4.75 34.80
CA LEU J 207 3.23 -4.26 33.82
C LEU J 207 3.18 -5.15 32.58
N LEU J 208 2.15 -5.99 32.52
CA LEU J 208 1.86 -6.79 31.33
C LEU J 208 0.92 -5.98 30.42
N ILE J 209 1.26 -5.90 29.14
CA ILE J 209 0.54 -5.01 28.21
C ILE J 209 -0.32 -5.73 27.17
N ASP J 210 -0.19 -7.05 27.07
CA ASP J 210 -1.01 -7.86 26.15
C ASP J 210 -1.11 -9.33 26.57
N GLU J 211 -0.97 -9.58 27.86
CA GLU J 211 -0.88 -10.94 28.41
C GLU J 211 -2.19 -11.71 28.30
N ARG J 212 -2.09 -13.04 28.40
CA ARG J 212 -3.26 -13.92 28.45
C ARG J 212 -3.87 -13.94 29.85
N PRO J 213 -5.20 -14.08 29.93
CA PRO J 213 -5.92 -14.10 31.22
C PRO J 213 -5.34 -15.08 32.24
N GLU J 214 -5.11 -16.32 31.83
CA GLU J 214 -4.60 -17.37 32.73
C GLU J 214 -3.17 -17.10 33.22
N GLU J 215 -2.48 -16.20 32.55
CA GLU J 215 -1.10 -15.84 32.90
C GLU J 215 -1.05 -14.60 33.78
N VAL J 216 -2.13 -13.81 33.77
CA VAL J 216 -2.21 -12.57 34.56
C VAL J 216 -2.39 -12.85 36.05
N THR J 217 -3.33 -13.73 36.39
CA THR J 217 -3.62 -14.06 37.78
C THR J 217 -2.45 -14.75 38.47
N GLU J 218 -1.64 -15.48 37.69
CA GLU J 218 -0.44 -16.11 38.22
C GLU J 218 0.60 -15.07 38.61
N MET J 219 0.91 -14.16 37.68
CA MET J 219 1.82 -13.05 37.95
C MET J 219 1.33 -12.23 39.14
N GLN J 220 0.00 -12.19 39.29
CA GLN J 220 -0.65 -11.54 40.43
C GLN J 220 -0.35 -12.29 41.73
N ARG J 221 -0.50 -13.61 41.71
CA ARG J 221 -0.27 -14.46 42.87
C ARG J 221 1.14 -15.03 42.90
N LEU J 222 2.14 -14.15 42.76
CA LEU J 222 3.54 -14.58 42.77
C LEU J 222 4.50 -13.44 43.06
N VAL J 223 4.20 -12.26 42.52
CA VAL J 223 5.07 -11.09 42.69
C VAL J 223 4.73 -10.35 43.98
N LYS J 224 5.75 -10.16 44.82
CA LYS J 224 5.61 -9.38 46.05
C LYS J 224 5.73 -7.89 45.71
N GLY J 225 4.63 -7.33 45.19
CA GLY J 225 4.59 -5.93 44.76
C GLY J 225 3.26 -5.56 44.15
N GLU J 226 3.32 -4.88 43.01
CA GLU J 226 2.11 -4.42 42.31
C GLU J 226 2.07 -4.92 40.87
N VAL J 227 1.08 -5.75 40.56
CA VAL J 227 0.91 -6.26 39.20
C VAL J 227 -0.32 -5.62 38.54
N VAL J 228 -0.05 -4.79 37.53
CA VAL J 228 -1.10 -4.13 36.76
C VAL J 228 -1.01 -4.63 35.31
N ALA J 229 -2.13 -5.16 34.80
CA ALA J 229 -2.12 -5.81 33.50
C ALA J 229 -3.42 -5.62 32.72
N SER J 230 -3.27 -5.53 31.39
CA SER J 230 -4.40 -5.57 30.47
C SER J 230 -4.28 -6.80 29.59
N THR J 231 -5.39 -7.53 29.44
CA THR J 231 -5.41 -8.75 28.61
C THR J 231 -5.39 -8.38 27.13
N PHE J 232 -5.28 -9.39 26.26
CA PHE J 232 -5.24 -9.16 24.82
C PHE J 232 -6.63 -8.82 24.24
N ASP J 233 -7.65 -8.85 25.10
CA ASP J 233 -9.01 -8.46 24.70
C ASP J 233 -9.18 -6.94 24.76
N GLU J 234 -8.77 -6.35 25.88
CA GLU J 234 -8.94 -4.92 26.14
C GLU J 234 -8.44 -4.07 24.97
N PRO J 235 -9.19 -3.01 24.64
CA PRO J 235 -8.87 -2.15 23.49
C PRO J 235 -7.46 -1.59 23.49
N ALA J 236 -6.99 -1.16 22.32
CA ALA J 236 -5.64 -0.59 22.17
C ALA J 236 -5.48 0.70 22.96
N SER J 237 -6.58 1.44 23.12
CA SER J 237 -6.63 2.64 23.95
C SER J 237 -6.44 2.29 25.42
N ARG J 238 -6.90 1.09 25.79
CA ARG J 238 -6.79 0.60 27.15
C ARG J 238 -5.36 0.18 27.52
N HIS J 239 -4.61 -0.32 26.54
CA HIS J 239 -3.20 -0.67 26.73
C HIS J 239 -2.37 0.58 27.05
N VAL J 240 -2.66 1.67 26.34
CA VAL J 240 -2.01 2.96 26.56
C VAL J 240 -2.43 3.54 27.92
N GLN J 241 -3.70 3.31 28.28
CA GLN J 241 -4.28 3.85 29.50
C GLN J 241 -3.58 3.36 30.77
N VAL J 242 -3.17 2.09 30.79
CA VAL J 242 -2.45 1.52 31.94
C VAL J 242 -0.96 1.81 31.91
N ALA J 243 -0.40 1.90 30.70
CA ALA J 243 1.02 2.22 30.53
C ALA J 243 1.34 3.64 30.98
N GLU J 244 0.39 4.55 30.76
CA GLU J 244 0.50 5.93 31.22
C GLU J 244 0.36 6.05 32.73
N MET J 245 -0.61 5.31 33.30
CA MET J 245 -0.86 5.33 34.74
C MET J 245 0.32 4.80 35.55
N VAL J 246 0.86 3.66 35.12
CA VAL J 246 1.98 3.01 35.80
C VAL J 246 3.24 3.88 35.76
N ILE J 247 3.52 4.48 34.60
CA ILE J 247 4.73 5.27 34.42
C ILE J 247 4.69 6.63 35.12
N GLU J 248 3.57 7.36 34.97
CA GLU J 248 3.42 8.67 35.59
C GLU J 248 3.33 8.57 37.12
N LYS J 249 2.94 7.39 37.59
CA LYS J 249 2.97 7.08 39.03
C LYS J 249 4.40 6.76 39.48
N ALA J 250 5.13 6.03 38.64
CA ALA J 250 6.53 5.70 38.91
C ALA J 250 7.40 6.94 38.90
N LYS J 251 7.12 7.83 37.96
CA LYS J 251 7.79 9.13 37.87
C LYS J 251 7.58 9.92 39.16
N ARG J 252 6.39 9.78 39.74
CA ARG J 252 6.03 10.47 40.98
C ARG J 252 6.73 9.88 42.19
N LEU J 253 6.98 8.57 42.15
CA LEU J 253 7.68 7.87 43.24
C LEU J 253 9.17 8.23 43.29
N VAL J 254 9.73 8.55 42.13
CA VAL J 254 11.11 9.04 42.02
C VAL J 254 11.24 10.43 42.63
N GLU J 255 10.18 11.24 42.47
CA GLU J 255 10.12 12.59 43.04
C GLU J 255 10.20 12.58 44.57
N HIS J 256 9.86 11.43 45.16
CA HIS J 256 9.98 11.23 46.61
C HIS J 256 11.21 10.40 46.97
N LYS J 257 12.24 10.47 46.11
CA LYS J 257 13.56 9.86 46.35
C LYS J 257 13.59 8.32 46.39
N LYS J 258 12.43 7.69 46.20
CA LYS J 258 12.34 6.23 46.20
C LYS J 258 12.89 5.63 44.91
N ASP J 259 13.27 4.36 44.99
CA ASP J 259 13.82 3.65 43.83
C ASP J 259 12.81 2.65 43.26
N VAL J 260 12.35 2.95 42.04
CA VAL J 260 11.26 2.18 41.41
C VAL J 260 11.79 1.27 40.30
N ILE J 261 11.26 0.05 40.26
CA ILE J 261 11.59 -0.90 39.20
C ILE J 261 10.32 -1.35 38.48
N ILE J 262 10.25 -1.09 37.19
CA ILE J 262 9.13 -1.54 36.37
C ILE J 262 9.53 -2.72 35.49
N LEU J 263 9.02 -3.90 35.82
CA LEU J 263 9.17 -5.06 34.94
C LEU J 263 8.07 -5.01 33.88
N LEU J 264 8.46 -4.65 32.66
CA LEU J 264 7.51 -4.48 31.58
C LEU J 264 7.55 -5.66 30.60
N ASP J 265 6.41 -6.32 30.47
CA ASP J 265 6.26 -7.35 29.45
C ASP J 265 5.77 -6.70 28.17
N SER J 266 6.39 -7.09 27.04
CA SER J 266 6.09 -6.55 25.71
C SER J 266 6.23 -5.03 25.57
N ILE J 267 7.43 -4.59 25.20
CA ILE J 267 7.63 -3.23 24.70
C ILE J 267 7.16 -3.17 23.24
N THR J 268 7.13 -4.33 22.60
CA THR J 268 6.67 -4.49 21.23
C THR J 268 5.16 -4.22 21.13
N ARG J 269 4.38 -4.95 21.94
CA ARG J 269 2.92 -4.82 21.94
C ARG J 269 2.48 -3.48 22.53
N LEU J 270 3.33 -2.89 23.35
CA LEU J 270 3.11 -1.54 23.86
C LEU J 270 3.18 -0.53 22.72
N ALA J 271 4.21 -0.65 21.89
CA ALA J 271 4.38 0.21 20.72
C ALA J 271 3.32 -0.09 19.65
N ARG J 272 2.92 -1.35 19.56
CA ARG J 272 1.83 -1.77 18.66
C ARG J 272 0.50 -1.13 19.06
N ALA J 273 0.30 -0.96 20.36
CA ALA J 273 -0.89 -0.30 20.88
C ALA J 273 -0.86 1.20 20.59
N TYR J 274 0.30 1.81 20.75
CA TYR J 274 0.50 3.23 20.45
C TYR J 274 0.32 3.55 18.96
N ASN J 275 0.37 2.51 18.13
CA ASN J 275 0.25 2.67 16.68
C ASN J 275 -1.19 2.77 16.19
N THR J 276 -2.06 1.88 16.68
CA THR J 276 -3.46 1.82 16.27
C THR J 276 -4.27 3.03 16.78
N VAL J 277 -3.69 3.74 17.75
CA VAL J 277 -4.34 4.92 18.33
C VAL J 277 -3.94 6.21 17.57
N VAL J 278 -2.64 6.41 17.41
CA VAL J 278 -2.09 7.60 16.75
C VAL J 278 -2.64 7.75 15.31
N PRO J 279 -3.15 8.95 15.00
CA PRO J 279 -3.68 9.24 13.66
C PRO J 279 -2.62 9.09 12.57
N ALA J 280 -2.75 8.01 11.79
CA ALA J 280 -1.80 7.69 10.73
C ALA J 280 -1.92 8.65 9.55
N VAL J 284 2.85 8.85 7.82
CA VAL J 284 3.63 8.16 6.81
C VAL J 284 4.20 6.86 7.37
N LEU J 285 3.89 5.74 6.71
CA LEU J 285 4.33 4.41 7.14
C LEU J 285 5.80 4.16 6.83
N THR J 286 6.33 3.06 7.35
CA THR J 286 7.72 2.66 7.10
C THR J 286 7.91 1.14 7.03
N GLY J 287 6.88 0.39 7.44
CA GLY J 287 6.89 -1.07 7.40
C GLY J 287 5.75 -1.67 8.20
N GLY J 288 4.55 -1.12 8.03
CA GLY J 288 3.38 -1.54 8.79
C GLY J 288 3.11 -0.63 9.97
N VAL J 289 4.18 -0.04 10.51
CA VAL J 289 4.09 0.87 11.65
C VAL J 289 4.22 2.33 11.19
N ASP J 290 3.43 3.20 11.81
CA ASP J 290 3.53 4.64 11.57
C ASP J 290 4.86 5.16 12.14
N ALA J 291 5.57 5.93 11.32
CA ALA J 291 6.90 6.44 11.67
C ALA J 291 6.88 7.43 12.84
N ASN J 292 5.70 8.02 13.08
CA ASN J 292 5.54 8.98 14.18
C ASN J 292 4.75 8.39 15.36
N ALA J 293 4.59 7.07 15.38
CA ALA J 293 3.89 6.38 16.46
C ALA J 293 4.84 5.94 17.56
N LEU J 294 6.10 5.69 17.20
CA LEU J 294 7.10 5.15 18.11
C LEU J 294 7.62 6.18 19.13
N HIS J 295 7.19 7.43 18.99
CA HIS J 295 7.64 8.52 19.88
C HIS J 295 7.20 8.33 21.33
N ARG J 296 5.92 7.99 21.51
CA ARG J 296 5.34 7.87 22.86
C ARG J 296 5.88 6.68 23.68
N PRO J 297 5.95 5.48 23.09
CA PRO J 297 6.53 4.32 23.80
C PRO J 297 8.02 4.48 24.10
N LYS J 298 8.66 5.43 23.41
CA LYS J 298 10.06 5.77 23.70
C LYS J 298 10.17 6.72 24.88
N ARG J 299 9.14 7.53 25.10
CA ARG J 299 9.03 8.38 26.29
C ARG J 299 8.94 7.51 27.54
N PHE J 300 8.26 6.38 27.40
CA PHE J 300 8.14 5.38 28.45
C PHE J 300 9.51 4.79 28.78
N PHE J 301 10.12 4.14 27.78
CA PHE J 301 11.41 3.47 27.95
C PHE J 301 12.53 4.46 28.29
N GLY J 302 12.48 5.63 27.66
CA GLY J 302 13.47 6.69 27.88
C GLY J 302 13.40 7.36 29.25
N ALA J 303 12.30 7.11 29.97
CA ALA J 303 12.14 7.62 31.32
C ALA J 303 12.92 6.81 32.34
N ALA J 304 13.32 5.59 31.94
CA ALA J 304 14.14 4.74 32.80
C ALA J 304 15.53 5.34 32.97
N ARG J 305 15.78 5.91 34.15
CA ARG J 305 17.06 6.54 34.45
C ARG J 305 17.38 6.56 35.95
N ASN J 306 18.63 6.85 36.26
CA ASN J 306 19.06 7.05 37.63
C ASN J 306 19.21 8.55 37.94
N VAL J 307 18.44 9.01 38.92
CA VAL J 307 18.45 10.41 39.33
C VAL J 307 19.47 10.63 40.44
N GLU J 308 20.38 11.59 40.22
CA GLU J 308 21.42 11.92 41.21
C GLU J 308 20.86 12.67 42.42
N GLU J 309 19.79 13.43 42.20
CA GLU J 309 19.14 14.22 43.24
C GLU J 309 18.55 13.31 44.33
N GLY J 310 18.42 12.02 44.00
CA GLY J 310 17.85 11.04 44.91
C GLY J 310 16.70 10.30 44.26
N GLY J 311 16.87 8.99 44.07
CA GLY J 311 15.85 8.16 43.45
C GLY J 311 16.32 7.50 42.16
N SER J 312 15.69 6.38 41.82
CA SER J 312 16.03 5.63 40.61
C SER J 312 14.80 5.02 39.95
N LEU J 313 14.76 5.13 38.62
CA LEU J 313 13.70 4.49 37.84
C LEU J 313 14.32 3.49 36.86
N THR J 314 14.13 2.21 37.14
CA THR J 314 14.64 1.15 36.29
C THR J 314 13.51 0.39 35.60
N ILE J 315 13.50 0.45 34.26
CA ILE J 315 12.49 -0.26 33.47
C ILE J 315 13.13 -1.38 32.67
N ILE J 316 12.73 -2.61 32.99
CA ILE J 316 13.20 -3.79 32.28
C ILE J 316 12.09 -4.31 31.37
N ALA J 317 12.24 -4.08 30.08
CA ALA J 317 11.22 -4.43 29.09
C ALA J 317 11.71 -5.51 28.14
N THR J 318 10.87 -6.50 27.89
CA THR J 318 11.17 -7.56 26.92
C THR J 318 10.70 -7.20 25.52
N ALA J 319 11.55 -7.48 24.53
CA ALA J 319 11.23 -7.22 23.13
C ALA J 319 11.02 -8.53 22.38
N LEU J 320 9.89 -8.63 21.68
CA LEU J 320 9.51 -9.84 20.96
C LEU J 320 10.25 -9.95 19.64
N ILE J 321 10.86 -11.11 19.41
CA ILE J 321 11.61 -11.38 18.19
C ILE J 321 11.16 -12.71 17.58
N ASP J 322 11.17 -12.78 16.25
CA ASP J 322 10.81 -13.99 15.51
C ASP J 322 9.37 -14.41 15.79
N THR J 323 8.43 -13.51 15.50
CA THR J 323 7.01 -13.76 15.70
C THR J 323 6.34 -14.12 14.37
N GLY J 324 6.86 -13.56 13.28
CA GLY J 324 6.28 -13.74 11.96
C GLY J 324 5.45 -12.55 11.54
N SER J 325 5.84 -11.37 12.02
CA SER J 325 5.18 -10.12 11.69
C SER J 325 6.23 -9.02 11.53
N LYS J 326 6.23 -8.39 10.34
CA LYS J 326 7.23 -7.38 10.00
C LYS J 326 7.23 -6.20 10.97
N MET J 327 6.07 -5.93 11.58
CA MET J 327 5.94 -4.88 12.59
C MET J 327 6.83 -5.11 13.81
N ASP J 328 6.76 -6.31 14.37
CA ASP J 328 7.58 -6.69 15.53
C ASP J 328 9.08 -6.54 15.23
N GLU J 329 9.46 -6.79 13.98
CA GLU J 329 10.83 -6.64 13.53
C GLU J 329 11.28 -5.18 13.50
N VAL J 330 10.36 -4.29 13.09
CA VAL J 330 10.67 -2.86 13.01
C VAL J 330 10.77 -2.22 14.39
N ILE J 331 9.77 -2.48 15.24
CA ILE J 331 9.75 -1.98 16.62
C ILE J 331 11.06 -2.36 17.35
N TYR J 332 11.49 -3.60 17.15
CA TYR J 332 12.78 -4.07 17.69
C TYR J 332 13.97 -3.33 17.07
N GLU J 333 13.95 -3.20 15.73
CA GLU J 333 14.98 -2.49 14.99
C GLU J 333 15.08 -1.02 15.41
N GLU J 334 13.97 -0.47 15.88
CA GLU J 334 13.88 0.92 16.33
C GLU J 334 14.29 1.08 17.80
N PHE J 335 14.16 0.02 18.58
CA PHE J 335 14.42 0.07 20.02
C PHE J 335 15.82 -0.38 20.42
N LYS J 336 16.38 -1.35 19.70
CA LYS J 336 17.71 -1.88 20.03
C LYS J 336 18.79 -0.80 20.02
N GLY J 337 19.56 -0.75 21.10
CA GLY J 337 20.61 0.26 21.25
C GLY J 337 20.28 1.34 22.27
N THR J 338 19.02 1.75 22.31
CA THR J 338 18.56 2.81 23.21
C THR J 338 18.72 2.42 24.69
N GLY J 339 18.61 1.13 24.98
CA GLY J 339 18.84 0.62 26.33
C GLY J 339 20.31 0.39 26.60
N ASN J 340 20.68 0.39 27.88
CA ASN J 340 22.06 0.14 28.30
C ASN J 340 22.23 -1.22 28.98
N MET J 341 21.34 -2.15 28.61
CA MET J 341 21.39 -3.54 29.08
C MET J 341 20.51 -4.37 28.15
N GLU J 342 21.04 -5.51 27.70
CA GLU J 342 20.29 -6.41 26.83
C GLU J 342 20.60 -7.88 27.07
N LEU J 343 19.76 -8.54 27.88
CA LEU J 343 19.86 -9.97 28.11
C LEU J 343 19.13 -10.71 27.00
N HIS J 344 19.86 -11.59 26.31
CA HIS J 344 19.31 -12.33 25.18
C HIS J 344 18.83 -13.71 25.58
N LEU J 345 17.75 -14.17 24.92
CA LEU J 345 17.28 -15.54 25.03
C LEU J 345 17.13 -16.11 23.62
N SER J 346 17.38 -17.40 23.46
CA SER J 346 17.41 -18.02 22.14
C SER J 346 16.54 -19.27 22.02
N ARG J 347 16.00 -19.49 20.82
CA ARG J 347 15.22 -20.68 20.49
C ARG J 347 16.11 -21.92 20.54
N LYS J 348 17.29 -21.82 19.94
CA LYS J 348 18.26 -22.92 19.85
C LYS J 348 18.46 -23.68 21.16
N ILE J 349 18.75 -22.94 22.23
CA ILE J 349 18.96 -23.53 23.56
C ILE J 349 17.64 -24.03 24.15
N ALA J 350 16.57 -23.27 23.93
CA ALA J 350 15.25 -23.59 24.48
C ALA J 350 14.59 -24.82 23.83
N GLU J 351 15.01 -25.14 22.60
CA GLU J 351 14.48 -26.28 21.85
C GLU J 351 14.72 -27.61 22.57
N LYS J 352 15.94 -27.79 23.06
CA LYS J 352 16.37 -29.06 23.66
C LYS J 352 16.17 -29.12 25.19
N ARG J 353 15.13 -28.42 25.67
CA ARG J 353 14.75 -28.43 27.10
C ARG J 353 15.86 -27.99 28.05
N VAL J 354 16.75 -27.14 27.54
CA VAL J 354 17.84 -26.61 28.35
C VAL J 354 17.45 -25.26 28.94
N PHE J 355 17.67 -25.08 30.23
CA PHE J 355 17.29 -23.83 30.91
C PHE J 355 18.42 -23.35 31.82
N PRO J 356 18.59 -22.03 31.90
CA PRO J 356 17.96 -21.10 30.96
C PRO J 356 18.57 -21.10 29.56
N ALA J 357 18.06 -20.23 28.70
CA ALA J 357 18.53 -20.14 27.33
C ALA J 357 19.45 -18.93 27.13
N ILE J 358 19.70 -18.18 28.23
CA ILE J 358 20.47 -16.94 28.08
C ILE J 358 21.62 -17.09 27.08
N ASP J 359 21.59 -16.27 26.04
CA ASP J 359 22.67 -16.21 25.07
C ASP J 359 23.80 -15.35 25.62
N TYR J 360 24.75 -16.01 26.28
CA TYR J 360 25.85 -15.34 26.97
C TYR J 360 26.69 -14.42 26.08
N ASN J 361 26.92 -14.86 24.84
CA ASN J 361 27.73 -14.10 23.88
C ASN J 361 27.11 -12.77 23.48
N ARG J 362 25.79 -12.77 23.24
CA ARG J 362 25.07 -11.56 22.82
C ARG J 362 24.66 -10.68 23.99
N SER J 363 24.55 -11.26 25.17
CA SER J 363 24.13 -10.53 26.37
C SER J 363 25.20 -9.56 26.87
N GLY J 364 24.90 -8.89 27.98
CA GLY J 364 25.83 -7.93 28.58
C GLY J 364 25.22 -6.57 28.77
N THR J 365 25.77 -5.81 29.72
CA THR J 365 25.32 -4.45 29.99
C THR J 365 26.39 -3.43 29.67
N ARG J 366 25.94 -2.22 29.34
CA ARG J 366 26.82 -1.11 29.09
C ARG J 366 27.35 -0.55 30.40
N LYS J 367 28.56 0.02 30.35
CA LYS J 367 29.22 0.55 31.56
C LYS J 367 29.22 -0.46 32.71
N GLU J 368 29.61 -1.69 32.41
CA GLU J 368 29.67 -2.79 33.37
C GLU J 368 30.73 -2.52 34.44
N GLU J 369 31.68 -1.65 34.10
CA GLU J 369 32.77 -1.24 34.98
C GLU J 369 32.32 -0.69 36.33
N LEU J 370 31.40 0.28 36.31
CA LEU J 370 30.92 0.92 37.53
C LEU J 370 30.01 0.04 38.39
N LEU J 371 29.33 -0.91 37.74
CA LEU J 371 28.44 -1.83 38.44
C LEU J 371 29.19 -2.95 39.18
N THR J 372 30.46 -3.12 38.82
CA THR J 372 31.30 -4.17 39.41
C THR J 372 32.39 -3.56 40.29
N THR J 373 32.91 -4.37 41.22
CA THR J 373 33.99 -3.93 42.11
C THR J 373 35.32 -4.54 41.70
N GLN J 374 36.25 -3.69 41.26
CA GLN J 374 37.62 -4.07 40.88
C GLN J 374 37.84 -5.52 40.45
N GLU J 375 37.88 -6.42 41.43
CA GLU J 375 38.21 -7.82 41.22
C GLU J 375 37.13 -8.58 40.45
N GLU J 376 35.87 -8.18 40.65
CA GLU J 376 34.73 -8.83 40.00
C GLU J 376 34.76 -8.64 38.47
N LEU J 377 35.07 -7.42 38.04
CA LEU J 377 35.13 -7.10 36.61
C LEU J 377 36.22 -7.91 35.90
N GLN J 378 37.44 -7.91 36.48
CA GLN J 378 38.56 -8.69 35.97
C GLN J 378 38.26 -10.19 35.92
N LYS J 379 37.52 -10.67 36.92
CA LYS J 379 37.06 -12.05 36.98
C LYS J 379 36.05 -12.36 35.87
N MET J 380 35.08 -11.45 35.71
CA MET J 380 34.01 -11.63 34.72
C MET J 380 34.52 -11.67 33.28
N TRP J 381 35.59 -10.94 33.01
CA TRP J 381 36.23 -10.96 31.69
C TRP J 381 36.84 -12.33 31.39
N ILE J 382 37.40 -12.96 32.41
CA ILE J 382 37.99 -14.30 32.27
C ILE J 382 36.93 -15.34 31.91
N LEU J 383 35.78 -15.29 32.59
CA LEU J 383 34.67 -16.20 32.32
C LEU J 383 34.04 -15.93 30.95
N ARG J 384 34.21 -14.71 30.46
CA ARG J 384 33.72 -14.34 29.13
C ARG J 384 34.68 -14.84 28.04
N LYS J 385 35.98 -14.68 28.29
CA LYS J 385 37.03 -15.04 27.32
C LYS J 385 37.08 -16.54 27.00
N ILE J 386 36.62 -17.36 27.93
CA ILE J 386 36.57 -18.82 27.74
C ILE J 386 35.27 -19.28 27.06
N ILE J 387 34.16 -18.65 27.42
CA ILE J 387 32.84 -19.02 26.90
C ILE J 387 32.57 -18.36 25.54
N HIS J 388 33.30 -17.29 25.24
CA HIS J 388 33.14 -16.55 23.98
C HIS J 388 33.35 -17.39 22.70
N PRO J 389 34.49 -18.08 22.59
CA PRO J 389 34.81 -18.82 21.36
C PRO J 389 34.24 -20.25 21.31
N MET J 390 33.04 -20.45 21.86
CA MET J 390 32.37 -21.74 21.80
C MET J 390 30.91 -21.63 21.35
N GLY J 391 30.24 -22.78 21.19
CA GLY J 391 28.88 -22.85 20.68
C GLY J 391 27.81 -22.19 21.54
N GLU J 392 26.62 -22.06 20.98
CA GLU J 392 25.50 -21.40 21.65
C GLU J 392 24.93 -22.25 22.79
N ILE J 393 24.65 -23.52 22.49
CA ILE J 393 24.15 -24.46 23.49
C ILE J 393 25.25 -24.82 24.49
N ASP J 394 26.48 -24.94 24.00
CA ASP J 394 27.66 -25.18 24.83
C ASP J 394 27.80 -24.14 25.93
N ALA J 395 27.56 -22.88 25.57
CA ALA J 395 27.67 -21.74 26.49
C ALA J 395 26.81 -21.88 27.75
N MET J 396 25.69 -22.59 27.63
CA MET J 396 24.79 -22.78 28.77
C MET J 396 24.97 -24.12 29.47
N GLU J 397 25.06 -25.20 28.71
CA GLU J 397 25.23 -26.55 29.26
C GLU J 397 26.51 -26.67 30.08
N PHE J 398 27.55 -25.97 29.64
CA PHE J 398 28.83 -25.92 30.34
C PHE J 398 28.76 -24.98 31.54
N LEU J 399 27.98 -23.90 31.42
CA LEU J 399 27.78 -22.94 32.51
C LEU J 399 26.84 -23.49 33.59
N ILE J 400 26.04 -24.50 33.23
CA ILE J 400 25.21 -25.21 34.20
C ILE J 400 26.07 -26.09 35.10
N ASN J 401 27.10 -26.70 34.52
CA ASN J 401 28.04 -27.54 35.27
C ASN J 401 28.93 -26.76 36.23
N LYS J 402 29.59 -25.73 35.70
CA LYS J 402 30.54 -24.92 36.49
C LYS J 402 29.85 -23.88 37.37
N LEU J 403 28.62 -24.19 37.78
CA LEU J 403 27.83 -23.30 38.64
C LEU J 403 27.07 -24.09 39.69
N ALA J 404 26.55 -25.25 39.30
CA ALA J 404 25.78 -26.12 40.19
C ALA J 404 26.67 -26.89 41.16
N MET J 405 27.96 -27.03 40.80
CA MET J 405 28.94 -27.73 41.63
C MET J 405 29.13 -27.03 42.99
N THR J 406 28.94 -25.72 43.01
CA THR J 406 29.03 -24.93 44.23
C THR J 406 27.85 -23.95 44.33
N LYS J 407 28.15 -22.70 44.70
CA LYS J 407 27.14 -21.65 44.77
C LYS J 407 27.34 -20.68 43.59
N THR J 408 27.95 -19.52 43.85
CA THR J 408 28.24 -18.55 42.79
C THR J 408 29.38 -17.60 43.16
N ASN J 409 29.31 -17.01 44.36
CA ASN J 409 30.39 -16.17 44.87
C ASN J 409 31.72 -16.93 44.90
N ASP J 410 31.61 -18.24 45.16
CA ASP J 410 32.76 -19.14 45.13
C ASP J 410 32.94 -19.71 43.72
N ASP J 411 32.93 -18.84 42.72
CA ASP J 411 33.03 -19.26 41.32
C ASP J 411 34.48 -19.51 40.91
N PHE J 412 35.23 -18.43 40.70
CA PHE J 412 36.64 -18.52 40.34
C PHE J 412 37.50 -18.88 41.54
N PHE J 413 37.08 -18.44 42.73
CA PHE J 413 37.73 -18.78 43.99
C PHE J 413 37.84 -20.30 44.19
N GLU J 414 36.94 -21.04 43.54
CA GLU J 414 36.96 -22.49 43.57
C GLU J 414 37.12 -23.11 42.17
N MET J 415 37.71 -22.34 41.25
CA MET J 415 37.97 -22.81 39.89
C MET J 415 39.18 -22.07 39.28
N MET J 416 40.28 -22.03 40.02
CA MET J 416 41.50 -21.36 39.58
C MET J 416 42.42 -22.28 38.79
N LYS J 417 41.84 -23.26 38.11
CA LYS J 417 42.59 -24.26 37.34
C LYS J 417 43.46 -23.61 36.26
N MET K 1 20.05 41.08 37.69
CA MET K 1 19.89 39.62 37.42
C MET K 1 19.72 39.36 35.93
N ASN K 2 20.42 38.34 35.43
CA ASN K 2 20.38 37.99 34.01
C ASN K 2 19.62 36.69 33.76
N LEU K 3 18.91 36.64 32.64
CA LEU K 3 18.10 35.48 32.25
C LEU K 3 18.94 34.19 32.17
N THR K 4 19.98 34.22 31.33
CA THR K 4 20.85 33.05 31.14
C THR K 4 21.72 32.74 32.35
N GLU K 5 21.86 33.73 33.25
CA GLU K 5 22.54 33.52 34.52
C GLU K 5 21.60 32.82 35.51
N LEU K 6 20.30 33.05 35.34
CA LEU K 6 19.26 32.35 36.12
C LEU K 6 18.92 30.99 35.52
N LYS K 7 19.15 30.85 34.22
CA LYS K 7 18.91 29.59 33.50
C LYS K 7 19.97 28.55 33.82
N ASN K 8 21.23 28.98 33.84
CA ASN K 8 22.36 28.11 34.15
C ASN K 8 22.42 27.75 35.64
N THR K 9 21.61 28.44 36.43
CA THR K 9 21.50 28.19 37.87
C THR K 9 20.81 26.85 38.15
N PRO K 10 21.31 26.09 39.12
CA PRO K 10 20.68 24.84 39.56
C PRO K 10 19.18 24.95 39.85
N VAL K 11 18.49 23.82 39.79
CA VAL K 11 17.03 23.76 39.93
C VAL K 11 16.55 24.26 41.31
N SER K 12 17.30 23.91 42.36
CA SER K 12 16.94 24.27 43.73
C SER K 12 17.01 25.78 43.98
N GLU K 13 18.10 26.40 43.51
CA GLU K 13 18.34 27.83 43.72
C GLU K 13 17.27 28.73 43.10
N LEU K 14 16.66 28.26 42.01
CA LEU K 14 15.58 28.98 41.34
C LEU K 14 14.29 28.98 42.15
N ILE K 15 13.87 27.79 42.58
CA ILE K 15 12.66 27.62 43.40
C ILE K 15 12.82 28.29 44.76
N THR K 16 14.02 28.20 45.33
CA THR K 16 14.33 28.84 46.62
C THR K 16 14.27 30.36 46.54
N LEU K 17 14.84 30.92 45.47
CA LEU K 17 14.82 32.37 45.25
C LEU K 17 13.44 32.87 44.86
N GLY K 18 12.73 32.07 44.07
CA GLY K 18 11.38 32.41 43.60
C GLY K 18 10.34 32.43 44.70
N GLU K 19 10.60 31.71 45.77
CA GLU K 19 9.68 31.63 46.91
C GLU K 19 9.51 32.97 47.62
N ASN K 20 10.62 33.68 47.81
CA ASN K 20 10.60 35.00 48.44
C ASN K 20 10.24 36.12 47.46
N MET K 21 9.18 35.90 46.69
CA MET K 21 8.72 36.88 45.70
C MET K 21 7.22 36.72 45.42
N GLY K 22 6.47 36.27 46.43
CA GLY K 22 5.03 36.09 46.32
C GLY K 22 4.59 34.94 45.44
N LEU K 23 5.52 34.02 45.18
CA LEU K 23 5.25 32.85 44.34
C LEU K 23 5.30 31.59 45.19
N GLU K 24 4.19 30.85 45.21
CA GLU K 24 4.05 29.68 46.08
C GLU K 24 4.52 28.39 45.41
N ASN K 25 3.69 27.84 44.53
CA ASN K 25 3.98 26.58 43.87
C ASN K 25 4.95 26.75 42.71
N LEU K 26 6.11 26.09 42.80
CA LEU K 26 7.13 26.16 41.77
C LEU K 26 7.78 24.82 41.45
N ALA K 27 7.94 23.98 42.47
CA ALA K 27 8.55 22.66 42.31
C ALA K 27 7.68 21.73 41.44
N ARG K 28 6.40 22.07 41.33
CA ARG K 28 5.44 21.25 40.59
C ARG K 28 5.48 21.49 39.08
N MET K 29 5.83 22.72 38.67
CA MET K 29 5.86 23.09 37.26
C MET K 29 7.25 22.93 36.62
N ARG K 30 7.30 23.01 35.29
CA ARG K 30 8.52 22.82 34.51
C ARG K 30 9.60 23.85 34.84
N LYS K 31 10.86 23.45 34.64
CA LYS K 31 12.01 24.31 34.94
C LYS K 31 11.99 25.63 34.17
N GLN K 32 11.50 25.59 32.94
CA GLN K 32 11.40 26.77 32.09
C GLN K 32 10.30 27.71 32.58
N ASP K 33 9.23 27.14 33.13
CA ASP K 33 8.14 27.92 33.70
C ASP K 33 8.53 28.62 35.00
N ILE K 34 9.55 28.07 35.67
CA ILE K 34 10.08 28.66 36.91
C ILE K 34 10.85 29.95 36.61
N ILE K 35 11.67 29.92 35.56
CA ILE K 35 12.45 31.10 35.14
C ILE K 35 11.52 32.23 34.67
N PHE K 36 10.43 31.85 34.01
CA PHE K 36 9.39 32.80 33.60
C PHE K 36 8.65 33.36 34.81
N ALA K 37 8.66 32.61 35.92
CA ALA K 37 8.04 33.04 37.16
C ALA K 37 8.95 33.94 37.99
N ILE K 38 10.26 33.70 37.93
CA ILE K 38 11.26 34.52 38.64
C ILE K 38 11.14 35.99 38.23
N LEU K 39 10.95 36.22 36.93
CA LEU K 39 10.84 37.57 36.38
C LEU K 39 9.39 37.96 36.05
N LYS K 40 8.44 37.17 36.55
CA LYS K 40 7.02 37.48 36.38
C LYS K 40 6.63 38.74 37.16
N GLN K 41 7.42 39.06 38.18
CA GLN K 41 7.23 40.27 38.98
C GLN K 41 8.49 41.12 39.05
N HIS K 42 9.64 40.50 38.80
CA HIS K 42 10.93 41.21 38.81
C HIS K 42 11.10 42.10 37.58
N ALA K 43 10.19 41.96 36.61
CA ALA K 43 10.18 42.80 35.41
C ALA K 43 9.27 44.01 35.56
N LYS K 44 9.15 44.50 36.80
CA LYS K 44 8.36 45.70 37.09
C LYS K 44 9.23 46.80 37.70
N SER K 45 10.51 46.77 37.36
CA SER K 45 11.48 47.77 37.84
C SER K 45 12.10 48.55 36.69
N GLY K 46 11.65 48.27 35.47
CA GLY K 46 12.15 48.94 34.27
C GLY K 46 12.85 48.01 33.30
N GLU K 47 14.02 48.42 32.86
CA GLU K 47 14.82 47.64 31.90
C GLU K 47 15.83 46.71 32.59
N ASP K 48 15.49 46.26 33.79
CA ASP K 48 16.32 45.31 34.54
C ASP K 48 16.12 43.88 34.01
N ILE K 49 16.42 43.69 32.74
CA ILE K 49 16.27 42.39 32.08
C ILE K 49 17.07 42.33 30.77
N PHE K 50 18.24 41.70 30.84
CA PHE K 50 19.07 41.44 29.67
C PHE K 50 19.27 39.94 29.51
N GLY K 51 19.48 39.50 28.28
CA GLY K 51 19.68 38.07 28.00
C GLY K 51 20.24 37.80 26.62
N ASP K 52 20.35 36.51 26.28
CA ASP K 52 20.88 36.10 24.98
C ASP K 52 20.22 34.82 24.46
N GLY K 53 20.79 34.29 23.38
CA GLY K 53 20.26 33.10 22.72
C GLY K 53 20.38 33.21 21.22
N VAL K 54 20.44 32.06 20.54
CA VAL K 54 20.57 32.03 19.09
C VAL K 54 19.22 32.33 18.42
N LEU K 55 19.23 33.34 17.55
CA LEU K 55 18.03 33.79 16.84
C LEU K 55 17.59 32.79 15.78
N GLU K 56 16.28 32.54 15.72
CA GLU K 56 15.70 31.65 14.71
C GLU K 56 14.53 32.33 13.99
N ILE K 57 14.78 32.74 12.74
CA ILE K 57 13.75 33.30 11.88
C ILE K 57 12.74 32.22 11.50
N LEU K 58 11.49 32.62 11.29
CA LEU K 58 10.42 31.66 11.00
C LEU K 58 9.67 31.95 9.70
N GLN K 59 8.62 31.15 9.45
CA GLN K 59 7.84 31.22 8.21
C GLN K 59 7.17 32.58 7.99
N ASP K 60 6.52 33.10 9.02
CA ASP K 60 5.81 34.38 8.94
C ASP K 60 6.75 35.57 8.75
N GLY K 61 7.88 35.55 9.46
CA GLY K 61 8.86 36.64 9.39
C GLY K 61 9.44 37.00 10.74
N PHE K 62 8.71 36.66 11.79
CA PHE K 62 9.15 36.90 13.17
C PHE K 62 10.09 35.80 13.65
N GLY K 63 10.74 36.03 14.80
CA GLY K 63 11.71 35.08 15.33
C GLY K 63 11.76 34.98 16.85
N PHE K 64 12.57 34.06 17.34
CA PHE K 64 12.78 33.86 18.77
C PHE K 64 14.27 33.69 19.10
N LEU K 65 14.63 34.00 20.34
CA LEU K 65 15.98 33.75 20.84
C LEU K 65 16.04 32.44 21.62
N ARG K 66 16.44 31.38 20.92
CA ARG K 66 16.50 30.03 21.49
C ARG K 66 17.70 29.85 22.40
N SER K 67 17.48 29.20 23.54
CA SER K 67 18.51 28.99 24.55
C SER K 67 19.47 27.85 24.18
N ALA K 68 20.76 28.11 24.36
CA ALA K 68 21.80 27.10 24.09
C ALA K 68 21.93 26.07 25.21
N ASP K 69 21.40 26.41 26.39
CA ASP K 69 21.49 25.53 27.56
C ASP K 69 20.50 24.37 27.49
N SER K 70 19.45 24.54 26.71
CA SER K 70 18.41 23.51 26.54
C SER K 70 18.28 23.04 25.10
N SER K 71 19.41 23.06 24.38
CA SER K 71 19.51 22.60 22.99
C SER K 71 18.54 23.33 22.04
N TYR K 72 18.25 24.58 22.35
CA TYR K 72 17.37 25.44 21.54
C TYR K 72 15.93 24.93 21.46
N LEU K 73 15.43 24.41 22.58
CA LEU K 73 14.05 23.96 22.69
C LEU K 73 13.14 25.17 22.87
N ALA K 74 12.16 25.30 21.99
CA ALA K 74 11.21 26.41 22.03
C ALA K 74 10.39 26.39 23.32
N GLY K 75 10.22 27.55 23.94
CA GLY K 75 9.49 27.67 25.20
C GLY K 75 9.24 29.11 25.61
N PRO K 76 8.81 29.30 26.86
CA PRO K 76 8.47 30.63 27.38
C PRO K 76 9.66 31.60 27.40
N ASP K 77 10.82 31.11 27.84
CA ASP K 77 12.03 31.92 27.99
C ASP K 77 12.47 32.58 26.68
N ASP K 78 12.15 31.95 25.56
CA ASP K 78 12.49 32.46 24.23
C ASP K 78 11.96 33.89 24.02
N ILE K 79 12.82 34.75 23.50
CA ILE K 79 12.50 36.17 23.32
C ILE K 79 12.06 36.46 21.88
N TYR K 80 10.84 36.98 21.73
CA TYR K 80 10.28 37.31 20.42
C TYR K 80 10.97 38.51 19.79
N VAL K 81 11.24 38.39 18.49
CA VAL K 81 11.84 39.48 17.72
C VAL K 81 10.93 39.85 16.55
N SER K 82 10.62 41.13 16.44
CA SER K 82 9.71 41.65 15.41
C SER K 82 10.41 41.75 14.04
N PRO K 83 9.69 41.45 12.97
CA PRO K 83 10.20 41.63 11.60
C PRO K 83 10.64 43.08 11.30
N SER K 84 10.20 44.01 12.12
CA SER K 84 10.63 45.41 12.01
C SER K 84 12.09 45.60 12.44
N GLN K 85 12.55 44.71 13.32
CA GLN K 85 13.94 44.73 13.78
C GLN K 85 14.87 44.01 12.81
N ILE K 86 14.34 42.97 12.15
CA ILE K 86 15.10 42.16 11.20
C ILE K 86 15.48 42.97 9.95
N ARG K 87 14.60 43.89 9.55
CA ARG K 87 14.81 44.70 8.35
C ARG K 87 15.97 45.69 8.50
N ARG K 88 15.97 46.44 9.60
CA ARG K 88 16.97 47.48 9.83
C ARG K 88 18.35 46.90 10.13
N PHE K 89 18.41 46.03 11.14
CA PHE K 89 19.67 45.47 11.63
C PHE K 89 20.20 44.34 10.73
N ASN K 90 19.38 43.91 9.78
CA ASN K 90 19.71 42.84 8.82
C ASN K 90 20.27 41.58 9.48
N LEU K 91 19.37 40.77 10.02
CA LEU K 91 19.76 39.58 10.77
C LEU K 91 19.25 38.29 10.14
N ARG K 92 19.99 37.21 10.35
CA ARG K 92 19.64 35.90 9.82
C ARG K 92 19.58 34.86 10.93
N THR K 93 18.93 33.73 10.65
CA THR K 93 18.80 32.64 11.62
C THR K 93 20.18 32.04 11.94
N GLY K 94 20.48 31.96 13.23
CA GLY K 94 21.78 31.48 13.70
C GLY K 94 22.60 32.53 14.41
N ASP K 95 22.18 33.80 14.29
CA ASP K 95 22.90 34.91 14.89
C ASP K 95 22.67 35.01 16.40
N THR K 96 23.75 35.30 17.13
CA THR K 96 23.66 35.52 18.58
C THR K 96 23.32 36.98 18.87
N ILE K 97 22.41 37.19 19.82
CA ILE K 97 21.93 38.53 20.15
C ILE K 97 21.92 38.80 21.66
N SER K 98 22.36 39.99 22.04
CA SER K 98 22.28 40.45 23.43
C SER K 98 21.57 41.81 23.50
N GLY K 99 20.71 41.97 24.49
CA GLY K 99 19.96 43.21 24.67
C GLY K 99 18.86 43.13 25.71
N LYS K 100 18.09 44.23 25.82
CA LYS K 100 16.99 44.32 26.79
C LYS K 100 15.70 43.65 26.31
N ILE K 101 14.85 43.26 27.26
CA ILE K 101 13.61 42.55 26.94
C ILE K 101 12.40 43.14 27.68
N ARG K 102 11.56 43.87 26.94
CA ARG K 102 10.36 44.47 27.52
C ARG K 102 9.30 43.42 27.86
N PRO K 103 8.73 43.52 29.08
CA PRO K 103 7.69 42.60 29.54
C PRO K 103 6.47 42.56 28.62
N PRO K 104 5.81 41.41 28.52
CA PRO K 104 4.65 41.25 27.64
C PRO K 104 3.53 42.25 27.95
N LYS K 105 3.35 43.22 27.07
CA LYS K 105 2.28 44.21 27.19
C LYS K 105 0.93 43.59 26.84
N GLU K 106 -0.15 44.31 27.14
CA GLU K 106 -1.50 43.82 26.88
C GLU K 106 -1.71 43.52 25.39
N GLY K 107 -1.95 42.24 25.09
CA GLY K 107 -2.08 41.78 23.71
C GLY K 107 -0.82 41.06 23.24
N GLU K 108 -0.23 40.27 24.14
CA GLU K 108 1.01 39.55 23.88
C GLU K 108 1.15 38.32 24.78
N ARG K 109 1.84 37.30 24.27
CA ARG K 109 2.09 36.08 25.04
C ARG K 109 3.56 35.92 25.44
N TYR K 110 4.46 36.21 24.50
CA TYR K 110 5.90 36.07 24.73
C TYR K 110 6.55 37.40 25.08
N PHE K 111 7.81 37.34 25.51
CA PHE K 111 8.64 38.52 25.73
C PHE K 111 9.02 39.15 24.39
N ALA K 112 9.73 40.28 24.44
CA ALA K 112 10.16 40.97 23.22
C ALA K 112 11.46 41.74 23.39
N LEU K 113 12.34 41.63 22.40
CA LEU K 113 13.63 42.31 22.38
C LEU K 113 13.43 43.81 22.25
N LEU K 114 14.00 44.57 23.20
CA LEU K 114 13.81 46.02 23.26
C LEU K 114 14.87 46.78 22.45
N LYS K 115 16.13 46.67 22.88
CA LYS K 115 17.25 47.29 22.16
C LYS K 115 18.42 46.33 22.02
N VAL K 116 18.90 46.18 20.79
CA VAL K 116 20.00 45.25 20.49
C VAL K 116 21.35 45.88 20.81
N ASN K 117 22.17 45.16 21.58
CA ASN K 117 23.48 45.63 22.01
C ASN K 117 24.65 44.86 21.39
N GLU K 118 24.47 43.56 21.20
CA GLU K 118 25.51 42.71 20.62
C GLU K 118 24.94 41.75 19.58
N VAL K 119 25.57 41.72 18.41
CA VAL K 119 25.20 40.80 17.34
C VAL K 119 26.44 40.05 16.83
N ASN K 120 26.44 38.73 17.00
CA ASN K 120 27.57 37.87 16.64
C ASN K 120 28.89 38.35 17.27
N PHE K 121 28.79 38.79 18.53
CA PHE K 121 29.93 39.35 19.29
C PHE K 121 30.48 40.65 18.68
N ASP K 122 29.67 41.30 17.85
CA ASP K 122 30.05 42.51 17.14
C ASP K 122 28.94 43.57 17.23
N LYS K 123 29.34 44.84 17.12
CA LYS K 123 28.40 45.97 17.13
C LYS K 123 27.22 45.74 16.18
N PRO K 124 25.99 45.97 16.67
CA PRO K 124 24.76 45.68 15.94
C PRO K 124 24.78 45.95 14.43
N GLU K 125 25.52 46.97 14.00
CA GLU K 125 25.55 47.37 12.59
C GLU K 125 26.65 46.68 11.80
N ASN K 126 26.31 45.52 11.22
CA ASN K 126 27.19 44.78 10.29
C ASN K 126 26.43 43.74 9.50
N ASN K 129 28.26 41.65 6.68
CA ASN K 129 29.28 40.59 6.74
C ASN K 129 29.03 39.52 5.69
N LYS K 130 30.06 39.20 4.91
CA LYS K 130 29.97 38.23 3.81
C LYS K 130 29.54 36.85 4.29
N ILE K 131 28.42 36.36 3.74
CA ILE K 131 27.87 35.05 4.08
C ILE K 131 28.79 33.91 3.62
N LEU K 132 28.74 32.79 4.34
CA LEU K 132 29.54 31.59 4.03
C LEU K 132 29.31 31.08 2.61
N PHE K 133 28.10 31.32 2.09
CA PHE K 133 27.74 30.95 0.72
C PHE K 133 28.66 31.59 -0.32
N GLU K 134 29.30 32.70 0.08
CA GLU K 134 30.19 33.44 -0.80
C GLU K 134 31.68 33.19 -0.51
N ASN K 135 31.95 32.58 0.64
CA ASN K 135 33.31 32.20 1.02
C ASN K 135 33.86 31.07 0.14
N LEU K 136 35.19 31.04 0.00
CA LEU K 136 35.84 30.10 -0.93
C LEU K 136 36.41 28.85 -0.23
N THR K 137 36.71 27.82 -1.01
CA THR K 137 36.96 26.48 -0.48
C THR K 137 38.31 25.85 -0.86
N PRO K 138 39.37 26.13 -0.08
CA PRO K 138 40.62 25.38 -0.18
C PRO K 138 40.54 24.01 0.51
N LEU K 139 41.60 23.23 0.41
CA LEU K 139 41.62 21.86 0.93
C LEU K 139 42.20 21.70 2.34
N HIS K 140 41.59 22.39 3.30
CA HIS K 140 41.82 22.18 4.75
C HIS K 140 43.28 22.06 5.21
N ALA K 141 44.21 22.49 4.36
CA ALA K 141 45.64 22.24 4.55
C ALA K 141 46.26 23.05 5.69
N ASN K 142 45.88 24.32 5.76
CA ASN K 142 46.48 25.26 6.72
C ASN K 142 46.28 24.86 8.18
N SER K 143 47.33 25.11 8.97
CA SER K 143 47.35 24.86 10.43
C SER K 143 46.56 23.65 10.92
N ARG K 144 47.26 22.54 11.13
CA ARG K 144 46.65 21.30 11.60
C ARG K 144 46.48 21.28 13.12
N LEU K 145 45.65 20.37 13.60
CA LEU K 145 45.41 20.21 15.03
C LEU K 145 45.97 18.88 15.51
N ARG K 146 46.83 18.93 16.53
CA ARG K 146 47.42 17.72 17.10
C ARG K 146 46.76 17.33 18.42
N MET K 147 46.60 16.03 18.63
CA MET K 147 45.91 15.50 19.81
C MET K 147 46.91 14.91 20.80
N GLY K 152 54.00 9.78 28.19
CA GLY K 152 52.86 10.52 28.74
C GLY K 152 51.91 9.64 29.52
N SER K 153 50.61 9.92 29.39
CA SER K 153 49.58 9.15 30.08
C SER K 153 48.83 8.20 29.14
N THR K 154 48.27 7.14 29.70
CA THR K 154 47.55 6.11 28.92
C THR K 154 46.30 6.65 28.22
N GLU K 155 45.83 7.81 28.67
CA GLU K 155 44.69 8.48 28.06
C GLU K 155 45.05 9.14 26.74
N ASP K 156 46.34 9.06 26.38
CA ASP K 156 46.85 9.65 25.15
C ASP K 156 47.19 8.59 24.10
N LEU K 157 46.80 7.34 24.37
CA LEU K 157 47.02 6.24 23.43
C LEU K 157 46.26 6.45 22.12
N THR K 158 44.98 6.79 22.23
CA THR K 158 44.13 7.07 21.07
C THR K 158 44.52 8.39 20.42
N ALA K 159 44.90 9.37 21.25
CA ALA K 159 45.27 10.71 20.77
C ALA K 159 46.54 10.69 19.92
N ARG K 160 47.50 9.86 20.31
CA ARG K 160 48.76 9.71 19.56
C ARG K 160 48.54 8.92 18.27
N VAL K 161 47.86 7.78 18.37
CA VAL K 161 47.54 6.94 17.22
C VAL K 161 46.70 7.72 16.19
N LEU K 162 45.79 8.56 16.69
CA LEU K 162 44.97 9.43 15.84
C LEU K 162 45.83 10.28 14.91
N ASP K 163 46.89 10.89 15.45
CA ASP K 163 47.82 11.70 14.67
C ASP K 163 48.59 10.86 13.66
N LEU K 164 48.97 9.65 14.07
CA LEU K 164 49.74 8.74 13.22
C LEU K 164 48.89 8.08 12.13
N ALA K 165 47.59 7.94 12.40
CA ALA K 165 46.67 7.30 11.44
C ALA K 165 45.94 8.34 10.59
N SER K 166 45.33 9.33 11.24
CA SER K 166 44.51 10.31 10.54
C SER K 166 44.62 11.72 11.15
N PRO K 167 45.59 12.51 10.69
CA PRO K 167 45.74 13.91 11.13
C PRO K 167 44.57 14.81 10.70
N ILE K 168 44.12 15.66 11.61
CA ILE K 168 43.00 16.56 11.35
C ILE K 168 43.48 18.00 11.20
N GLY K 169 43.03 18.66 10.13
CA GLY K 169 43.33 20.07 9.90
C GLY K 169 42.10 20.94 10.05
N ARG K 170 42.27 22.24 9.80
CA ARG K 170 41.15 23.19 9.89
C ARG K 170 40.30 23.16 8.63
N GLY K 171 39.07 22.69 8.76
CA GLY K 171 38.18 22.52 7.62
C GLY K 171 38.03 21.06 7.22
N GLN K 172 38.22 20.17 8.18
CA GLN K 172 38.20 18.74 7.96
C GLN K 172 36.78 18.18 8.00
N ARG K 173 36.52 17.23 7.11
CA ARG K 173 35.24 16.53 7.08
C ARG K 173 35.45 15.10 7.58
N GLY K 174 35.49 14.96 8.91
CA GLY K 174 35.77 13.68 9.55
C GLY K 174 34.62 12.70 9.47
N LEU K 175 34.94 11.44 9.13
CA LEU K 175 33.94 10.40 9.01
C LEU K 175 34.36 9.16 9.80
N ILE K 176 34.09 9.18 11.10
CA ILE K 176 34.43 8.08 11.99
C ILE K 176 33.49 6.89 11.78
N VAL K 177 33.91 5.95 10.93
CA VAL K 177 33.14 4.73 10.68
C VAL K 177 33.31 3.79 11.87
N ALA K 178 32.30 3.76 12.74
CA ALA K 178 32.38 3.00 13.98
C ALA K 178 31.08 2.26 14.31
N PRO K 179 31.17 0.95 14.52
CA PRO K 179 30.03 0.13 14.90
C PRO K 179 29.70 0.30 16.39
N PRO K 180 28.52 -0.17 16.81
CA PRO K 180 28.12 -0.13 18.22
C PRO K 180 29.12 -0.82 19.15
N LYS K 181 29.31 -0.24 20.34
CA LYS K 181 30.20 -0.77 21.38
C LYS K 181 31.65 -0.92 20.93
N ALA K 182 32.30 0.22 20.74
CA ALA K 182 33.72 0.28 20.44
C ALA K 182 34.18 1.68 20.80
N GLY K 183 34.10 2.58 19.84
CA GLY K 183 34.42 3.97 20.11
C GLY K 183 33.27 4.87 19.70
N LYS K 184 33.51 6.17 19.79
CA LYS K 184 32.57 7.22 19.34
C LYS K 184 31.71 7.88 20.42
N THR K 185 31.73 7.35 21.64
CA THR K 185 31.25 8.09 22.81
C THR K 185 32.47 8.36 23.65
N MET K 186 33.47 7.51 23.47
CA MET K 186 34.76 7.66 24.12
C MET K 186 35.77 8.32 23.18
N LEU K 187 35.77 7.90 21.92
CA LEU K 187 36.70 8.46 20.92
C LEU K 187 36.45 9.95 20.68
N LEU K 188 35.19 10.33 20.56
CA LEU K 188 34.79 11.73 20.40
C LEU K 188 35.07 12.54 21.66
N GLN K 189 34.91 11.89 22.82
CA GLN K 189 35.17 12.51 24.11
C GLN K 189 36.66 12.78 24.28
N ASN K 190 37.49 11.94 23.64
CA ASN K 190 38.94 12.10 23.64
C ASN K 190 39.39 13.26 22.74
N ILE K 191 38.82 13.32 21.53
CA ILE K 191 39.16 14.37 20.57
C ILE K 191 38.84 15.77 21.12
N ALA K 192 37.71 15.87 21.81
CA ALA K 192 37.27 17.13 22.42
C ALA K 192 38.27 17.64 23.46
N GLN K 193 38.75 16.74 24.31
CA GLN K 193 39.69 17.07 25.38
C GLN K 193 41.00 17.67 24.87
N SER K 194 41.52 17.11 23.77
CA SER K 194 42.76 17.57 23.17
C SER K 194 42.64 19.01 22.68
N ILE K 195 41.56 19.30 21.94
CA ILE K 195 41.32 20.62 21.37
C ILE K 195 41.03 21.69 22.45
N ALA K 196 40.89 21.25 23.70
CA ALA K 196 40.70 22.17 24.81
C ALA K 196 42.01 22.86 25.20
N TYR K 197 43.04 22.05 25.47
CA TYR K 197 44.36 22.56 25.85
C TYR K 197 45.24 22.85 24.64
N ASN K 198 45.21 21.96 23.65
CA ASN K 198 46.04 22.10 22.45
C ASN K 198 45.59 23.23 21.51
N HIS K 199 44.28 23.47 21.45
CA HIS K 199 43.74 24.50 20.55
C HIS K 199 42.56 25.29 21.13
N PRO K 200 42.84 26.17 22.09
CA PRO K 200 41.79 26.98 22.74
C PRO K 200 41.18 28.05 21.83
N ASP K 201 41.86 28.39 20.75
CA ASP K 201 41.38 29.40 19.80
C ASP K 201 40.14 28.93 19.03
N CYS K 202 40.05 27.61 18.83
CA CYS K 202 38.92 26.99 18.14
C CYS K 202 37.64 27.10 18.95
N VAL K 203 36.51 27.15 18.27
CA VAL K 203 35.20 27.11 18.92
C VAL K 203 34.63 25.70 18.78
N LEU K 204 34.66 24.95 19.88
CA LEU K 204 34.24 23.56 19.87
C LEU K 204 32.75 23.41 20.20
N MET K 205 32.05 22.64 19.38
CA MET K 205 30.63 22.33 19.58
C MET K 205 30.37 20.85 19.36
N VAL K 206 29.62 20.24 20.28
CA VAL K 206 29.29 18.82 20.20
C VAL K 206 27.78 18.61 20.02
N LEU K 207 27.41 17.97 18.92
CA LEU K 207 26.01 17.74 18.60
C LEU K 207 25.67 16.25 18.61
N LEU K 208 24.80 15.86 19.54
CA LEU K 208 24.34 14.49 19.67
C LEU K 208 22.87 14.41 19.26
N ILE K 209 22.58 13.66 18.20
CA ILE K 209 21.26 13.71 17.57
C ILE K 209 20.25 12.67 18.11
N ASP K 210 20.74 11.49 18.50
CA ASP K 210 19.89 10.45 19.07
C ASP K 210 20.53 9.80 20.30
N GLU K 211 21.12 10.64 21.13
CA GLU K 211 21.84 10.19 22.32
C GLU K 211 20.88 9.79 23.44
N ARG K 212 21.37 8.96 24.36
CA ARG K 212 20.63 8.56 25.55
C ARG K 212 20.75 9.66 26.61
N PRO K 213 19.68 9.87 27.39
CA PRO K 213 19.64 10.94 28.40
C PRO K 213 20.85 10.98 29.33
N GLU K 214 21.31 9.81 29.79
CA GLU K 214 22.46 9.73 30.70
C GLU K 214 23.79 10.02 30.00
N GLU K 215 23.85 9.71 28.72
CA GLU K 215 25.06 9.92 27.92
C GLU K 215 25.26 11.41 27.63
N VAL K 216 24.16 12.15 27.62
CA VAL K 216 24.20 13.60 27.42
C VAL K 216 24.71 14.30 28.68
N THR K 217 24.18 13.89 29.84
CA THR K 217 24.52 14.49 31.13
C THR K 217 26.03 14.46 31.41
N GLU K 218 26.69 13.39 30.96
CA GLU K 218 28.13 13.26 31.09
C GLU K 218 28.85 14.25 30.17
N MET K 219 28.53 14.20 28.87
CA MET K 219 29.15 15.05 27.86
C MET K 219 28.88 16.54 28.11
N GLN K 220 27.76 16.83 28.76
CA GLN K 220 27.36 18.22 29.06
C GLN K 220 28.39 18.91 29.95
N ARG K 221 28.94 18.17 30.91
CA ARG K 221 30.01 18.66 31.77
C ARG K 221 31.23 17.74 31.74
N LEU K 222 31.82 17.63 30.55
CA LEU K 222 33.04 16.85 30.32
C LEU K 222 33.76 17.48 29.12
N VAL K 223 32.98 18.09 28.24
CA VAL K 223 33.50 18.76 27.06
C VAL K 223 33.30 20.27 27.18
N LYS K 224 34.36 21.03 26.93
CA LYS K 224 34.28 22.48 26.92
C LYS K 224 33.65 22.96 25.61
N GLY K 225 32.72 23.90 25.73
CA GLY K 225 32.01 24.45 24.57
C GLY K 225 30.54 24.09 24.56
N GLU K 226 29.87 24.38 23.45
CA GLU K 226 28.45 24.11 23.29
C GLU K 226 28.18 22.61 23.27
N VAL K 227 27.27 22.17 24.14
CA VAL K 227 26.86 20.77 24.18
C VAL K 227 25.37 20.64 23.86
N VAL K 228 25.05 20.76 22.58
CA VAL K 228 23.68 20.61 22.09
C VAL K 228 23.34 19.13 21.89
N ALA K 229 22.14 18.74 22.28
CA ALA K 229 21.74 17.33 22.25
C ALA K 229 20.26 17.12 21.95
N SER K 230 19.94 15.92 21.49
CA SER K 230 18.57 15.51 21.26
C SER K 230 18.40 14.06 21.71
N THR K 231 17.68 13.87 22.81
CA THR K 231 17.45 12.54 23.38
C THR K 231 16.62 11.66 22.45
N PHE K 232 16.84 10.35 22.51
CA PHE K 232 16.20 9.40 21.60
C PHE K 232 14.68 9.29 21.80
N ASP K 233 14.18 9.85 22.90
CA ASP K 233 12.75 9.85 23.19
C ASP K 233 12.07 11.14 22.70
N GLU K 234 12.57 11.66 21.58
CA GLU K 234 12.06 12.92 21.01
C GLU K 234 11.71 12.77 19.53
N PRO K 235 10.83 13.65 19.03
CA PRO K 235 10.41 13.60 17.63
C PRO K 235 11.58 13.75 16.66
N ALA K 236 11.39 13.26 15.44
CA ALA K 236 12.40 13.38 14.40
C ALA K 236 12.60 14.83 13.98
N SER K 237 11.56 15.64 14.14
CA SER K 237 11.61 17.07 13.84
C SER K 237 12.52 17.82 14.82
N ARG K 238 12.61 17.30 16.05
CA ARG K 238 13.49 17.86 17.07
C ARG K 238 14.96 17.67 16.68
N HIS K 239 15.29 16.51 16.13
CA HIS K 239 16.63 16.23 15.62
C HIS K 239 16.98 17.19 14.48
N VAL K 240 16.01 17.39 13.58
CA VAL K 240 16.15 18.31 12.46
C VAL K 240 16.37 19.74 12.95
N GLN K 241 15.60 20.15 13.95
CA GLN K 241 15.70 21.50 14.51
C GLN K 241 17.05 21.75 15.19
N VAL K 242 17.43 20.85 16.11
CA VAL K 242 18.65 21.01 16.90
C VAL K 242 19.93 21.04 16.05
N ALA K 243 19.89 20.34 14.91
CA ALA K 243 21.02 20.30 13.99
C ALA K 243 21.06 21.51 13.07
N GLU K 244 19.88 21.92 12.60
CA GLU K 244 19.75 23.06 11.69
C GLU K 244 20.16 24.36 12.36
N MET K 245 20.03 24.40 13.70
CA MET K 245 20.37 25.58 14.48
C MET K 245 21.88 25.73 14.67
N VAL K 246 22.56 24.62 14.93
CA VAL K 246 24.00 24.61 15.19
C VAL K 246 24.80 24.82 13.90
N ILE K 247 24.35 24.21 12.82
CA ILE K 247 24.98 24.40 11.51
C ILE K 247 24.81 25.83 10.99
N GLU K 248 24.01 26.62 11.70
CA GLU K 248 23.84 28.04 11.41
C GLU K 248 24.73 28.92 12.28
N LYS K 249 24.72 28.66 13.59
CA LYS K 249 25.58 29.38 14.54
C LYS K 249 27.04 29.26 14.13
N ALA K 250 27.45 28.06 13.75
CA ALA K 250 28.79 27.80 13.24
C ALA K 250 29.01 28.45 11.87
N LYS K 251 27.99 28.33 11.00
CA LYS K 251 28.05 28.90 9.65
C LYS K 251 28.24 30.42 9.67
N ARG K 252 27.70 31.07 10.71
CA ARG K 252 27.84 32.52 10.87
C ARG K 252 29.18 32.91 11.48
N LEU K 253 29.68 32.10 12.42
CA LEU K 253 30.95 32.40 13.09
C LEU K 253 32.16 32.30 12.18
N VAL K 254 32.00 31.59 11.06
CA VAL K 254 33.03 31.50 10.02
C VAL K 254 33.20 32.85 9.33
N GLU K 255 32.10 33.59 9.19
CA GLU K 255 32.11 34.92 8.59
C GLU K 255 32.95 35.91 9.41
N HIS K 256 33.00 35.69 10.72
CA HIS K 256 33.83 36.50 11.62
C HIS K 256 35.30 36.04 11.61
N LYS K 257 35.69 35.33 10.56
CA LYS K 257 37.06 34.82 10.38
C LYS K 257 37.53 33.93 11.54
N LYS K 258 36.62 33.14 12.08
CA LYS K 258 36.91 32.26 13.21
C LYS K 258 36.89 30.79 12.82
N ASP K 259 37.45 29.95 13.69
CA ASP K 259 37.51 28.50 13.44
C ASP K 259 36.55 27.75 14.37
N VAL K 260 35.56 27.09 13.77
CA VAL K 260 34.55 26.35 14.53
C VAL K 260 34.65 24.86 14.24
N ILE K 261 34.58 24.05 15.29
CA ILE K 261 34.65 22.60 15.18
C ILE K 261 33.35 21.94 15.65
N ILE K 262 32.77 21.10 14.78
CA ILE K 262 31.58 20.33 15.13
C ILE K 262 31.94 18.87 15.33
N LEU K 263 31.66 18.35 16.52
CA LEU K 263 31.83 16.92 16.79
C LEU K 263 30.47 16.22 16.80
N LEU K 264 29.94 16.00 15.61
CA LEU K 264 28.62 15.38 15.44
C LEU K 264 28.67 13.88 15.73
N ASP K 265 27.77 13.42 16.58
CA ASP K 265 27.61 11.99 16.84
C ASP K 265 26.34 11.50 16.14
N SER K 266 26.47 10.36 15.46
CA SER K 266 25.39 9.76 14.66
C SER K 266 24.88 10.66 13.52
N ILE K 267 25.66 10.72 12.45
CA ILE K 267 25.23 11.39 11.21
C ILE K 267 24.20 10.54 10.47
N THR K 268 24.27 9.23 10.67
CA THR K 268 23.32 8.28 10.08
C THR K 268 21.99 8.28 10.85
N ARG K 269 21.93 9.07 11.92
CA ARG K 269 20.69 9.29 12.66
C ARG K 269 20.10 10.66 12.35
N LEU K 270 20.95 11.60 11.97
CA LEU K 270 20.52 12.91 11.49
C LEU K 270 19.89 12.78 10.12
N ALA K 271 20.54 12.01 9.25
CA ALA K 271 20.02 11.69 7.92
C ALA K 271 18.76 10.84 8.02
N ARG K 272 18.69 10.01 9.06
CA ARG K 272 17.51 9.19 9.34
C ARG K 272 16.35 10.06 9.82
N ALA K 273 16.67 11.13 10.53
CA ALA K 273 15.67 12.09 11.00
C ALA K 273 15.12 12.92 9.84
N TYR K 274 16.01 13.29 8.92
CA TYR K 274 15.62 14.02 7.71
C TYR K 274 14.71 13.16 6.81
N ASN K 275 14.87 11.85 6.91
CA ASN K 275 14.13 10.90 6.07
C ASN K 275 12.63 10.84 6.38
N THR K 276 12.25 11.12 7.62
CA THR K 276 10.84 11.07 8.03
C THR K 276 10.18 12.45 8.14
N VAL K 277 10.99 13.51 8.26
CA VAL K 277 10.48 14.88 8.31
C VAL K 277 10.60 15.55 6.93
N VAL K 278 10.13 14.84 5.90
CA VAL K 278 10.20 15.29 4.51
C VAL K 278 9.18 14.52 3.65
N PRO K 279 8.51 15.23 2.74
CA PRO K 279 7.56 14.61 1.81
C PRO K 279 8.22 13.66 0.80
N ALA K 280 7.40 12.87 0.10
CA ALA K 280 7.91 11.89 -0.87
C ALA K 280 7.80 12.39 -2.30
N LEU K 285 12.79 6.65 -4.01
CA LEU K 285 13.00 5.58 -3.05
C LEU K 285 14.09 4.63 -3.52
N THR K 286 14.98 4.23 -2.61
CA THR K 286 16.08 3.32 -2.93
C THR K 286 15.95 2.01 -2.15
N GLY K 287 16.46 2.00 -0.91
CA GLY K 287 16.41 0.82 -0.05
C GLY K 287 15.77 1.13 1.28
N GLY K 288 14.54 1.65 1.24
CA GLY K 288 13.82 2.06 2.44
C GLY K 288 14.03 3.52 2.78
N VAL K 289 14.85 4.20 1.99
CA VAL K 289 15.17 5.61 2.19
C VAL K 289 14.68 6.48 1.04
N ASP K 290 14.11 7.64 1.38
CA ASP K 290 13.62 8.59 0.38
C ASP K 290 14.80 9.23 -0.33
N ALA K 291 14.78 9.19 -1.66
CA ALA K 291 15.89 9.66 -2.49
C ALA K 291 16.14 11.17 -2.36
N ASN K 292 15.05 11.94 -2.45
CA ASN K 292 15.11 13.40 -2.36
C ASN K 292 15.55 13.90 -0.98
N ALA K 293 15.27 13.09 0.05
CA ALA K 293 15.50 13.47 1.44
C ALA K 293 16.98 13.70 1.80
N LEU K 294 17.87 12.95 1.15
CA LEU K 294 19.30 12.98 1.49
C LEU K 294 20.05 14.24 1.05
N HIS K 295 19.31 15.22 0.54
CA HIS K 295 19.89 16.52 0.17
C HIS K 295 20.25 17.34 1.41
N ARG K 296 19.41 17.23 2.44
CA ARG K 296 19.57 18.02 3.68
C ARG K 296 20.77 17.60 4.54
N PRO K 297 21.01 16.30 4.73
CA PRO K 297 22.16 15.82 5.48
C PRO K 297 23.50 16.07 4.77
N LYS K 298 23.53 15.86 3.46
CA LYS K 298 24.73 16.11 2.66
C LYS K 298 25.08 17.60 2.65
N ARG K 299 24.07 18.44 2.92
CA ARG K 299 24.24 19.88 3.00
C ARG K 299 24.87 20.27 4.34
N PHE K 300 24.54 19.51 5.39
CA PHE K 300 25.12 19.67 6.72
C PHE K 300 26.61 19.35 6.68
N PHE K 301 26.94 18.18 6.13
CA PHE K 301 28.30 17.66 6.08
C PHE K 301 29.21 18.50 5.18
N GLY K 302 28.71 18.82 3.99
CA GLY K 302 29.47 19.57 2.98
C GLY K 302 29.87 20.97 3.39
N ALA K 303 29.16 21.52 4.38
CA ALA K 303 29.44 22.86 4.91
C ALA K 303 30.84 22.99 5.51
N ALA K 304 31.43 21.86 5.86
CA ALA K 304 32.79 21.80 6.40
C ALA K 304 33.82 22.19 5.35
N ARG K 305 34.60 23.23 5.64
CA ARG K 305 35.59 23.77 4.71
C ARG K 305 36.56 24.72 5.38
N ASN K 306 37.81 24.71 4.91
CA ASN K 306 38.75 25.79 5.18
C ASN K 306 38.33 26.97 4.30
N VAL K 307 38.58 28.18 4.78
CA VAL K 307 38.24 29.37 4.00
C VAL K 307 39.48 30.18 3.67
N GLU K 308 39.70 30.40 2.37
CA GLU K 308 40.82 31.19 1.85
C GLU K 308 40.83 32.59 2.47
N GLU K 309 39.64 33.16 2.65
CA GLU K 309 39.48 34.51 3.19
C GLU K 309 39.55 34.52 4.72
N GLY K 310 40.08 33.44 5.30
CA GLY K 310 40.23 33.33 6.75
C GLY K 310 39.07 32.60 7.42
N GLY K 311 39.37 31.91 8.52
CA GLY K 311 38.37 31.12 9.23
C GLY K 311 38.18 29.74 8.63
N SER K 312 37.49 28.87 9.36
CA SER K 312 37.23 27.50 8.90
C SER K 312 36.10 26.82 9.66
N LEU K 313 35.44 25.87 9.01
CA LEU K 313 34.45 25.03 9.64
C LEU K 313 34.83 23.56 9.43
N THR K 314 34.94 22.82 10.54
CA THR K 314 35.34 21.42 10.48
C THR K 314 34.38 20.52 11.27
N ILE K 315 33.79 19.56 10.56
CA ILE K 315 32.88 18.60 11.18
C ILE K 315 33.51 17.21 11.20
N ILE K 316 33.56 16.61 12.38
CA ILE K 316 33.97 15.22 12.53
C ILE K 316 32.77 14.39 12.99
N ALA K 317 32.09 13.78 12.04
CA ALA K 317 30.85 13.05 12.30
C ALA K 317 31.03 11.54 12.23
N THR K 318 30.32 10.83 13.11
CA THR K 318 30.42 9.37 13.18
C THR K 318 29.32 8.69 12.35
N ALA K 319 29.74 7.85 11.42
CA ALA K 319 28.81 7.06 10.61
C ALA K 319 28.71 5.63 11.16
N LEU K 320 27.48 5.20 11.44
CA LEU K 320 27.26 3.89 12.07
C LEU K 320 27.28 2.75 11.05
N ILE K 321 27.84 1.62 11.47
CA ILE K 321 28.01 0.46 10.60
C ILE K 321 27.73 -0.84 11.36
N ASP K 322 27.29 -1.87 10.63
CA ASP K 322 26.95 -3.19 11.19
C ASP K 322 25.84 -3.09 12.25
N THR K 323 24.80 -2.33 11.93
CA THR K 323 23.66 -2.15 12.82
C THR K 323 22.60 -3.23 12.58
N GLY K 324 22.68 -3.87 11.42
CA GLY K 324 21.68 -4.86 11.01
C GLY K 324 20.43 -4.20 10.46
N SER K 325 20.57 -2.94 10.08
CA SER K 325 19.49 -2.17 9.50
C SER K 325 19.95 -1.60 8.16
N LYS K 326 19.29 -2.04 7.08
CA LYS K 326 19.66 -1.66 5.73
C LYS K 326 19.60 -0.15 5.50
N MET K 327 18.75 0.53 6.25
CA MET K 327 18.64 2.00 6.18
C MET K 327 19.96 2.67 6.56
N ASP K 328 20.59 2.18 7.63
CA ASP K 328 21.88 2.69 8.09
C ASP K 328 23.01 2.39 7.10
N GLU K 329 22.87 1.26 6.39
CA GLU K 329 23.83 0.87 5.35
C GLU K 329 23.79 1.80 4.14
N VAL K 330 22.58 2.11 3.68
CA VAL K 330 22.40 3.00 2.51
C VAL K 330 22.90 4.41 2.83
N ILE K 331 22.51 4.93 4.00
CA ILE K 331 22.99 6.24 4.45
C ILE K 331 24.52 6.28 4.48
N TYR K 332 25.13 5.17 4.88
CA TYR K 332 26.59 5.04 4.85
C TYR K 332 27.12 5.03 3.42
N GLU K 333 26.59 4.15 2.58
CA GLU K 333 27.04 4.02 1.19
C GLU K 333 26.89 5.33 0.40
N GLU K 334 25.84 6.08 0.71
CA GLU K 334 25.59 7.38 0.06
C GLU K 334 26.52 8.46 0.59
N PHE K 335 26.88 8.38 1.87
CA PHE K 335 27.79 9.33 2.49
C PHE K 335 29.26 8.95 2.35
N LYS K 336 29.53 7.66 2.15
CA LYS K 336 30.89 7.14 2.04
C LYS K 336 31.65 7.82 0.91
N GLY K 337 32.78 8.43 1.26
CA GLY K 337 33.62 9.13 0.28
C GLY K 337 33.07 10.49 -0.09
N THR K 338 32.87 11.33 0.92
CA THR K 338 32.54 12.74 0.71
C THR K 338 33.40 13.61 1.61
N GLY K 339 33.94 12.99 2.65
CA GLY K 339 34.86 13.66 3.56
C GLY K 339 36.30 13.50 3.15
N ASN K 340 37.16 14.34 3.71
CA ASN K 340 38.59 14.30 3.45
C ASN K 340 39.37 13.49 4.48
N MET K 341 38.67 13.04 5.52
CA MET K 341 39.26 12.26 6.60
C MET K 341 38.31 11.13 7.02
N GLU K 342 38.85 9.92 7.14
CA GLU K 342 38.06 8.77 7.59
C GLU K 342 38.80 7.94 8.64
N LEU K 343 38.10 7.59 9.72
CA LEU K 343 38.66 6.79 10.79
C LEU K 343 37.76 5.58 11.06
N HIS K 344 38.33 4.39 10.92
CA HIS K 344 37.56 3.16 11.08
C HIS K 344 37.83 2.50 12.42
N LEU K 345 36.77 2.09 13.09
CA LEU K 345 36.87 1.26 14.28
C LEU K 345 36.33 -0.13 14.00
N SER K 346 37.03 -1.14 14.50
CA SER K 346 36.66 -2.53 14.24
C SER K 346 36.02 -3.18 15.45
N ARG K 347 35.03 -4.04 15.19
CA ARG K 347 34.39 -4.83 16.24
C ARG K 347 35.36 -5.90 16.76
N LYS K 348 36.19 -6.43 15.86
CA LYS K 348 37.17 -7.46 16.21
C LYS K 348 38.21 -6.98 17.22
N ILE K 349 38.70 -5.75 17.02
CA ILE K 349 39.64 -5.15 17.96
C ILE K 349 38.91 -4.63 19.20
N ALA K 350 37.58 -4.58 19.13
CA ALA K 350 36.74 -4.16 20.25
C ALA K 350 36.29 -5.34 21.11
N GLU K 351 36.06 -6.49 20.48
CA GLU K 351 35.67 -7.72 21.18
C GLU K 351 36.69 -8.07 22.25
N LYS K 352 37.95 -8.18 21.83
CA LYS K 352 39.08 -8.23 22.74
C LYS K 352 39.31 -6.81 23.25
N ARG K 353 39.59 -6.67 24.54
CA ARG K 353 39.74 -5.34 25.16
C ARG K 353 41.00 -4.59 24.71
N VAL K 354 41.08 -4.33 23.41
CA VAL K 354 42.14 -3.53 22.82
C VAL K 354 41.51 -2.18 22.45
N PHE K 355 41.37 -1.34 23.47
CA PHE K 355 40.46 -0.18 23.46
C PHE K 355 40.51 0.79 22.27
N PRO K 356 41.67 1.35 21.95
CA PRO K 356 41.78 2.30 20.82
C PRO K 356 41.15 1.75 19.54
N ALA K 357 41.27 0.43 19.35
CA ALA K 357 40.54 -0.32 18.30
C ALA K 357 40.45 0.37 16.93
N ILE K 358 41.47 1.14 16.58
CA ILE K 358 41.50 1.83 15.30
C ILE K 358 41.98 0.90 14.19
N ASP K 359 41.18 0.78 13.14
CA ASP K 359 41.59 0.03 11.95
C ASP K 359 42.58 0.88 11.16
N TYR K 360 43.87 0.66 11.42
CA TYR K 360 44.94 1.47 10.84
C TYR K 360 45.04 1.35 9.31
N ASN K 361 44.73 0.17 8.79
CA ASN K 361 44.81 -0.11 7.35
C ASN K 361 43.73 0.57 6.51
N ARG K 362 42.55 0.75 7.09
CA ARG K 362 41.43 1.38 6.39
C ARG K 362 41.40 2.89 6.58
N SER K 363 42.00 3.37 7.67
CA SER K 363 42.01 4.79 8.02
C SER K 363 42.95 5.61 7.15
N GLY K 364 43.03 6.91 7.44
CA GLY K 364 43.86 7.84 6.67
C GLY K 364 43.06 9.00 6.13
N THR K 365 43.72 10.14 5.95
CA THR K 365 43.07 11.33 5.39
C THR K 365 43.70 11.71 4.05
N ARG K 366 42.86 12.19 3.15
CA ARG K 366 43.29 12.66 1.83
C ARG K 366 44.17 13.90 1.98
N LYS K 367 45.17 14.01 1.10
CA LYS K 367 46.10 15.16 1.06
C LYS K 367 46.82 15.38 2.40
N GLU K 368 47.57 14.37 2.84
CA GLU K 368 48.38 14.48 4.06
C GLU K 368 49.66 15.27 3.82
N GLU K 369 49.94 15.59 2.56
CA GLU K 369 51.12 16.36 2.17
C GLU K 369 51.16 17.76 2.76
N LEU K 370 49.98 18.41 2.82
CA LEU K 370 49.87 19.78 3.27
C LEU K 370 49.51 19.88 4.74
N LEU K 371 49.06 18.76 5.31
CA LEU K 371 48.71 18.69 6.73
C LEU K 371 49.93 18.50 7.62
N THR K 372 51.00 17.96 7.04
CA THR K 372 52.23 17.68 7.80
C THR K 372 53.47 18.25 7.11
N THR K 373 54.63 17.95 7.66
CA THR K 373 55.91 18.29 7.06
C THR K 373 56.51 17.06 6.39
N GLN K 374 57.35 17.27 5.37
CA GLN K 374 58.03 16.19 4.67
C GLN K 374 58.85 15.32 5.62
N GLU K 375 59.26 15.92 6.74
CA GLU K 375 59.99 15.23 7.80
C GLU K 375 59.11 14.21 8.51
N GLU K 376 57.85 14.58 8.73
CA GLU K 376 56.88 13.72 9.42
C GLU K 376 56.14 12.80 8.45
N LEU K 377 55.99 13.26 7.21
CA LEU K 377 55.29 12.50 6.17
C LEU K 377 56.05 11.25 5.76
N GLN K 378 57.38 11.34 5.72
CA GLN K 378 58.23 10.18 5.40
C GLN K 378 58.29 9.21 6.58
N LYS K 379 58.10 9.72 7.78
CA LYS K 379 58.09 8.91 9.00
C LYS K 379 56.84 8.03 9.05
N MET K 380 55.74 8.55 8.51
CA MET K 380 54.46 7.83 8.47
C MET K 380 54.44 6.74 7.41
N TRP K 381 55.02 7.01 6.25
CA TRP K 381 54.99 6.10 5.10
C TRP K 381 55.57 4.72 5.40
N ILE K 382 56.80 4.69 5.92
CA ILE K 382 57.50 3.45 6.25
C ILE K 382 56.77 2.68 7.35
N LEU K 383 56.19 3.41 8.30
CA LEU K 383 55.36 2.84 9.35
C LEU K 383 54.07 2.24 8.75
N ARG K 384 53.51 2.92 7.75
CA ARG K 384 52.33 2.44 7.05
C ARG K 384 52.67 1.26 6.12
N LYS K 385 53.95 1.09 5.81
CA LYS K 385 54.43 -0.01 4.99
C LYS K 385 54.65 -1.29 5.79
N ILE K 386 55.16 -1.15 7.01
CA ILE K 386 55.46 -2.31 7.87
C ILE K 386 54.21 -2.88 8.56
N ILE K 387 53.18 -2.05 8.67
CA ILE K 387 51.90 -2.45 9.28
C ILE K 387 50.89 -2.90 8.22
N HIS K 388 51.26 -2.70 6.94
CA HIS K 388 50.42 -3.09 5.81
C HIS K 388 49.96 -4.56 5.84
N PRO K 389 50.88 -5.52 5.99
CA PRO K 389 50.50 -6.93 6.00
C PRO K 389 49.89 -7.41 7.32
N MET K 390 50.01 -6.60 8.38
CA MET K 390 49.50 -6.97 9.70
C MET K 390 47.97 -6.99 9.78
N GLY K 391 47.44 -7.85 10.66
CA GLY K 391 46.01 -7.98 10.88
C GLY K 391 45.45 -6.88 11.77
N GLU K 392 44.12 -6.78 11.81
CA GLU K 392 43.42 -5.72 12.55
C GLU K 392 43.86 -5.60 14.00
N ILE K 393 43.64 -6.66 14.77
CA ILE K 393 43.95 -6.69 16.20
C ILE K 393 45.46 -6.68 16.44
N ASP K 394 46.18 -7.46 15.62
CA ASP K 394 47.63 -7.58 15.73
C ASP K 394 48.34 -6.24 15.52
N ALA K 395 47.87 -5.48 14.53
CA ALA K 395 48.43 -4.15 14.22
C ALA K 395 48.24 -3.18 15.37
N MET K 396 47.10 -3.25 16.04
CA MET K 396 46.84 -2.42 17.21
C MET K 396 47.68 -2.86 18.40
N GLU K 397 47.60 -4.15 18.73
CA GLU K 397 48.42 -4.73 19.81
C GLU K 397 49.90 -4.39 19.63
N PHE K 398 50.33 -4.27 18.37
CA PHE K 398 51.68 -3.84 18.04
C PHE K 398 51.85 -2.34 18.28
N LEU K 399 50.89 -1.54 17.83
CA LEU K 399 50.97 -0.08 17.95
C LEU K 399 50.73 0.45 19.36
N ILE K 400 50.04 -0.32 20.19
CA ILE K 400 49.76 0.09 21.57
C ILE K 400 50.92 -0.31 22.49
N ASN K 401 51.48 -1.50 22.27
CA ASN K 401 52.59 -2.00 23.08
C ASN K 401 53.93 -1.34 22.74
N LYS K 402 54.05 -0.82 21.51
CA LYS K 402 55.27 -0.16 21.06
C LYS K 402 55.19 1.37 21.17
N LEU K 403 54.05 1.88 21.63
CA LEU K 403 53.88 3.33 21.85
C LEU K 403 53.64 3.69 23.31
N ALA K 404 53.35 2.70 24.14
CA ALA K 404 53.18 2.92 25.58
C ALA K 404 54.52 3.17 26.26
N MET K 405 55.28 4.11 25.70
CA MET K 405 56.63 4.42 26.15
C MET K 405 56.96 5.91 26.03
N THR K 406 57.09 6.38 24.80
CA THR K 406 57.59 7.73 24.51
C THR K 406 56.53 8.67 23.94
N LYS K 407 56.98 9.73 23.29
CA LYS K 407 56.08 10.74 22.73
C LYS K 407 56.21 10.85 21.21
N THR K 408 55.57 11.88 20.66
CA THR K 408 55.58 12.14 19.21
C THR K 408 56.90 11.77 18.53
N ASN K 409 57.88 12.65 18.60
CA ASN K 409 59.18 12.46 17.95
C ASN K 409 59.85 11.11 18.18
N ASP K 410 60.03 10.78 19.45
CA ASP K 410 60.74 9.56 19.85
C ASP K 410 60.15 8.30 19.23
N ASP K 411 58.87 8.38 18.89
CA ASP K 411 58.14 7.19 18.47
C ASP K 411 58.86 6.33 17.42
N PHE K 412 59.14 6.92 16.25
CA PHE K 412 59.72 6.15 15.15
C PHE K 412 61.22 6.38 14.95
N PHE K 413 61.76 7.41 15.60
CA PHE K 413 63.21 7.64 15.58
C PHE K 413 63.93 6.63 16.47
N GLU K 414 63.15 5.97 17.34
CA GLU K 414 63.64 4.83 18.12
C GLU K 414 63.40 3.51 17.38
N MET K 415 62.79 3.60 16.21
CA MET K 415 62.62 2.45 15.31
C MET K 415 63.48 2.57 14.06
N MET K 416 63.87 3.80 13.72
CA MET K 416 64.79 4.06 12.62
C MET K 416 66.19 3.57 12.97
N LYS K 417 66.54 3.67 14.24
CA LYS K 417 67.81 3.18 14.76
C LYS K 417 67.60 2.32 16.00
N MET L 1 29.61 49.19 -17.81
CA MET L 1 30.32 47.92 -18.15
C MET L 1 29.35 46.84 -18.60
N ASN L 2 29.64 45.59 -18.23
CA ASN L 2 28.78 44.46 -18.56
C ASN L 2 28.47 43.61 -17.31
N LEU L 3 28.06 42.37 -17.53
CA LEU L 3 27.86 41.40 -16.45
C LEU L 3 29.01 40.41 -16.38
N THR L 4 29.50 40.01 -17.55
CA THR L 4 30.59 39.04 -17.68
C THR L 4 31.85 39.45 -16.92
N GLU L 5 32.02 40.75 -16.71
CA GLU L 5 33.13 41.28 -15.93
C GLU L 5 32.69 41.63 -14.51
N LEU L 6 31.44 42.09 -14.37
CA LEU L 6 30.87 42.46 -13.09
C LEU L 6 30.68 41.26 -12.16
N LYS L 7 30.31 40.12 -12.75
CA LYS L 7 30.19 38.87 -12.00
C LYS L 7 31.56 38.25 -11.76
N ASN L 8 32.52 38.60 -12.61
CA ASN L 8 33.89 38.11 -12.49
C ASN L 8 34.76 38.95 -11.54
N THR L 9 34.13 39.46 -10.49
CA THR L 9 34.82 40.18 -9.42
C THR L 9 34.44 39.59 -8.07
N PRO L 10 35.39 39.50 -7.14
CA PRO L 10 35.13 39.00 -5.79
C PRO L 10 33.98 39.72 -5.08
N VAL L 11 33.39 39.05 -4.10
CA VAL L 11 32.23 39.59 -3.37
C VAL L 11 32.61 40.87 -2.61
N SER L 12 33.84 40.92 -2.09
CA SER L 12 34.37 42.11 -1.44
C SER L 12 34.62 43.24 -2.45
N GLU L 13 34.88 42.86 -3.71
CA GLU L 13 35.00 43.82 -4.81
C GLU L 13 33.65 44.19 -5.40
N LEU L 14 32.57 43.91 -4.67
CA LEU L 14 31.22 44.25 -5.10
C LEU L 14 30.40 44.87 -3.97
N ILE L 15 30.62 44.39 -2.75
CA ILE L 15 30.00 44.97 -1.56
C ILE L 15 30.49 46.41 -1.34
N THR L 16 31.75 46.66 -1.68
CA THR L 16 32.37 47.97 -1.51
C THR L 16 32.43 48.76 -2.82
N LEU L 17 32.79 48.08 -3.91
CA LEU L 17 32.92 48.72 -5.22
C LEU L 17 31.57 48.88 -5.91
N GLY L 18 30.49 48.68 -5.15
CA GLY L 18 29.13 48.88 -5.63
C GLY L 18 28.32 49.75 -4.71
N GLU L 19 28.93 50.85 -4.25
CA GLU L 19 28.27 51.80 -3.35
C GLU L 19 28.00 53.12 -4.05
N ASN L 20 28.64 53.33 -5.20
CA ASN L 20 28.47 54.54 -6.00
C ASN L 20 27.06 54.69 -6.57
N MET L 21 26.39 53.56 -6.80
CA MET L 21 25.01 53.54 -7.29
C MET L 21 24.05 54.07 -6.22
N GLY L 22 24.37 53.80 -4.96
CA GLY L 22 23.55 54.23 -3.83
C GLY L 22 22.84 53.07 -3.17
N LEU L 23 23.58 52.32 -2.36
CA LEU L 23 23.05 51.12 -1.72
C LEU L 23 23.36 51.08 -0.22
N GLU L 24 22.37 50.67 0.57
CA GLU L 24 22.48 50.65 2.03
C GLU L 24 23.27 49.45 2.56
N ASN L 25 22.56 48.44 3.03
CA ASN L 25 23.18 47.26 3.64
C ASN L 25 22.82 45.96 2.92
N LEU L 26 23.82 45.32 2.33
CA LEU L 26 23.64 44.09 1.57
C LEU L 26 24.93 43.26 1.52
N ALA L 27 25.71 43.33 2.59
CA ALA L 27 26.93 42.53 2.72
C ALA L 27 26.60 41.09 3.10
N ARG L 28 25.45 40.91 3.75
CA ARG L 28 24.97 39.58 4.14
C ARG L 28 24.06 38.98 3.07
N MET L 29 24.13 39.55 1.86
CA MET L 29 23.32 39.13 0.73
C MET L 29 24.12 38.20 -0.18
N ARG L 30 23.43 37.30 -0.87
CA ARG L 30 24.07 36.43 -1.86
C ARG L 30 24.57 37.23 -3.05
N LYS L 31 25.80 36.95 -3.46
CA LYS L 31 26.48 37.66 -4.56
C LYS L 31 25.56 37.98 -5.75
N GLN L 32 24.75 37.00 -6.15
CA GLN L 32 23.86 37.12 -7.30
C GLN L 32 22.75 38.16 -7.12
N ASP L 33 22.47 38.51 -5.86
CA ASP L 33 21.49 39.54 -5.53
C ASP L 33 22.10 40.94 -5.57
N ILE L 34 23.40 41.03 -5.30
CA ILE L 34 24.13 42.31 -5.36
C ILE L 34 24.25 42.77 -6.81
N ILE L 35 24.54 41.84 -7.71
CA ILE L 35 24.57 42.10 -9.14
C ILE L 35 23.16 42.47 -9.62
N PHE L 36 22.15 41.92 -8.95
CA PHE L 36 20.76 42.27 -9.21
C PHE L 36 20.39 43.62 -8.56
N ALA L 37 21.14 44.00 -7.53
CA ALA L 37 20.90 45.24 -6.79
C ALA L 37 21.65 46.43 -7.37
N ILE L 38 22.79 46.16 -8.03
CA ILE L 38 23.59 47.21 -8.66
C ILE L 38 23.04 47.55 -10.06
N LEU L 39 22.83 46.53 -10.88
CA LEU L 39 22.35 46.72 -12.26
C LEU L 39 20.97 47.38 -12.33
N LYS L 40 20.18 47.22 -11.27
CA LYS L 40 18.86 47.84 -11.18
C LYS L 40 18.98 49.35 -10.99
N GLN L 41 19.87 49.77 -10.10
CA GLN L 41 20.12 51.19 -9.85
C GLN L 41 20.91 51.82 -11.00
N HIS L 42 21.52 50.99 -11.84
CA HIS L 42 22.24 51.43 -13.02
C HIS L 42 21.28 51.87 -14.15
N ALA L 43 19.98 51.87 -13.85
CA ALA L 43 18.96 52.31 -14.80
C ALA L 43 19.07 53.80 -15.14
N LYS L 44 19.98 54.50 -14.48
CA LYS L 44 20.21 55.91 -14.70
C LYS L 44 21.03 56.16 -15.96
N SER L 45 22.30 56.54 -15.79
CA SER L 45 23.19 56.85 -16.90
C SER L 45 24.11 55.68 -17.23
N GLY L 46 24.51 55.58 -18.49
CA GLY L 46 25.34 54.47 -18.97
C GLY L 46 24.55 53.17 -19.05
N GLU L 47 23.26 53.28 -19.32
CA GLU L 47 22.36 52.12 -19.38
C GLU L 47 22.42 51.38 -20.72
N ASP L 48 23.61 51.35 -21.32
CA ASP L 48 23.87 50.56 -22.51
C ASP L 48 24.64 49.30 -22.12
N ILE L 49 24.30 48.76 -20.96
CA ILE L 49 25.00 47.61 -20.37
C ILE L 49 24.81 46.32 -21.17
N PHE L 50 25.93 45.75 -21.63
CA PHE L 50 25.92 44.47 -22.32
C PHE L 50 25.90 43.31 -21.33
N GLY L 51 25.90 42.08 -21.85
CA GLY L 51 25.89 40.89 -21.01
C GLY L 51 25.76 39.62 -21.82
N ASP L 52 26.27 38.51 -21.28
CA ASP L 52 26.22 37.22 -21.98
C ASP L 52 25.92 36.03 -21.06
N GLY L 53 25.66 34.89 -21.68
CA GLY L 53 25.36 33.65 -20.97
C GLY L 53 24.92 32.56 -21.91
N VAL L 54 24.70 31.36 -21.37
CA VAL L 54 24.26 30.20 -22.15
C VAL L 54 22.74 30.05 -22.05
N LEU L 55 22.11 29.82 -23.20
CA LEU L 55 20.64 29.72 -23.27
C LEU L 55 20.11 28.41 -22.70
N GLU L 56 19.06 28.52 -21.88
CA GLU L 56 18.34 27.36 -21.36
C GLU L 56 16.83 27.61 -21.49
N ILE L 57 16.19 26.81 -22.33
CA ILE L 57 14.74 26.92 -22.56
C ILE L 57 13.98 25.99 -21.61
N LEU L 58 12.86 26.48 -21.09
CA LEU L 58 12.03 25.72 -20.16
C LEU L 58 10.72 25.27 -20.80
N GLN L 59 10.07 24.29 -20.16
CA GLN L 59 8.83 23.65 -20.67
C GLN L 59 7.84 24.62 -21.32
N ASP L 60 7.64 25.78 -20.71
CA ASP L 60 6.67 26.78 -21.17
C ASP L 60 6.97 27.27 -22.59
N GLY L 61 8.24 27.57 -22.86
CA GLY L 61 8.67 28.05 -24.17
C GLY L 61 9.71 29.16 -24.09
N PHE L 62 9.73 29.86 -22.96
CA PHE L 62 10.68 30.95 -22.72
C PHE L 62 12.06 30.44 -22.34
N GLY L 63 13.08 31.26 -22.59
CA GLY L 63 14.46 30.90 -22.32
C GLY L 63 15.11 31.70 -21.20
N PHE L 64 16.32 31.29 -20.83
CA PHE L 64 17.11 31.97 -19.79
C PHE L 64 18.59 31.93 -20.11
N LEU L 65 19.29 33.04 -19.86
CA LEU L 65 20.74 33.08 -20.00
C LEU L 65 21.42 32.91 -18.65
N ARG L 66 22.06 31.75 -18.47
CA ARG L 66 22.74 31.42 -17.22
C ARG L 66 24.24 31.65 -17.37
N SER L 67 24.87 32.11 -16.28
CA SER L 67 26.30 32.37 -16.28
C SER L 67 27.09 31.10 -15.91
N ALA L 68 28.18 30.87 -16.63
CA ALA L 68 29.05 29.73 -16.39
C ALA L 68 29.90 29.90 -15.13
N ASP L 69 29.94 31.13 -14.62
CA ASP L 69 30.67 31.46 -13.39
C ASP L 69 30.10 30.69 -12.19
N SER L 70 28.80 30.85 -11.96
CA SER L 70 28.12 30.16 -10.86
C SER L 70 27.71 28.74 -11.23
N SER L 71 28.34 28.20 -12.28
CA SER L 71 28.04 26.87 -12.82
C SER L 71 26.58 26.71 -13.23
N TYR L 72 26.11 27.65 -14.05
CA TYR L 72 24.75 27.65 -14.62
C TYR L 72 23.60 27.62 -13.60
N LEU L 73 23.94 27.82 -12.32
CA LEU L 73 22.93 27.84 -11.26
C LEU L 73 21.98 29.02 -11.44
N ALA L 74 20.69 28.72 -11.42
CA ALA L 74 19.64 29.73 -11.61
C ALA L 74 19.74 30.84 -10.58
N GLY L 75 19.91 32.07 -11.05
CA GLY L 75 20.07 33.23 -10.19
C GLY L 75 19.12 34.36 -10.54
N PRO L 76 18.89 35.28 -9.58
CA PRO L 76 17.99 36.42 -9.78
C PRO L 76 18.52 37.43 -10.80
N ASP L 77 19.79 37.29 -11.18
CA ASP L 77 20.42 38.21 -12.14
C ASP L 77 20.70 37.56 -13.50
N ASP L 78 19.87 36.59 -13.87
CA ASP L 78 19.92 35.97 -15.20
C ASP L 78 19.25 36.89 -16.22
N ILE L 79 19.15 36.43 -17.47
CA ILE L 79 18.51 37.20 -18.53
C ILE L 79 17.34 36.44 -19.15
N TYR L 80 16.16 37.07 -19.12
CA TYR L 80 14.94 36.51 -19.70
C TYR L 80 14.96 36.61 -21.22
N VAL L 81 14.60 35.51 -21.88
CA VAL L 81 14.55 35.47 -23.34
C VAL L 81 13.18 34.95 -23.79
N SER L 82 12.31 35.87 -24.22
CA SER L 82 10.95 35.54 -24.65
C SER L 82 10.93 34.60 -25.86
N PRO L 83 9.91 33.74 -25.94
CA PRO L 83 9.76 32.80 -27.07
C PRO L 83 9.80 33.49 -28.44
N SER L 84 9.52 34.79 -28.45
CA SER L 84 9.64 35.62 -29.65
C SER L 84 11.09 35.63 -30.13
N GLN L 85 12.01 35.88 -29.19
CA GLN L 85 13.44 35.91 -29.49
C GLN L 85 14.01 34.51 -29.74
N ILE L 86 13.39 33.51 -29.11
CA ILE L 86 13.77 32.11 -29.31
C ILE L 86 13.44 31.67 -30.75
N ARG L 87 12.32 32.15 -31.27
CA ARG L 87 11.87 31.79 -32.62
C ARG L 87 12.42 32.73 -33.70
N ARG L 88 12.42 34.03 -33.41
CA ARG L 88 12.87 35.06 -34.35
C ARG L 88 14.31 34.81 -34.80
N PHE L 89 15.20 34.57 -33.84
CA PHE L 89 16.63 34.38 -34.11
C PHE L 89 17.00 32.90 -34.19
N ASN L 90 15.99 32.03 -34.11
CA ASN L 90 16.18 30.57 -34.14
C ASN L 90 17.22 30.10 -33.12
N LEU L 91 16.86 30.19 -31.84
CA LEU L 91 17.80 29.88 -30.76
C LEU L 91 17.60 28.48 -30.18
N ARG L 92 18.72 27.81 -29.91
CA ARG L 92 18.73 26.46 -29.35
C ARG L 92 19.16 26.52 -27.88
N THR L 93 18.63 25.61 -27.07
CA THR L 93 18.94 25.56 -25.64
C THR L 93 20.41 25.19 -25.37
N GLY L 94 21.28 26.20 -25.42
CA GLY L 94 22.72 26.02 -25.21
C GLY L 94 23.57 26.91 -26.09
N ASP L 95 23.21 28.19 -26.17
CA ASP L 95 23.93 29.15 -27.02
C ASP L 95 24.47 30.32 -26.23
N THR L 96 25.73 30.67 -26.48
CA THR L 96 26.38 31.81 -25.84
C THR L 96 25.98 33.10 -26.56
N ILE L 97 25.14 33.90 -25.90
CA ILE L 97 24.59 35.12 -26.51
C ILE L 97 25.07 36.37 -25.77
N SER L 98 25.86 37.17 -26.46
CA SER L 98 26.33 38.46 -25.93
C SER L 98 25.49 39.60 -26.51
N GLY L 99 24.97 40.45 -25.63
CA GLY L 99 24.13 41.58 -26.06
C GLY L 99 23.66 42.50 -24.96
N LYS L 100 23.12 43.64 -25.36
CA LYS L 100 22.59 44.66 -24.44
C LYS L 100 21.28 44.23 -23.81
N ILE L 101 21.00 44.78 -22.63
CA ILE L 101 19.81 44.39 -21.84
C ILE L 101 18.99 45.59 -21.33
N ARG L 102 17.88 45.29 -20.67
CA ARG L 102 17.04 46.31 -20.01
C ARG L 102 16.57 45.85 -18.63
N PRO L 103 16.42 46.80 -17.70
CA PRO L 103 15.90 46.51 -16.36
C PRO L 103 14.42 46.08 -16.36
N PRO L 104 13.95 45.45 -15.28
CA PRO L 104 12.56 44.99 -15.19
C PRO L 104 11.54 46.13 -15.10
N LYS L 105 10.32 45.85 -15.56
CA LYS L 105 9.22 46.81 -15.52
C LYS L 105 8.19 46.43 -14.45
N GLU L 106 7.04 45.92 -14.89
CA GLU L 106 5.95 45.53 -13.98
C GLU L 106 5.82 44.00 -13.96
N GLY L 107 5.69 43.45 -12.75
CA GLY L 107 5.53 42.01 -12.58
C GLY L 107 6.84 41.25 -12.71
N GLU L 108 7.51 41.43 -13.86
CA GLU L 108 8.79 40.80 -14.14
C GLU L 108 9.85 41.11 -13.08
N ARG L 109 10.60 40.08 -12.69
CA ARG L 109 11.59 40.20 -11.63
C ARG L 109 13.02 40.10 -12.14
N TYR L 110 13.18 39.72 -13.40
CA TYR L 110 14.51 39.57 -14.01
C TYR L 110 14.73 40.56 -15.15
N PHE L 111 16.01 40.82 -15.44
CA PHE L 111 16.40 41.68 -16.55
C PHE L 111 16.19 40.96 -17.87
N ALA L 112 15.89 41.72 -18.93
CA ALA L 112 15.59 41.12 -20.23
C ALA L 112 16.50 41.67 -21.33
N LEU L 113 16.86 40.79 -22.27
CA LEU L 113 17.69 41.18 -23.40
C LEU L 113 16.86 41.91 -24.45
N LEU L 114 17.41 43.01 -24.97
CA LEU L 114 16.73 43.81 -26.00
C LEU L 114 17.15 43.36 -27.40
N LYS L 115 18.30 43.87 -27.86
CA LYS L 115 18.81 43.53 -29.18
C LYS L 115 19.95 42.52 -29.08
N VAL L 116 19.85 41.47 -29.90
CA VAL L 116 20.87 40.43 -29.96
C VAL L 116 21.99 40.86 -30.90
N ASN L 117 23.24 40.68 -30.45
CA ASN L 117 24.41 41.08 -31.24
C ASN L 117 25.38 39.93 -31.53
N GLU L 118 25.32 38.88 -30.71
CA GLU L 118 26.20 37.74 -30.87
C GLU L 118 25.47 36.41 -30.66
N VAL L 119 25.41 35.60 -31.71
CA VAL L 119 24.83 34.25 -31.64
C VAL L 119 25.89 33.22 -32.00
N ASN L 120 26.30 32.44 -31.01
CA ASN L 120 27.30 31.38 -31.18
C ASN L 120 28.61 31.83 -31.84
N PHE L 121 29.06 33.02 -31.46
CA PHE L 121 30.32 33.62 -31.98
C PHE L 121 30.34 33.85 -33.49
N ASP L 122 29.17 33.79 -34.12
CA ASP L 122 29.06 33.98 -35.56
C ASP L 122 28.18 35.19 -35.87
N LYS L 123 27.33 35.08 -36.90
CA LYS L 123 26.42 36.15 -37.27
C LYS L 123 25.20 36.13 -36.36
N PRO L 124 24.68 37.31 -36.00
CA PRO L 124 23.46 37.41 -35.18
C PRO L 124 22.24 36.72 -35.81
N GLU L 125 22.38 36.29 -37.06
CA GLU L 125 21.32 35.60 -37.78
C GLU L 125 21.80 34.21 -38.23
N ASN L 126 22.84 34.19 -39.05
CA ASN L 126 23.37 32.96 -39.61
C ASN L 126 24.65 32.51 -38.90
N ASN L 129 20.78 25.27 -40.38
CA ASN L 129 22.01 24.94 -39.68
C ASN L 129 22.33 23.45 -39.74
N LYS L 130 23.61 23.11 -39.81
CA LYS L 130 24.07 21.72 -39.78
C LYS L 130 24.01 21.18 -38.36
N ILE L 131 22.79 20.93 -37.88
CA ILE L 131 22.55 20.44 -36.52
C ILE L 131 23.31 19.15 -36.25
N LEU L 132 23.89 19.04 -35.05
CA LEU L 132 24.66 17.86 -34.65
C LEU L 132 23.82 16.58 -34.71
N PHE L 133 22.49 16.75 -34.66
CA PHE L 133 21.54 15.65 -34.78
C PHE L 133 21.88 14.72 -35.95
N GLU L 134 22.28 15.31 -37.07
CA GLU L 134 22.69 14.55 -38.26
C GLU L 134 23.83 15.22 -39.03
N ASN L 135 24.96 14.51 -39.11
CA ASN L 135 26.11 14.92 -39.91
C ASN L 135 26.67 13.73 -40.67
N LEU L 136 27.78 13.94 -41.37
CA LEU L 136 28.53 12.83 -41.96
C LEU L 136 29.58 12.38 -40.94
N THR L 137 29.60 11.08 -40.67
CA THR L 137 30.50 10.52 -39.66
C THR L 137 31.47 9.49 -40.25
N PRO L 138 32.65 9.96 -40.67
CA PRO L 138 33.73 9.05 -41.06
C PRO L 138 34.33 8.36 -39.84
N LEU L 139 35.26 7.45 -40.07
CA LEU L 139 35.89 6.70 -38.98
C LEU L 139 36.65 7.63 -38.03
N HIS L 140 36.56 7.33 -36.74
CA HIS L 140 37.14 8.18 -35.67
C HIS L 140 38.65 8.37 -35.80
N ALA L 141 39.30 7.47 -36.53
CA ALA L 141 40.74 7.48 -36.69
C ALA L 141 41.24 8.54 -37.68
N ASN L 142 40.59 9.71 -37.65
CA ASN L 142 41.00 10.83 -38.49
C ASN L 142 42.20 11.55 -37.90
N SER L 143 41.97 12.26 -36.79
CA SER L 143 43.00 13.07 -36.15
C SER L 143 43.43 12.47 -34.80
N ARG L 144 44.56 12.95 -34.28
CA ARG L 144 45.12 12.44 -33.04
C ARG L 144 45.60 13.57 -32.12
N LEU L 145 45.37 13.40 -30.82
CA LEU L 145 45.83 14.36 -29.81
C LEU L 145 46.97 13.75 -28.99
N ARG L 146 48.20 14.22 -29.26
CA ARG L 146 49.38 13.72 -28.57
C ARG L 146 49.59 14.43 -27.23
N MET L 147 50.04 13.66 -26.24
CA MET L 147 50.27 14.17 -24.88
C MET L 147 51.76 14.18 -24.56
N GLY L 152 59.86 17.97 -22.00
CA GLY L 152 60.17 16.85 -21.13
C GLY L 152 60.43 17.28 -19.71
N SER L 153 59.70 16.67 -18.77
CA SER L 153 59.84 16.97 -17.34
C SER L 153 59.49 15.75 -16.47
N THR L 154 59.16 16.01 -15.21
CA THR L 154 58.79 14.94 -14.27
C THR L 154 57.30 14.61 -14.30
N GLU L 155 56.46 15.65 -14.37
CA GLU L 155 55.01 15.47 -14.45
C GLU L 155 54.56 15.19 -15.89
N ASP L 156 55.49 14.70 -16.70
CA ASP L 156 55.22 14.35 -18.09
C ASP L 156 55.17 12.83 -18.27
N LEU L 157 55.50 12.10 -17.21
CA LEU L 157 55.47 10.63 -17.20
C LEU L 157 54.05 10.11 -17.38
N THR L 158 53.09 10.81 -16.76
CA THR L 158 51.67 10.47 -16.88
C THR L 158 51.19 10.65 -18.33
N ALA L 159 51.67 11.71 -18.98
CA ALA L 159 51.32 12.00 -20.37
C ALA L 159 51.97 11.01 -21.35
N ARG L 160 53.21 10.64 -21.07
CA ARG L 160 53.95 9.70 -21.91
C ARG L 160 53.42 8.27 -21.83
N VAL L 161 53.01 7.85 -20.64
CA VAL L 161 52.40 6.53 -20.44
C VAL L 161 51.04 6.45 -21.13
N LEU L 162 50.25 7.51 -20.97
CA LEU L 162 48.94 7.62 -21.61
C LEU L 162 49.09 7.66 -23.13
N ASP L 163 50.21 8.21 -23.60
CA ASP L 163 50.54 8.23 -25.03
C ASP L 163 50.78 6.84 -25.60
N LEU L 164 51.29 5.94 -24.76
CA LEU L 164 51.65 4.59 -25.18
C LEU L 164 50.53 3.58 -24.91
N ALA L 165 49.89 3.69 -23.74
CA ALA L 165 48.85 2.76 -23.32
C ALA L 165 47.56 2.93 -24.11
N SER L 166 47.05 4.17 -24.16
CA SER L 166 45.80 4.46 -24.85
C SER L 166 45.78 5.87 -25.46
N PRO L 167 46.18 5.99 -26.72
CA PRO L 167 46.17 7.28 -27.43
C PRO L 167 44.76 7.76 -27.78
N ILE L 168 44.52 9.05 -27.59
CA ILE L 168 43.23 9.65 -27.94
C ILE L 168 43.35 10.67 -29.06
N GLY L 169 42.31 10.76 -29.89
CA GLY L 169 42.25 11.73 -30.98
C GLY L 169 40.97 12.53 -31.01
N ARG L 170 40.86 13.45 -31.95
CA ARG L 170 39.67 14.30 -32.09
C ARG L 170 38.48 13.50 -32.61
N GLY L 171 37.50 13.29 -31.73
CA GLY L 171 36.29 12.53 -32.05
C GLY L 171 36.32 11.12 -31.50
N GLN L 172 36.44 10.99 -30.18
CA GLN L 172 36.55 9.68 -29.52
C GLN L 172 35.74 9.58 -28.24
N ARG L 173 35.33 8.36 -27.91
CA ARG L 173 34.68 8.07 -26.63
C ARG L 173 35.71 7.50 -25.64
N GLY L 174 36.26 8.37 -24.81
CA GLY L 174 37.26 7.99 -23.83
C GLY L 174 36.65 7.55 -22.52
N LEU L 175 37.13 6.43 -21.98
CA LEU L 175 36.64 5.90 -20.72
C LEU L 175 37.79 5.59 -19.76
N ILE L 176 37.79 6.27 -18.62
CA ILE L 176 38.80 6.03 -17.58
C ILE L 176 38.18 5.26 -16.41
N VAL L 177 38.39 3.95 -16.41
CA VAL L 177 37.90 3.08 -15.32
C VAL L 177 38.84 3.22 -14.13
N ALA L 178 38.32 3.75 -13.03
CA ALA L 178 39.15 4.04 -11.86
C ALA L 178 38.42 3.92 -10.53
N PRO L 179 39.05 3.26 -9.56
CA PRO L 179 38.56 3.24 -8.18
C PRO L 179 38.96 4.50 -7.40
N PRO L 180 38.40 4.69 -6.20
CA PRO L 180 38.77 5.82 -5.35
C PRO L 180 40.26 5.86 -4.99
N LYS L 181 40.82 7.07 -4.92
CA LYS L 181 42.21 7.32 -4.52
C LYS L 181 43.26 6.70 -5.44
N ALA L 182 42.87 6.38 -6.67
CA ALA L 182 43.78 5.76 -7.65
C ALA L 182 44.42 6.80 -8.57
N GLY L 183 44.22 8.08 -8.27
CA GLY L 183 44.78 9.16 -9.07
C GLY L 183 43.90 9.54 -10.25
N LYS L 184 42.59 9.48 -10.04
CA LYS L 184 41.61 9.76 -11.08
C LYS L 184 41.49 11.25 -11.36
N THR L 185 41.51 12.05 -10.30
CA THR L 185 41.42 13.52 -10.41
C THR L 185 42.69 14.12 -11.00
N MET L 186 43.83 13.74 -10.42
CA MET L 186 45.14 14.28 -10.82
C MET L 186 45.55 13.85 -12.24
N LEU L 187 45.02 12.70 -12.68
CA LEU L 187 45.19 12.23 -14.06
C LEU L 187 44.45 13.14 -15.03
N LEU L 188 43.21 13.52 -14.67
CA LEU L 188 42.40 14.44 -15.48
C LEU L 188 43.01 15.83 -15.51
N GLN L 189 43.67 16.21 -14.41
CA GLN L 189 44.40 17.47 -14.34
C GLN L 189 45.67 17.44 -15.19
N ASN L 190 46.23 16.25 -15.36
CA ASN L 190 47.41 16.04 -16.19
C ASN L 190 47.07 16.05 -17.69
N ILE L 191 45.78 16.12 -17.99
CA ILE L 191 45.30 16.25 -19.37
C ILE L 191 44.81 17.67 -19.61
N ALA L 192 44.32 18.32 -18.55
CA ALA L 192 43.86 19.70 -18.60
C ALA L 192 45.02 20.69 -18.74
N GLN L 193 46.25 20.18 -18.62
CA GLN L 193 47.45 20.98 -18.83
C GLN L 193 48.15 20.56 -20.12
N SER L 194 47.82 19.36 -20.60
CA SER L 194 48.36 18.84 -21.85
C SER L 194 47.61 19.41 -23.05
N ILE L 195 46.31 19.66 -22.87
CA ILE L 195 45.47 20.29 -23.91
C ILE L 195 45.77 21.79 -23.99
N ALA L 196 45.91 22.42 -22.82
CA ALA L 196 46.18 23.85 -22.74
C ALA L 196 47.58 24.24 -23.26
N TYR L 197 48.39 23.24 -23.58
CA TYR L 197 49.76 23.46 -24.06
C TYR L 197 49.98 22.91 -25.47
N ASN L 198 49.56 21.68 -25.72
CA ASN L 198 49.79 21.03 -27.01
C ASN L 198 48.67 21.22 -28.03
N HIS L 199 47.46 21.50 -27.56
CA HIS L 199 46.31 21.73 -28.45
C HIS L 199 45.43 22.91 -27.98
N PRO L 200 45.96 24.13 -28.08
CA PRO L 200 45.24 25.32 -27.60
C PRO L 200 44.12 25.76 -28.54
N ASP L 201 44.08 25.23 -29.76
CA ASP L 201 43.02 25.53 -30.71
C ASP L 201 41.71 24.86 -30.31
N CYS L 202 41.81 23.74 -29.59
CA CYS L 202 40.64 23.00 -29.13
C CYS L 202 40.00 23.66 -27.91
N VAL L 203 38.68 23.60 -27.86
CA VAL L 203 37.92 24.12 -26.72
C VAL L 203 37.83 23.05 -25.64
N LEU L 204 38.26 23.40 -24.43
CA LEU L 204 38.30 22.45 -23.32
C LEU L 204 37.24 22.74 -22.27
N MET L 205 36.51 21.70 -21.88
CA MET L 205 35.48 21.81 -20.84
C MET L 205 35.64 20.67 -19.83
N VAL L 206 35.72 21.02 -18.55
CA VAL L 206 35.83 20.03 -17.48
C VAL L 206 34.56 20.01 -16.64
N LEU L 207 33.87 18.87 -16.65
CA LEU L 207 32.59 18.73 -15.98
C LEU L 207 32.67 17.81 -14.76
N LEU L 208 32.60 18.42 -13.57
CA LEU L 208 32.61 17.68 -12.31
C LEU L 208 31.19 17.49 -11.80
N ILE L 209 30.84 16.25 -11.46
CA ILE L 209 29.51 15.94 -10.93
C ILE L 209 29.64 15.13 -9.63
N ASP L 210 28.91 15.56 -8.60
CA ASP L 210 28.99 14.97 -7.25
C ASP L 210 30.35 15.20 -6.58
N GLU L 211 31.07 16.20 -7.07
CA GLU L 211 32.43 16.50 -6.60
C GLU L 211 32.42 17.21 -5.25
N ARG L 212 33.52 17.06 -4.50
CA ARG L 212 33.71 17.78 -3.24
C ARG L 212 33.99 19.25 -3.50
N PRO L 213 33.39 20.13 -2.70
CA PRO L 213 33.54 21.60 -2.87
C PRO L 213 34.99 22.07 -2.91
N GLU L 214 35.83 21.54 -2.02
CA GLU L 214 37.25 21.91 -1.95
C GLU L 214 38.03 21.49 -3.20
N GLU L 215 37.57 20.41 -3.85
CA GLU L 215 38.19 19.92 -5.07
C GLU L 215 37.80 20.79 -6.27
N VAL L 216 36.61 21.37 -6.21
CA VAL L 216 36.09 22.23 -7.28
C VAL L 216 37.00 23.44 -7.52
N THR L 217 37.37 24.11 -6.43
CA THR L 217 38.26 25.29 -6.48
C THR L 217 39.61 24.94 -7.10
N GLU L 218 40.18 23.82 -6.66
CA GLU L 218 41.47 23.34 -7.15
C GLU L 218 41.46 23.16 -8.68
N MET L 219 40.45 22.44 -9.16
CA MET L 219 40.28 22.19 -10.60
C MET L 219 40.02 23.50 -11.36
N GLN L 220 39.23 24.39 -10.76
CA GLN L 220 38.84 25.64 -11.39
C GLN L 220 40.00 26.61 -11.56
N ARG L 221 41.00 26.50 -10.67
CA ARG L 221 42.17 27.38 -10.71
C ARG L 221 43.34 26.82 -11.51
N LEU L 222 43.28 25.52 -11.80
CA LEU L 222 44.34 24.86 -12.58
C LEU L 222 44.04 24.80 -14.07
N VAL L 223 42.81 24.41 -14.42
CA VAL L 223 42.41 24.25 -15.80
C VAL L 223 42.27 25.60 -16.51
N LYS L 224 43.03 25.78 -17.59
CA LYS L 224 42.90 26.97 -18.43
C LYS L 224 41.79 26.78 -19.46
N GLY L 225 40.56 26.66 -18.95
CA GLY L 225 39.38 26.47 -19.79
C GLY L 225 38.10 26.57 -18.98
N GLU L 226 37.05 25.91 -19.46
CA GLU L 226 35.75 25.93 -18.80
C GLU L 226 35.67 24.85 -17.73
N VAL L 227 35.31 25.25 -16.51
CA VAL L 227 35.15 24.32 -15.39
C VAL L 227 33.74 24.42 -14.83
N VAL L 228 32.93 23.40 -15.13
CA VAL L 228 31.55 23.34 -14.66
C VAL L 228 31.41 22.22 -13.63
N ALA L 229 30.96 22.58 -12.43
CA ALA L 229 30.92 21.62 -11.33
C ALA L 229 29.62 21.67 -10.52
N SER L 230 29.20 20.52 -10.02
CA SER L 230 28.05 20.42 -9.14
C SER L 230 28.41 19.61 -7.89
N THR L 231 28.58 20.33 -6.78
CA THR L 231 28.98 19.72 -5.49
C THR L 231 27.96 18.69 -4.99
N PHE L 232 28.43 17.78 -4.14
CA PHE L 232 27.64 16.62 -3.69
C PHE L 232 26.44 17.00 -2.80
N ASP L 233 26.43 18.23 -2.30
CA ASP L 233 25.32 18.71 -1.47
C ASP L 233 24.24 19.40 -2.30
N GLU L 234 24.17 19.05 -3.59
CA GLU L 234 23.18 19.60 -4.51
C GLU L 234 22.22 18.50 -4.98
N PRO L 235 20.98 18.88 -5.34
CA PRO L 235 19.97 17.92 -5.76
C PRO L 235 20.37 17.11 -7.00
N ALA L 236 19.72 15.96 -7.20
CA ALA L 236 19.96 15.13 -8.37
C ALA L 236 19.55 15.84 -9.65
N SER L 237 18.53 16.70 -9.53
CA SER L 237 18.06 17.54 -10.64
C SER L 237 19.14 18.53 -11.06
N ARG L 238 19.94 18.97 -10.11
CA ARG L 238 21.02 19.93 -10.34
C ARG L 238 22.14 19.33 -11.19
N HIS L 239 22.46 18.06 -10.96
CA HIS L 239 23.49 17.36 -11.72
C HIS L 239 23.09 17.21 -13.18
N VAL L 240 21.85 16.76 -13.40
CA VAL L 240 21.27 16.64 -14.74
C VAL L 240 21.21 18.01 -15.42
N GLN L 241 20.89 19.03 -14.63
CA GLN L 241 20.82 20.42 -15.11
C GLN L 241 22.20 20.92 -15.56
N VAL L 242 23.20 20.70 -14.72
CA VAL L 242 24.55 21.20 -14.98
C VAL L 242 25.26 20.43 -16.10
N ALA L 243 24.87 19.17 -16.29
CA ALA L 243 25.46 18.32 -17.33
C ALA L 243 24.80 18.51 -18.69
N GLU L 244 23.47 18.68 -18.68
CA GLU L 244 22.70 18.91 -19.90
C GLU L 244 23.12 20.21 -20.58
N MET L 245 23.43 21.23 -19.76
CA MET L 245 23.84 22.53 -20.27
C MET L 245 25.19 22.48 -20.99
N VAL L 246 26.11 21.63 -20.51
CA VAL L 246 27.45 21.52 -21.07
C VAL L 246 27.46 20.76 -22.40
N ILE L 247 26.77 19.62 -22.44
CA ILE L 247 26.71 18.81 -23.67
C ILE L 247 25.98 19.55 -24.80
N GLU L 248 24.97 20.34 -24.44
CA GLU L 248 24.23 21.14 -25.42
C GLU L 248 25.07 22.28 -25.97
N LYS L 249 25.78 22.98 -25.08
CA LYS L 249 26.70 24.04 -25.48
C LYS L 249 27.81 23.48 -26.37
N ALA L 250 28.41 22.38 -25.93
CA ALA L 250 29.47 21.70 -26.69
C ALA L 250 28.96 21.16 -28.02
N LYS L 251 27.68 20.78 -28.07
CA LYS L 251 27.04 20.36 -29.31
C LYS L 251 26.99 21.47 -30.35
N ARG L 252 26.69 22.69 -29.91
CA ARG L 252 26.56 23.84 -30.80
C ARG L 252 27.91 24.35 -31.30
N LEU L 253 28.95 24.16 -30.48
CA LEU L 253 30.31 24.56 -30.86
C LEU L 253 30.84 23.73 -32.03
N VAL L 254 30.59 22.42 -32.01
CA VAL L 254 30.99 21.52 -33.08
C VAL L 254 30.29 21.88 -34.39
N GLU L 255 29.03 22.31 -34.30
CA GLU L 255 28.26 22.76 -35.45
C GLU L 255 28.96 23.92 -36.17
N HIS L 256 29.55 24.82 -35.39
CA HIS L 256 30.35 25.93 -35.93
C HIS L 256 31.82 25.51 -36.14
N LYS L 257 32.01 24.25 -36.52
CA LYS L 257 33.32 23.70 -36.92
C LYS L 257 34.39 23.61 -35.81
N LYS L 258 34.03 24.03 -34.60
CA LYS L 258 34.96 24.03 -33.47
C LYS L 258 35.24 22.61 -32.95
N ASP L 259 36.42 22.45 -32.34
CA ASP L 259 36.80 21.19 -31.71
C ASP L 259 36.61 21.27 -30.19
N VAL L 260 35.76 20.40 -29.66
CA VAL L 260 35.43 20.42 -28.24
C VAL L 260 35.87 19.15 -27.51
N ILE L 261 36.41 19.32 -26.31
CA ILE L 261 36.81 18.20 -25.45
C ILE L 261 36.13 18.32 -24.09
N ILE L 262 35.36 17.29 -23.72
CA ILE L 262 34.74 17.24 -22.39
C ILE L 262 35.45 16.22 -21.50
N LEU L 263 36.09 16.72 -20.45
CA LEU L 263 36.67 15.86 -19.42
C LEU L 263 35.67 15.72 -18.28
N LEU L 264 34.96 14.59 -18.28
CA LEU L 264 33.88 14.37 -17.34
C LEU L 264 34.28 13.44 -16.20
N ASP L 265 34.12 13.92 -14.97
CA ASP L 265 34.34 13.09 -13.79
C ASP L 265 33.03 12.47 -13.33
N SER L 266 33.07 11.16 -13.11
CA SER L 266 31.90 10.35 -12.73
C SER L 266 30.74 10.42 -13.73
N ILE L 267 30.84 9.59 -14.77
CA ILE L 267 29.70 9.30 -15.63
C ILE L 267 28.73 8.40 -14.87
N THR L 268 29.25 7.69 -13.86
CA THR L 268 28.46 6.81 -13.01
C THR L 268 27.57 7.60 -12.05
N ARG L 269 28.13 8.66 -11.45
CA ARG L 269 27.36 9.53 -10.55
C ARG L 269 26.39 10.43 -11.32
N LEU L 270 26.71 10.70 -12.58
CA LEU L 270 25.82 11.42 -13.47
C LEU L 270 24.65 10.54 -13.91
N ALA L 271 24.96 9.29 -14.27
CA ALA L 271 23.94 8.30 -14.61
C ALA L 271 23.06 7.99 -13.41
N ARG L 272 23.61 8.16 -12.22
CA ARG L 272 22.86 8.04 -10.97
C ARG L 272 21.83 9.18 -10.84
N ALA L 273 22.24 10.37 -11.26
CA ALA L 273 21.36 11.55 -11.23
C ALA L 273 20.29 11.47 -12.32
N TYR L 274 20.68 10.98 -13.50
CA TYR L 274 19.74 10.73 -14.59
C TYR L 274 18.71 9.66 -14.22
N ASN L 275 18.91 9.03 -13.06
CA ASN L 275 18.06 7.95 -12.60
C ASN L 275 17.10 8.35 -11.48
N THR L 276 17.61 9.11 -10.50
CA THR L 276 16.82 9.50 -9.34
C THR L 276 16.14 10.88 -9.51
N VAL L 277 15.72 11.17 -10.74
CA VAL L 277 15.00 12.41 -11.05
C VAL L 277 13.80 12.16 -11.96
N VAL L 278 13.88 11.11 -12.78
CA VAL L 278 12.82 10.78 -13.73
C VAL L 278 11.95 9.61 -13.24
N PRO L 279 10.69 9.91 -12.89
CA PRO L 279 9.74 8.89 -12.45
C PRO L 279 9.17 8.10 -13.64
N ALA L 280 9.47 6.80 -13.67
CA ALA L 280 8.98 5.93 -14.74
C ALA L 280 8.85 4.49 -14.24
N VAL L 284 11.29 -3.84 -14.59
CA VAL L 284 11.17 -2.39 -14.51
C VAL L 284 12.09 -1.78 -13.44
N LEU L 285 12.72 -2.65 -12.64
CA LEU L 285 13.63 -2.22 -11.58
C LEU L 285 14.89 -3.09 -11.57
N THR L 286 15.50 -3.25 -12.74
CA THR L 286 16.64 -4.17 -12.93
C THR L 286 17.91 -3.67 -12.24
N GLY L 287 18.30 -4.35 -11.17
CA GLY L 287 19.51 -4.03 -10.41
C GLY L 287 19.38 -2.75 -9.59
N GLY L 288 18.16 -2.43 -9.18
CA GLY L 288 17.91 -1.21 -8.41
C GLY L 288 17.75 0.02 -9.30
N VAL L 289 18.76 0.25 -10.13
CA VAL L 289 18.75 1.36 -11.09
C VAL L 289 17.72 1.09 -12.20
N ASP L 290 16.88 2.10 -12.49
CA ASP L 290 15.88 1.99 -13.55
C ASP L 290 16.58 1.85 -14.89
N ALA L 291 16.39 0.69 -15.52
CA ALA L 291 17.07 0.34 -16.77
C ALA L 291 16.75 1.31 -17.91
N ASN L 292 15.52 1.81 -17.92
CA ASN L 292 15.08 2.76 -18.95
C ASN L 292 15.69 4.16 -18.75
N ALA L 293 16.06 4.47 -17.51
CA ALA L 293 16.67 5.77 -17.18
C ALA L 293 18.11 5.88 -17.69
N LEU L 294 18.70 4.74 -18.04
CA LEU L 294 20.07 4.70 -18.56
C LEU L 294 20.17 5.05 -20.04
N HIS L 295 19.03 5.36 -20.66
CA HIS L 295 18.97 5.81 -22.06
C HIS L 295 19.62 7.19 -22.21
N ARG L 296 19.46 8.02 -21.18
CA ARG L 296 19.95 9.41 -21.20
C ARG L 296 21.50 9.53 -21.20
N PRO L 297 22.19 8.92 -20.22
CA PRO L 297 23.65 9.03 -20.15
C PRO L 297 24.39 8.29 -21.26
N LYS L 298 23.75 7.25 -21.82
CA LYS L 298 24.33 6.53 -22.96
C LYS L 298 24.25 7.34 -24.25
N ARG L 299 23.19 8.14 -24.38
CA ARG L 299 23.03 9.08 -25.49
C ARG L 299 23.94 10.29 -25.30
N PHE L 300 24.19 10.65 -24.04
CA PHE L 300 25.12 11.72 -23.69
C PHE L 300 26.54 11.33 -24.09
N PHE L 301 26.95 10.14 -23.67
CA PHE L 301 28.30 9.64 -23.93
C PHE L 301 28.49 9.28 -25.40
N GLY L 302 27.44 8.71 -26.00
CA GLY L 302 27.45 8.32 -27.41
C GLY L 302 27.45 9.49 -28.38
N ALA L 303 27.37 10.71 -27.85
CA ALA L 303 27.39 11.92 -28.66
C ALA L 303 28.78 12.22 -29.24
N ALA L 304 29.82 11.73 -28.58
CA ALA L 304 31.19 11.90 -29.05
C ALA L 304 31.40 11.20 -30.40
N ARG L 305 31.78 11.98 -31.40
CA ARG L 305 31.88 11.50 -32.77
C ARG L 305 32.88 12.33 -33.59
N ASN L 306 33.29 11.77 -34.73
CA ASN L 306 34.12 12.49 -35.70
C ASN L 306 33.26 13.05 -36.83
N VAL L 307 33.16 14.38 -36.87
CA VAL L 307 32.31 15.07 -37.84
C VAL L 307 33.11 15.55 -39.06
N GLU L 308 32.58 15.25 -40.25
CA GLU L 308 33.25 15.58 -41.51
C GLU L 308 33.00 17.02 -41.96
N GLU L 309 31.94 17.64 -41.42
CA GLU L 309 31.55 19.00 -41.78
C GLU L 309 32.49 20.05 -41.16
N GLY L 310 33.55 19.58 -40.51
CA GLY L 310 34.53 20.45 -39.86
C GLY L 310 34.53 20.28 -38.35
N GLY L 311 35.66 19.84 -37.82
CA GLY L 311 35.82 19.67 -36.37
C GLY L 311 35.12 18.45 -35.82
N SER L 312 35.35 18.16 -34.54
CA SER L 312 34.77 16.99 -33.87
C SER L 312 34.58 17.22 -32.36
N LEU L 313 33.92 16.26 -31.71
CA LEU L 313 33.64 16.32 -30.28
C LEU L 313 34.28 15.13 -29.54
N THR L 314 34.96 15.41 -28.44
CA THR L 314 35.56 14.38 -27.60
C THR L 314 34.98 14.37 -26.20
N ILE L 315 34.66 13.17 -25.71
CA ILE L 315 34.21 12.99 -24.33
C ILE L 315 35.05 11.94 -23.63
N ILE L 316 35.80 12.37 -22.63
CA ILE L 316 36.59 11.46 -21.79
C ILE L 316 35.98 11.41 -20.39
N ALA L 317 35.27 10.31 -20.11
CA ALA L 317 34.52 10.17 -18.87
C ALA L 317 35.10 9.07 -17.98
N THR L 318 35.08 9.32 -16.68
CA THR L 318 35.59 8.35 -15.70
C THR L 318 34.46 7.48 -15.16
N ALA L 319 34.63 6.17 -15.30
CA ALA L 319 33.64 5.21 -14.80
C ALA L 319 34.08 4.65 -13.45
N LEU L 320 33.49 5.21 -12.38
CA LEU L 320 33.84 4.83 -11.01
C LEU L 320 33.57 3.36 -10.71
N ILE L 321 34.58 2.67 -10.21
CA ILE L 321 34.47 1.27 -9.82
C ILE L 321 35.05 1.07 -8.40
N ASP L 322 34.78 -0.09 -7.80
CA ASP L 322 35.24 -0.41 -6.44
C ASP L 322 34.75 0.64 -5.43
N THR L 323 33.45 0.92 -5.47
CA THR L 323 32.85 1.97 -4.65
C THR L 323 32.08 1.44 -3.45
N GLY L 324 31.71 0.16 -3.50
CA GLY L 324 30.96 -0.47 -2.43
C GLY L 324 29.47 -0.56 -2.70
N SER L 325 28.89 0.55 -3.16
CA SER L 325 27.48 0.62 -3.51
C SER L 325 27.18 -0.21 -4.76
N LYS L 326 26.12 -1.02 -4.68
CA LYS L 326 25.75 -1.94 -5.76
C LYS L 326 25.19 -1.21 -6.98
N MET L 327 24.65 0.00 -6.76
CA MET L 327 24.04 0.79 -7.82
C MET L 327 25.07 1.24 -8.88
N ASP L 328 26.30 1.49 -8.43
CA ASP L 328 27.39 1.87 -9.34
C ASP L 328 27.87 0.70 -10.18
N GLU L 329 27.79 -0.51 -9.61
CA GLU L 329 28.21 -1.74 -10.29
C GLU L 329 27.38 -2.00 -11.54
N VAL L 330 26.05 -1.89 -11.40
CA VAL L 330 25.12 -2.11 -12.50
C VAL L 330 25.32 -1.08 -13.61
N ILE L 331 25.56 0.18 -13.21
CA ILE L 331 25.84 1.26 -14.16
C ILE L 331 27.11 1.00 -14.95
N TYR L 332 28.17 0.57 -14.25
CA TYR L 332 29.44 0.23 -14.90
C TYR L 332 29.26 -0.89 -15.93
N GLU L 333 28.52 -1.93 -15.54
CA GLU L 333 28.24 -3.07 -16.43
C GLU L 333 27.48 -2.65 -17.69
N GLU L 334 26.85 -1.48 -17.63
CA GLU L 334 26.12 -0.92 -18.77
C GLU L 334 26.91 0.22 -19.44
N PHE L 335 28.16 0.38 -19.05
CA PHE L 335 29.03 1.41 -19.62
C PHE L 335 30.40 0.88 -20.03
N LYS L 336 30.78 -0.27 -19.47
CA LYS L 336 32.08 -0.89 -19.76
C LYS L 336 32.12 -1.51 -21.16
N GLY L 337 33.30 -1.47 -21.78
CA GLY L 337 33.50 -2.04 -23.11
C GLY L 337 32.93 -1.18 -24.24
N THR L 338 32.13 -0.19 -23.88
CA THR L 338 31.52 0.71 -24.85
C THR L 338 32.25 2.05 -24.90
N GLY L 339 33.22 2.16 -25.80
CA GLY L 339 34.03 3.36 -25.94
C GLY L 339 35.18 3.13 -26.90
N ASN L 340 35.42 4.12 -27.76
CA ASN L 340 36.49 4.07 -28.76
C ASN L 340 37.87 3.92 -28.10
N MET L 341 37.98 4.45 -26.88
CA MET L 341 39.20 4.37 -26.08
C MET L 341 38.87 3.86 -24.69
N GLU L 342 39.81 3.11 -24.10
CA GLU L 342 39.65 2.63 -22.72
C GLU L 342 40.93 2.78 -21.91
N LEU L 343 40.77 3.05 -20.61
CA LEU L 343 41.88 3.18 -19.68
C LEU L 343 41.50 2.60 -18.33
N HIS L 344 42.48 2.07 -17.60
CA HIS L 344 42.24 1.45 -16.30
C HIS L 344 43.21 1.91 -15.22
N LEU L 345 42.70 2.07 -14.00
CA LEU L 345 43.54 2.36 -12.84
C LEU L 345 43.35 1.29 -11.76
N SER L 346 44.40 1.04 -11.00
CA SER L 346 44.39 -0.02 -9.99
C SER L 346 44.69 0.50 -8.59
N ARG L 347 44.04 -0.10 -7.60
CA ARG L 347 44.30 0.20 -6.19
C ARG L 347 45.71 -0.27 -5.80
N LYS L 348 46.05 -1.49 -6.22
CA LYS L 348 47.36 -2.08 -5.94
C LYS L 348 48.50 -1.14 -6.28
N ILE L 349 48.55 -0.70 -7.54
CA ILE L 349 49.58 0.21 -8.03
C ILE L 349 49.56 1.54 -7.25
N ALA L 350 48.36 2.03 -6.95
CA ALA L 350 48.19 3.27 -6.18
C ALA L 350 48.59 3.13 -4.72
N GLU L 351 48.44 1.93 -4.17
CA GLU L 351 48.78 1.65 -2.77
C GLU L 351 50.30 1.60 -2.55
N LYS L 352 51.03 1.15 -3.57
CA LYS L 352 52.49 1.06 -3.51
C LYS L 352 53.16 2.40 -3.84
N ARG L 353 52.36 3.48 -3.82
CA ARG L 353 52.79 4.83 -4.21
C ARG L 353 53.28 4.93 -5.65
N VAL L 354 52.74 4.08 -6.52
CA VAL L 354 53.06 4.15 -7.95
C VAL L 354 51.92 4.88 -8.66
N PHE L 355 52.20 6.11 -9.09
CA PHE L 355 51.16 7.08 -9.44
C PHE L 355 50.31 6.76 -10.67
N PRO L 356 50.94 6.54 -11.83
CA PRO L 356 50.20 6.12 -13.03
C PRO L 356 49.67 4.70 -12.85
N ALA L 357 48.48 4.57 -12.28
CA ALA L 357 47.92 3.28 -11.89
C ALA L 357 47.43 2.44 -13.08
N ILE L 358 47.96 2.74 -14.26
CA ILE L 358 47.58 2.05 -15.49
C ILE L 358 47.93 0.56 -15.43
N ASP L 359 46.92 -0.29 -15.60
CA ASP L 359 47.17 -1.68 -15.96
C ASP L 359 47.32 -1.71 -17.48
N TYR L 360 48.58 -1.71 -17.91
CA TYR L 360 48.94 -1.60 -19.32
C TYR L 360 48.23 -2.63 -20.20
N ASN L 361 48.01 -3.81 -19.66
CA ASN L 361 47.41 -4.92 -20.40
C ASN L 361 45.87 -4.86 -20.42
N ARG L 362 45.31 -3.97 -19.60
CA ARG L 362 43.86 -3.75 -19.56
C ARG L 362 43.44 -2.56 -20.44
N SER L 363 44.32 -1.58 -20.55
CA SER L 363 44.05 -0.37 -21.35
C SER L 363 44.20 -0.64 -22.85
N GLY L 364 43.98 0.40 -23.66
CA GLY L 364 44.07 0.30 -25.11
C GLY L 364 42.84 0.83 -25.80
N THR L 365 43.02 1.30 -27.04
CA THR L 365 41.92 1.85 -27.83
C THR L 365 41.58 0.97 -29.02
N ARG L 366 40.31 0.99 -29.42
CA ARG L 366 39.87 0.34 -30.65
C ARG L 366 40.31 1.15 -31.86
N LYS L 367 40.69 0.44 -32.92
CA LYS L 367 41.17 1.05 -34.17
C LYS L 367 42.27 2.10 -33.91
N GLU L 368 43.36 1.64 -33.30
CA GLU L 368 44.51 2.49 -32.99
C GLU L 368 45.37 2.77 -34.21
N GLU L 369 45.17 1.96 -35.26
CA GLU L 369 45.97 1.99 -36.48
C GLU L 369 46.21 3.40 -37.02
N LEU L 370 45.13 4.15 -37.23
CA LEU L 370 45.22 5.50 -37.80
C LEU L 370 45.19 6.58 -36.72
N LEU L 371 46.11 6.47 -35.77
CA LEU L 371 46.32 7.50 -34.75
C LEU L 371 47.82 7.70 -34.56
N THR L 372 48.57 6.64 -34.87
CA THR L 372 50.03 6.69 -34.84
C THR L 372 50.58 6.44 -36.23
N THR L 373 51.81 6.88 -36.48
CA THR L 373 52.51 6.56 -37.72
C THR L 373 52.79 5.07 -37.78
N GLN L 374 52.86 4.52 -38.98
CA GLN L 374 53.07 3.08 -39.18
C GLN L 374 54.29 2.57 -38.42
N GLU L 375 55.30 3.42 -38.28
CA GLU L 375 56.52 3.11 -37.53
C GLU L 375 56.26 3.12 -36.02
N GLU L 376 55.50 4.11 -35.55
CA GLU L 376 55.18 4.25 -34.12
C GLU L 376 54.30 3.10 -33.63
N LEU L 377 53.41 2.62 -34.49
CA LEU L 377 52.55 1.48 -34.18
C LEU L 377 53.35 0.18 -34.10
N GLN L 378 54.44 0.11 -34.86
CA GLN L 378 55.36 -1.02 -34.81
C GLN L 378 56.18 -1.02 -33.52
N LYS L 379 56.64 0.17 -33.12
CA LYS L 379 57.41 0.34 -31.88
C LYS L 379 56.56 0.10 -30.64
N MET L 380 55.29 0.52 -30.70
CA MET L 380 54.34 0.34 -29.60
C MET L 380 54.12 -1.12 -29.24
N TRP L 381 53.91 -1.94 -30.27
CA TRP L 381 53.63 -3.37 -30.08
C TRP L 381 54.81 -4.14 -29.48
N ILE L 382 56.03 -3.71 -29.81
CA ILE L 382 57.25 -4.28 -29.22
C ILE L 382 57.23 -4.11 -27.70
N LEU L 383 56.89 -2.91 -27.25
CA LEU L 383 56.81 -2.60 -25.82
C LEU L 383 55.69 -3.38 -25.13
N ARG L 384 54.59 -3.59 -25.83
CA ARG L 384 53.43 -4.32 -25.29
C ARG L 384 53.74 -5.79 -25.03
N LYS L 385 54.38 -6.45 -26.01
CA LYS L 385 54.66 -7.88 -25.93
C LYS L 385 55.54 -8.28 -24.73
N ILE L 386 56.35 -7.35 -24.26
CA ILE L 386 57.25 -7.61 -23.12
C ILE L 386 56.60 -7.27 -21.77
N ILE L 387 55.48 -6.55 -21.83
CA ILE L 387 54.74 -6.16 -20.63
C ILE L 387 53.54 -7.08 -20.39
N HIS L 388 53.11 -7.76 -21.45
CA HIS L 388 51.90 -8.60 -21.42
C HIS L 388 51.81 -9.59 -20.24
N PRO L 389 52.83 -10.44 -20.04
CA PRO L 389 52.78 -11.44 -18.95
C PRO L 389 53.16 -10.89 -17.58
N MET L 390 53.54 -9.61 -17.51
CA MET L 390 53.97 -8.99 -16.26
C MET L 390 52.79 -8.63 -15.35
N GLY L 391 53.05 -8.58 -14.05
CA GLY L 391 52.07 -8.12 -13.06
C GLY L 391 51.87 -6.62 -13.14
N GLU L 392 50.69 -6.15 -12.74
CA GLU L 392 50.30 -4.74 -12.91
C GLU L 392 51.19 -3.73 -12.19
N ILE L 393 51.62 -4.06 -10.97
CA ILE L 393 52.54 -3.22 -10.20
C ILE L 393 53.94 -3.29 -10.81
N ASP L 394 54.36 -4.50 -11.19
CA ASP L 394 55.65 -4.75 -11.81
C ASP L 394 55.81 -4.01 -13.14
N ALA L 395 54.80 -4.13 -14.00
CA ALA L 395 54.81 -3.53 -15.34
C ALA L 395 54.90 -2.01 -15.31
N MET L 396 54.38 -1.40 -14.25
CA MET L 396 54.39 0.05 -14.11
C MET L 396 55.72 0.57 -13.58
N GLU L 397 56.22 -0.06 -12.51
CA GLU L 397 57.55 0.26 -11.96
C GLU L 397 58.64 0.05 -13.01
N PHE L 398 58.41 -0.92 -13.89
CA PHE L 398 59.32 -1.23 -14.99
C PHE L 398 59.25 -0.17 -16.10
N LEU L 399 58.09 0.46 -16.25
CA LEU L 399 57.86 1.41 -17.34
C LEU L 399 58.27 2.84 -16.97
N ILE L 400 57.95 3.27 -15.75
CA ILE L 400 58.34 4.60 -15.26
C ILE L 400 59.87 4.73 -15.20
N ASN L 401 60.54 3.62 -14.87
CA ASN L 401 61.99 3.56 -14.83
C ASN L 401 62.64 3.82 -16.20
N LYS L 402 62.10 3.19 -17.24
CA LYS L 402 62.62 3.33 -18.59
C LYS L 402 62.27 4.69 -19.21
N LEU L 403 61.17 5.28 -18.74
CA LEU L 403 60.70 6.57 -19.24
C LEU L 403 61.28 7.79 -18.50
N ALA L 404 61.75 7.57 -17.28
CA ALA L 404 62.33 8.64 -16.48
C ALA L 404 63.77 8.98 -16.88
N MET L 405 64.27 8.30 -17.91
CA MET L 405 65.62 8.50 -18.39
C MET L 405 65.67 9.23 -19.74
N THR L 406 64.55 9.22 -20.46
CA THR L 406 64.47 9.80 -21.81
C THR L 406 63.16 10.55 -22.07
N LYS L 407 62.60 10.35 -23.26
CA LYS L 407 61.40 11.05 -23.71
C LYS L 407 60.28 10.04 -24.01
N THR L 408 60.09 9.70 -25.29
CA THR L 408 59.15 8.67 -25.73
C THR L 408 59.58 8.08 -27.08
N ASN L 409 60.02 8.96 -27.97
CA ASN L 409 60.64 8.55 -29.22
C ASN L 409 62.13 8.26 -29.00
N ASP L 410 62.63 8.73 -27.86
CA ASP L 410 63.97 8.38 -27.39
C ASP L 410 63.91 7.12 -26.52
N ASP L 411 62.71 6.75 -26.10
CA ASP L 411 62.50 5.52 -25.31
C ASP L 411 62.59 4.29 -26.20
N PHE L 412 61.97 4.34 -27.38
CA PHE L 412 61.94 3.22 -28.31
C PHE L 412 63.31 2.89 -28.90
N PHE L 413 64.08 3.93 -29.24
CA PHE L 413 65.42 3.76 -29.78
C PHE L 413 66.39 3.26 -28.70
N GLU L 414 66.21 3.76 -27.48
CA GLU L 414 66.98 3.30 -26.32
C GLU L 414 66.55 1.89 -25.91
N MET L 415 65.30 1.53 -26.21
CA MET L 415 64.78 0.19 -25.97
C MET L 415 65.41 -0.82 -26.92
N MET L 416 65.61 -0.41 -28.17
CA MET L 416 66.26 -1.25 -29.18
C MET L 416 67.79 -1.24 -29.02
N LYS L 417 68.27 -0.77 -27.86
CA LYS L 417 69.68 -0.73 -27.50
C LYS L 417 70.59 -0.19 -28.61
MG MG M . -7.17 16.27 -31.28
PG AGS N . -4.12 15.17 -30.17
S1G AGS N . -3.27 17.03 -29.85
O2G AGS N . -5.66 15.34 -30.48
O3G AGS N . -3.93 14.28 -28.86
PB AGS N . -3.86 13.06 -32.02
O1B AGS N . -3.19 11.84 -31.27
O2B AGS N . -5.43 12.91 -31.95
O3B AGS N . -3.37 14.46 -31.42
PA AGS N . -2.97 14.32 -34.44
O1A AGS N . -3.76 15.63 -33.99
O2A AGS N . -3.15 14.05 -35.99
O3A AGS N . -3.37 13.02 -33.56
O5' AGS N . -1.40 14.50 -34.12
C5' AGS N . -0.54 13.37 -34.07
C4' AGS N . 0.83 13.61 -34.69
O4' AGS N . 1.28 12.35 -35.19
C3' AGS N . 0.77 14.57 -35.87
O3' AGS N . 1.63 15.69 -35.65
C2' AGS N . 1.19 13.79 -37.10
O2' AGS N . 2.36 14.34 -37.69
C1' AGS N . 1.50 12.37 -36.60
N9 AGS N . 0.62 11.37 -37.26
C8 AGS N . -0.51 10.79 -36.74
N7 AGS N . -1.08 9.89 -37.61
C5 AGS N . -0.29 9.87 -38.70
C6 AGS N . -0.22 9.20 -40.02
N6 AGS N . -1.17 8.30 -40.38
N1 AGS N . 0.80 9.50 -40.87
C2 AGS N . 1.78 10.39 -40.58
N3 AGS N . 1.81 11.07 -39.41
C4 AGS N . 0.77 10.81 -38.44
MG MG O . -17.97 -14.36 -23.45
PG AGS P . -14.35 -13.24 -24.51
S1G AGS P . -13.86 -11.77 -25.88
O2G AGS P . -15.91 -13.18 -24.21
O3G AGS P . -13.53 -13.00 -23.19
PB AGS P . -14.27 -16.04 -24.38
O1B AGS P . -13.10 -16.33 -23.34
O2B AGS P . -15.68 -16.00 -23.66
O3B AGS P . -13.98 -14.66 -25.17
PA AGS P . -14.70 -17.02 -27.04
O1A AGS P . -15.62 -15.73 -27.27
O2A AGS P . -15.41 -18.34 -27.58
O3A AGS P . -14.26 -17.19 -25.50
O5' AGS P . -13.30 -16.80 -27.78
C5' AGS P . -12.15 -17.56 -27.42
C4' AGS P . -11.31 -18.03 -28.61
O4' AGS P . -10.73 -19.29 -28.26
C3' AGS P . -12.15 -18.24 -29.86
O3' AGS P . -11.67 -17.42 -30.92
C2' AGS P . -12.02 -19.72 -30.22
O2' AGS P . -11.46 -19.88 -31.51
C1' AGS P . -11.11 -20.33 -29.16
N9 AGS P . -11.81 -21.41 -28.41
C8 AGS P . -12.34 -21.35 -27.16
N7 AGS P . -12.89 -22.53 -26.75
C5 AGS P . -12.73 -23.40 -27.76
C6 AGS P . -13.03 -24.81 -28.09
N6 AGS P . -13.68 -25.60 -27.20
N1 AGS P . -12.65 -25.31 -29.30
C2 AGS P . -12.01 -24.57 -30.24
N3 AGS P . -11.68 -23.28 -30.05
C4 AGS P . -12.03 -22.66 -28.80
C5A BCM Q . -12.77 -8.06 -21.26
C5 BCM Q . -13.88 -8.79 -21.23
C6 BCM Q . -14.62 -9.03 -19.93
O6 BCM Q . -13.86 -8.75 -18.74
N10 BCM Q . -14.91 -10.44 -20.06
C9 BCM Q . -16.04 -10.93 -20.52
O9 BCM Q . -16.15 -12.13 -20.73
C4 BCM Q . -14.43 -9.40 -22.54
C3 BCM Q . -15.91 -9.02 -22.84
O2 BCM Q . -16.93 -9.92 -22.35
C1 BCM Q . -17.11 -9.94 -20.92
N8 BCM Q . -16.89 -8.55 -20.59
C7 BCM Q . -15.76 -8.06 -20.12
O7 BCM Q . -15.58 -6.86 -19.97
C1A BCM Q . -18.55 -10.29 -20.50
O1A BCM Q . -19.41 -9.26 -20.99
C2A BCM Q . -19.12 -11.67 -20.91
C2B BCM Q . -20.63 -11.61 -21.00
O2A BCM Q . -18.62 -12.05 -22.20
C3A BCM Q . -18.76 -12.75 -19.90
O3A BCM Q . -19.22 -12.41 -18.61
MG MG R . -13.31 -26.85 6.62
PG AGS S . -12.08 -27.84 2.78
S1G AGS S . -12.63 -28.08 0.82
O2G AGS S . -13.33 -27.36 3.64
O3G AGS S . -10.90 -26.77 2.86
PB AGS S . -11.12 -29.59 4.77
O1B AGS S . -9.59 -29.23 4.95
O2B AGS S . -12.01 -28.81 5.82
O3B AGS S . -11.58 -29.29 3.26
PA AGS S . -12.43 -32.10 4.26
O1A AGS S . -13.68 -31.25 3.72
O2A AGS S . -12.92 -33.25 5.25
O3A AGS S . -11.30 -31.19 4.97
O5' AGS S . -11.64 -32.75 3.01
C5' AGS S . -10.25 -33.07 3.10
C4' AGS S . -9.88 -34.38 2.42
O4' AGS S . -8.84 -35.00 3.18
C3' AGS S . -11.04 -35.35 2.33
O3' AGS S . -11.30 -35.66 0.97
C2' AGS S . -10.62 -36.58 3.11
O2' AGS S . -10.60 -37.73 2.28
C1' AGS S . -9.22 -36.30 3.64
N9 AGS S . -9.18 -36.36 5.12
C8 AGS S . -9.09 -35.31 5.99
N7 AGS S . -9.05 -35.71 7.31
C5 AGS S . -9.11 -37.05 7.29
C6 AGS S . -9.12 -38.19 8.26
N6 AGS S . -9.05 -37.95 9.58
N1 AGS S . -9.19 -39.46 7.78
C2 AGS S . -9.27 -39.76 6.47
N3 AGS S . -9.26 -38.82 5.50
C4 AGS S . -9.18 -37.44 5.90
C5A BCM T . -10.93 -22.36 0.59
C5 BCM T . -11.72 -22.64 1.61
C6 BCM T . -11.56 -21.97 2.95
O6 BCM T . -10.28 -21.33 3.14
N10 BCM T . -11.73 -23.10 3.85
C9 BCM T . -12.87 -23.43 4.42
O9 BCM T . -12.96 -24.48 5.04
C4 BCM T . -12.85 -23.68 1.43
C3 BCM T . -14.26 -23.11 1.77
O2 BCM T . -14.72 -23.32 3.13
C1 BCM T . -14.06 -22.54 4.15
N8 BCM T . -13.83 -21.30 3.43
C7 BCM T . -12.68 -20.98 2.86
O7 BCM T . -12.56 -19.98 2.17
C1A BCM T . -15.01 -22.18 5.33
O1A BCM T . -16.23 -21.71 4.76
C2A BCM T . -15.31 -23.27 6.37
C2B BCM T . -16.59 -22.92 7.14
O2A BCM T . -15.54 -24.53 5.74
C3A BCM T . -14.17 -23.40 7.38
O3A BCM T . -14.18 -22.31 8.29
MG MG U . 4.56 -15.15 28.19
PG AGS V . 5.35 -17.71 25.82
S1G AGS V . 3.40 -18.35 26.10
O2G AGS V . 5.38 -16.14 26.12
O3G AGS V . 5.79 -17.95 24.30
PB AGS V . 7.53 -17.78 27.58
O1B AGS V . 8.79 -17.60 26.63
O2B AGS V . 7.07 -16.39 28.18
O3B AGS V . 6.32 -18.52 26.81
PA AGS V . 6.94 -19.59 29.71
O1A AGS V . 5.42 -19.19 29.46
O2A AGS V . 7.32 -19.47 31.24
O3A AGS V . 7.97 -18.76 28.79
O5' AGS V . 7.18 -21.10 29.21
C5' AGS V . 8.46 -21.48 28.65
C4' AGS V . 8.85 -22.91 28.98
O4' AGS V . 10.23 -22.92 29.32
C3' AGS V . 8.08 -23.45 30.18
O3' AGS V . 7.35 -24.62 29.79
C2' AGS V . 9.11 -23.78 31.26
O2' AGS V . 9.09 -25.17 31.57
C1' AGS V . 10.45 -23.42 30.65
N9 AGS V . 11.20 -22.40 31.45
C8 AGS V . 11.34 -21.08 31.20
N7 AGS V . 12.10 -20.44 32.14
C5 AGS V . 12.47 -21.37 33.03
C6 AGS V . 13.27 -21.49 34.27
N6 AGS V . 13.86 -20.40 34.81
N1 AGS V . 13.39 -22.71 34.88
C2 AGS V . 12.83 -23.83 34.40
N3 AGS V . 12.08 -23.85 33.28
C4 AGS V . 11.89 -22.61 32.57
C5A BCM W . 3.93 -15.91 19.97
C5 BCM W . 3.81 -15.31 21.14
C6 BCM W . 3.83 -13.80 21.27
O6 BCM W . 4.39 -13.10 20.14
N10 BCM W . 4.66 -13.64 22.45
C9 BCM W . 4.19 -13.50 23.68
O9 BCM W . 4.94 -13.52 24.64
C4 BCM W . 3.65 -16.17 22.42
C3 BCM W . 2.38 -15.83 23.24
O2 BCM W . 2.49 -14.82 24.28
C1 BCM W . 2.68 -13.46 23.84
N8 BCM W . 1.88 -13.42 22.64
C7 BCM W . 2.35 -13.55 21.42
O7 BCM W . 1.63 -13.62 20.44
C1A BCM W . 2.06 -12.48 24.87
O1A BCM W . 1.42 -13.23 25.90
C2A BCM W . 2.96 -11.40 25.49
C2B BCM W . 2.10 -10.37 26.21
O2A BCM W . 3.81 -12.00 26.47
C3A BCM W . 3.79 -10.63 24.48
O3A BCM W . 4.97 -10.14 25.12
MG MG X . 27.05 5.81 22.67
PG AGS Y . 27.82 2.17 21.77
S1G AGS Y . 26.77 0.56 22.56
O2G AGS Y . 26.94 3.51 21.74
O3G AGS Y . 28.15 1.83 20.25
PB AGS Y . 30.37 3.25 21.99
O1B AGS Y . 30.97 2.50 20.73
O2B AGS Y . 29.85 4.71 21.58
O3B AGS Y . 29.18 2.39 22.62
PA AGS Y . 31.31 3.59 24.69
O1A AGS Y . 29.79 3.91 25.08
O2A AGS Y . 32.29 4.71 25.26
O3A AGS Y . 31.52 3.38 23.11
O5' AGS Y . 31.72 2.16 25.29
C5' AGS Y . 32.69 1.35 24.62
C4' AGS Y . 33.54 0.50 25.58
O4' AGS Y . 34.88 0.46 25.08
C3' AGS Y . 33.58 1.09 26.98
O3' AGS Y . 33.06 0.17 27.92
C2' AGS Y . 35.04 1.41 27.26
O2' AGS Y . 35.51 0.69 28.40
C1' AGS Y . 35.82 0.98 26.02
N9 AGS Y . 36.57 2.11 25.41
C8 AGS Y . 36.26 2.79 24.26
N7 AGS Y . 37.17 3.76 23.96
C5 AGS Y . 38.09 3.73 24.93
C6 AGS Y . 39.34 4.44 25.30
N6 AGS Y . 39.81 5.45 24.54
N1 AGS Y . 40.01 4.07 26.43
C2 AGS Y . 39.58 3.06 27.24
N3 AGS Y . 38.47 2.35 27.00
C4 AGS Y . 37.69 2.67 25.83
C5A BCM Z . 23.20 -0.37 18.53
C5 BCM Z . 23.56 0.90 18.69
C6 BCM Z . 23.46 1.89 17.53
O6 BCM Z . 23.33 1.29 16.24
N10 BCM Z . 24.72 2.57 17.67
C9 BCM Z . 24.88 3.72 18.32
O9 BCM Z . 25.99 4.18 18.52
C4 BCM Z . 24.07 1.39 20.05
C3 BCM Z . 23.29 2.60 20.63
O2 BCM Z . 23.81 3.93 20.30
C1 BCM Z . 23.66 4.34 18.93
N8 BCM Z . 22.37 3.77 18.61
C7 BCM Z . 22.21 2.62 17.95
O7 BCM Z . 21.12 2.11 17.82
C1A BCM Z . 23.63 5.87 18.74
O1A BCM Z . 22.28 6.34 18.67
C2A BCM Z . 24.41 6.71 19.78
C2B BCM Z . 23.53 7.11 20.96
O2A BCM Z . 25.53 5.99 20.31
C3A BCM Z . 24.98 7.95 19.10
O3A BCM Z . 23.95 8.88 18.79
MG MG AA . 38.46 13.23 -6.70
PG AGS BA . 39.58 10.33 -4.58
S1G AGS BA . 39.61 10.96 -2.62
O2G AGS BA . 38.67 11.32 -5.44
O3G AGS BA . 38.97 8.87 -4.65
PB AGS BA . 41.47 10.30 -6.69
O1B AGS BA . 41.54 8.80 -7.22
O2B AGS BA . 40.45 11.14 -7.57
O3B AGS BA . 41.10 10.35 -5.12
PA AGS BA . 43.50 12.17 -5.93
O1A AGS BA . 42.33 12.97 -5.19
O2A AGS BA . 44.39 13.14 -6.81
O3A AGS BA . 42.96 10.93 -6.80
O5' AGS BA . 44.43 11.44 -4.83
C5' AGS BA . 45.17 10.25 -5.16
C4' AGS BA . 46.55 10.18 -4.50
O4' AGS BA . 47.45 9.57 -5.42
C3' AGS BA . 47.10 11.56 -4.15
O3' AGS BA . 47.33 11.64 -2.75
C2' AGS BA . 48.38 11.71 -4.93
O2' AGS BA . 49.49 11.90 -4.07
C1' AGS BA . 48.56 10.43 -5.73
N9 AGS BA . 48.56 10.70 -7.20
C8 AGS BA . 47.55 10.50 -8.09
N7 AGS BA . 47.89 10.85 -9.37
C5 AGS BA . 49.16 11.30 -9.32
C6 AGS BA . 50.20 11.83 -10.22
N6 AGS BA . 49.95 11.97 -11.54
N1 AGS BA . 51.42 12.17 -9.71
C2 AGS BA . 51.73 12.05 -8.40
N3 AGS BA . 50.87 11.58 -7.48
C4 AGS BA . 49.55 11.18 -7.93
C5A BCM CA . 34.82 6.85 -2.25
C5 BCM CA . 34.80 7.78 -3.20
C6 BCM CA . 33.94 7.61 -4.44
O6 BCM CA . 33.49 6.26 -4.68
N10 BCM CA . 34.87 8.05 -5.46
C9 BCM CA . 34.91 9.28 -5.95
O9 BCM CA . 35.81 9.61 -6.70
C4 BCM CA . 35.64 9.06 -3.06
C3 BCM CA . 34.84 10.38 -3.16
O2 BCM CA . 34.70 10.98 -4.48
C1 BCM CA . 33.90 10.26 -5.43
N8 BCM CA . 32.85 9.77 -4.58
C7 BCM CA . 32.80 8.53 -4.09
O7 BCM CA . 31.96 8.18 -3.27
C1A BCM CA . 33.24 11.16 -6.51
O1A BCM CA . 32.18 11.89 -5.90
C2A BCM CA . 34.17 12.14 -7.27
C2B BCM CA . 33.38 13.37 -7.73
O2A BCM CA . 35.23 12.58 -6.44
C3A BCM CA . 34.77 11.48 -8.52
O3A BCM CA . 33.76 11.18 -9.47
#